data_8D9F
#
_entry.id   8D9F
#
_cell.length_a   1.00
_cell.length_b   1.00
_cell.length_c   1.00
_cell.angle_alpha   90.00
_cell.angle_beta   90.00
_cell.angle_gamma   90.00
#
_symmetry.space_group_name_H-M   'P 1'
#
loop_
_entity.id
_entity.type
_entity.pdbx_description
1 polymer 'CHAT domain protein'
2 polymer 'RAMP superfamily protein'
3 polymer 'RNA (33-MER)'
4 non-polymer 'ZINC ION'
#
loop_
_entity_poly.entity_id
_entity_poly.type
_entity_poly.pdbx_seq_one_letter_code
_entity_poly.pdbx_strand_id
1 'polypeptide(L)'
;TREDIDRKEAERLLDEAFNPRTKPVDRKKIINSALKILIGLYKEKKDDLTSASFISIARAYYLVSITILPKGTTIPEKKK
EALRKGIEFIDRAINKFNGSILDSQRAFRIKSVLSIEFNRIDREKCDNIKLKNLLNEAVDKGCTDFDTYEWDIQIAIRLC
ELGVDMEGHFDNLIKSNKANDLQKAKAYYFIKKDDHKAKEHMDKCTASLKYTPCSHRLWDETVGFIERLKGDSSTLWRDF
AIKTYRSCRVQEKETGTLRLRWYWSRHRVLYDMAFLAVKEQADVNVKQAKIKKLAEISDSLKSRFSLRLSDMEKMPKSDD
ESNHEFKKFLDKCVTAYQDGYVILLELTQVPEGWVVVHFYLNKLEGMGNAIVFDKCANSWQYKEFQYKELFEVFLTWQAN
YNLYKENAAEHLVTLCKKIGETMPFLFCDNFIPNGKDVLFVPHDFLHRLPLHGSIENKTNGKLFLENHSCCYLPAWSFAS
EKEASTSDEYVLLKNFDQGHFETLQNNQIWGTQSVKDGASSDDLENIRNNPRLLTILCHGEANMSNPFRSMLKLANGGIT
YLEILNSVKGLKGSQVILGACETDLVPPLSDVMDEHYSVATALLLIGAAGVVGTMWKVRSNKTKSLIEWKLENIEYKLNE
WQKETGGAAYKDHPPTFYRSIAFRSIGFPL
;
A
2 'polypeptide(L)'
;MNITVELTFFEPYRLVEWFDWDARKKSHSAMRGQAFAQWTWKGKGRTAGKSFITGTLVRSAVIKAVEELLSLNNGKWEGV
PCCNGSFQTDESKGKKPSFLRKRHTLQWQANNKNICDKEEACPFCILLGRFDNAGKVHERNKDYDIHFSNFDLDHDLRLV
DIASGRILNRVDFDTGKAKDYFRTWEADYETYGTYTGRITLRNEHAKKLLLASLGFVDKLCGALCRIEVIKSEDHNDELR
KQAEVIVEAFKQNDKLEKIRILADAIRTLRLHGEGVIEKDELPDGKEERDKGHHLWDIKVQGTALRTKLKELWQSNKDIG
WRKFTEMLGSNLYLIYKKETGGVSTRFRILGDTEYYSKAHDSEGSDLFIPVTPPEGIETKEWIIVGRLKAATPFYFGVQQ
PSDSIPGKEKKSEDSLVINEHTSFNILLDKENRYRIPRSALRGALRRDLRTAFGSGCNVSLGGQILCNCKVCIEMRRITL
KDSVSDFSEPPEIRYRIAKNPGTATVEDGSLFDIEVGPEGLTFPFVLRYRGHKFPEQLSSVIRYWEENDGKNGMAWLGGL
DSTGKGRFALKDIKIFEWDLNQKINEYIKERGMRGKEKELLEMGESSLPDGLIPYKFFEERECLFPYKENLKPQWSEVQY
TIEVGSPLLTADTISALTEPGNRDAIAYKKRVYNDGNNAIEPEPRFAVKSETHRGIFRTAVGRRTGDLGKEDHEDCTCDM
CIIFGNEHESSKIRFEDLELINGNEFEKLEKHIDHVAIDRFTGGALDKAKFDTYPLAGSPKKPLKLKGRFWIKKGFSGDH
KLLITTALSDIRDGLYPLGSKGGVGYGWVAGISIDDNVPDDFKEMINKTYVHPGHQSPKQDHKNKNIYYPHYFLDSGSKV
YREKDIITHEEFTEELLSGKINCKLETLTPLIIPDTSDENGLKLQGNKPGHKNYKFFNINGELMIPGSELRGMLRTHFEA
LTKSCFAIFGEGGKLDKALHPCTGLSDGLCPGCHLFGTTDYKGRVKFGFAKYENGPEWLITRGNNPERSLTLGVLESPRP
AFSIPDDESEIPGRKFYLHHNGWRIIRQKQLEIRETVQPERNVTTEVMDKGNVFSFDVRFENLREWELGLLLQSLDPGKN
IAHKLGKGKPYGFGSVKIKIDSLHTFKIIKRVPQSDIREYINKGYQKLIEWSLPQWHVIPHIDKLYKLLWVPFLNDSKLE
PDVRYPVLNYTYKKLGDKDNLPYKTRVKGLTTPWSPWNPFQV
;
B
3 'polyribonucleotide' GACUUAAUGUCACGGUACCCAAUUUUCUGCCCC C
#
# COMPACT_ATOMS: atom_id res chain seq x y z
N THR A 1 9.94 5.49 -40.57
CA THR A 1 9.67 4.05 -40.63
C THR A 1 9.91 3.42 -39.27
N ARG A 2 10.43 4.20 -38.34
CA ARG A 2 10.58 3.71 -36.97
C ARG A 2 9.22 3.35 -36.37
N GLU A 3 8.21 4.19 -36.63
CA GLU A 3 6.85 3.87 -36.22
C GLU A 3 6.43 2.53 -36.79
N ASP A 4 6.75 2.27 -38.06
CA ASP A 4 6.36 1.01 -38.67
C ASP A 4 7.04 -0.18 -37.99
N ILE A 5 8.33 -0.05 -37.70
CA ILE A 5 9.05 -1.14 -37.05
C ILE A 5 8.48 -1.42 -35.67
N ASP A 6 8.26 -0.37 -34.89
CA ASP A 6 7.73 -0.56 -33.55
C ASP A 6 6.32 -1.12 -33.59
N ARG A 7 5.50 -0.65 -34.54
CA ARG A 7 4.14 -1.17 -34.64
C ARG A 7 4.15 -2.63 -35.04
N LYS A 8 5.07 -3.04 -35.92
CA LYS A 8 5.15 -4.45 -36.29
C LYS A 8 5.58 -5.29 -35.10
N GLU A 9 6.52 -4.78 -34.30
CA GLU A 9 6.90 -5.49 -33.08
C GLU A 9 5.72 -5.63 -32.12
N ALA A 10 4.96 -4.55 -31.95
CA ALA A 10 3.79 -4.59 -31.08
C ALA A 10 2.75 -5.55 -31.61
N GLU A 11 2.56 -5.60 -32.93
CA GLU A 11 1.62 -6.55 -33.52
C GLU A 11 2.06 -7.97 -33.26
N ARG A 12 3.37 -8.24 -33.36
CA ARG A 12 3.87 -9.56 -33.05
C ARG A 12 3.57 -9.94 -31.61
N LEU A 13 3.81 -9.00 -30.68
CA LEU A 13 3.50 -9.29 -29.29
C LEU A 13 2.01 -9.52 -29.09
N LEU A 14 1.17 -8.72 -29.74
CA LEU A 14 -0.27 -8.85 -29.56
C LEU A 14 -0.78 -10.19 -30.08
N ASP A 15 -0.31 -10.61 -31.26
CA ASP A 15 -0.81 -11.88 -31.79
C ASP A 15 -0.20 -13.05 -31.03
N GLU A 16 0.95 -12.84 -30.39
CA GLU A 16 1.41 -13.82 -29.41
C GLU A 16 0.44 -13.92 -28.24
N ALA A 17 -0.04 -12.77 -27.78
CA ALA A 17 -0.99 -12.77 -26.67
C ALA A 17 -2.31 -13.44 -27.05
N PHE A 18 -2.79 -13.17 -28.27
CA PHE A 18 -4.06 -13.76 -28.71
C PHE A 18 -3.97 -15.26 -28.86
N ASN A 19 -2.77 -15.80 -28.88
CA ASN A 19 -2.61 -17.24 -28.99
C ASN A 19 -3.22 -17.91 -27.76
N PRO A 20 -4.19 -18.81 -27.92
CA PRO A 20 -4.76 -19.48 -26.75
C PRO A 20 -3.75 -20.35 -26.02
N ARG A 21 -2.63 -20.66 -26.64
CA ARG A 21 -1.60 -21.45 -25.95
C ARG A 21 -1.01 -20.68 -24.76
N THR A 22 -1.10 -19.36 -24.80
CA THR A 22 -0.45 -18.55 -23.78
C THR A 22 -1.22 -18.61 -22.47
N LYS A 23 -0.50 -18.81 -21.37
CA LYS A 23 -1.11 -18.77 -20.05
C LYS A 23 -1.48 -17.34 -19.69
N PRO A 24 -2.51 -17.15 -18.87
CA PRO A 24 -2.96 -15.78 -18.56
C PRO A 24 -1.88 -14.91 -17.94
N VAL A 25 -1.05 -15.47 -17.07
CA VAL A 25 -0.02 -14.69 -16.41
C VAL A 25 0.98 -14.15 -17.43
N ASP A 26 1.34 -14.97 -18.42
CA ASP A 26 2.20 -14.48 -19.48
C ASP A 26 1.48 -13.47 -20.36
N ARG A 27 0.19 -13.71 -20.59
CA ARG A 27 -0.59 -12.82 -21.44
C ARG A 27 -0.60 -11.41 -20.89
N LYS A 28 -0.77 -11.27 -19.57
CA LYS A 28 -0.88 -9.95 -18.98
C LYS A 28 0.38 -9.13 -19.21
N LYS A 29 1.55 -9.72 -18.96
CA LYS A 29 2.79 -8.97 -19.12
C LYS A 29 3.10 -8.73 -20.59
N ILE A 30 2.73 -9.66 -21.46
CA ILE A 30 2.94 -9.44 -22.90
C ILE A 30 2.15 -8.23 -23.35
N ILE A 31 0.88 -8.16 -22.96
CA ILE A 31 0.06 -7.01 -23.31
C ILE A 31 0.63 -5.74 -22.69
N ASN A 32 1.17 -5.84 -21.47
CA ASN A 32 1.75 -4.68 -20.84
C ASN A 32 2.90 -4.13 -21.66
N SER A 33 3.79 -4.99 -22.13
CA SER A 33 4.90 -4.53 -22.96
C SER A 33 4.40 -3.93 -24.27
N ALA A 34 3.39 -4.55 -24.88
CA ALA A 34 2.85 -4.01 -26.11
C ALA A 34 2.29 -2.61 -25.91
N LEU A 35 1.56 -2.39 -24.80
CA LEU A 35 1.09 -1.05 -24.50
C LEU A 35 2.25 -0.10 -24.26
N LYS A 36 3.31 -0.55 -23.60
CA LYS A 36 4.47 0.32 -23.44
C LYS A 36 4.95 0.83 -24.78
N ILE A 37 5.16 -0.07 -25.72
CA ILE A 37 5.69 0.34 -27.02
C ILE A 37 4.70 1.28 -27.73
N LEU A 38 3.44 0.88 -27.81
CA LEU A 38 2.49 1.66 -28.58
C LEU A 38 2.23 3.02 -27.94
N ILE A 39 2.16 3.07 -26.62
CA ILE A 39 1.90 4.35 -25.94
C ILE A 39 3.11 5.26 -26.08
N GLY A 40 4.32 4.72 -26.05
CA GLY A 40 5.48 5.54 -26.36
C GLY A 40 5.37 6.14 -27.75
N LEU A 41 4.98 5.33 -28.72
CA LEU A 41 4.78 5.85 -30.08
C LEU A 41 3.74 6.96 -30.08
N TYR A 42 2.65 6.77 -29.34
CA TYR A 42 1.63 7.81 -29.29
C TYR A 42 2.15 9.09 -28.64
N LYS A 43 2.99 8.94 -27.62
CA LYS A 43 3.55 10.12 -26.96
C LYS A 43 4.41 10.91 -27.91
N GLU A 44 5.30 10.25 -28.64
CA GLU A 44 6.22 10.99 -29.50
C GLU A 44 5.48 11.64 -30.67
N LYS A 45 4.41 11.02 -31.16
CA LYS A 45 3.57 11.58 -32.22
C LYS A 45 2.15 11.68 -31.70
N LYS A 46 1.76 12.88 -31.27
CA LYS A 46 0.45 13.05 -30.65
C LYS A 46 -0.67 12.74 -31.64
N ASP A 47 -0.54 13.20 -32.88
CA ASP A 47 -1.52 12.92 -33.91
C ASP A 47 -0.92 12.47 -35.22
N ASP A 48 0.40 12.59 -35.41
CA ASP A 48 1.02 12.08 -36.61
C ASP A 48 0.99 10.56 -36.69
N LEU A 49 0.60 9.90 -35.59
CA LEU A 49 0.58 8.45 -35.54
C LEU A 49 -0.36 7.88 -36.59
N THR A 50 0.11 6.86 -37.31
CA THR A 50 -0.68 6.27 -38.37
C THR A 50 -1.86 5.49 -37.81
N SER A 51 -2.85 5.26 -38.69
CA SER A 51 -4.08 4.62 -38.24
C SER A 51 -3.84 3.21 -37.73
N ALA A 52 -2.89 2.49 -38.33
CA ALA A 52 -2.63 1.11 -37.91
C ALA A 52 -2.18 1.06 -36.46
N SER A 53 -1.41 2.04 -36.02
CA SER A 53 -0.98 2.08 -34.63
C SER A 53 -2.17 2.29 -33.69
N PHE A 54 -3.10 3.16 -34.07
CA PHE A 54 -4.30 3.35 -33.27
C PHE A 54 -5.12 2.07 -33.21
N ILE A 55 -5.22 1.35 -34.33
CA ILE A 55 -5.90 0.07 -34.33
C ILE A 55 -5.23 -0.88 -33.36
N SER A 56 -3.91 -0.92 -33.38
CA SER A 56 -3.17 -1.79 -32.47
C SER A 56 -3.45 -1.42 -31.02
N ILE A 57 -3.50 -0.13 -30.72
CA ILE A 57 -3.74 0.30 -29.34
C ILE A 57 -5.13 -0.13 -28.89
N ALA A 58 -6.14 0.05 -29.74
CA ALA A 58 -7.49 -0.36 -29.37
C ALA A 58 -7.57 -1.86 -29.17
N ARG A 59 -6.92 -2.62 -30.06
CA ARG A 59 -6.87 -4.07 -29.92
C ARG A 59 -6.24 -4.47 -28.59
N ALA A 60 -5.15 -3.80 -28.24
CA ALA A 60 -4.45 -4.12 -27.00
C ALA A 60 -5.31 -3.81 -25.78
N TYR A 61 -6.05 -2.69 -25.82
CA TYR A 61 -6.93 -2.39 -24.70
C TYR A 61 -8.08 -3.40 -24.62
N TYR A 62 -8.54 -3.90 -25.76
CA TYR A 62 -9.51 -4.98 -25.72
C TYR A 62 -8.95 -6.19 -24.98
N LEU A 63 -7.70 -6.55 -25.29
CA LEU A 63 -7.07 -7.66 -24.57
C LEU A 63 -6.97 -7.37 -23.08
N VAL A 64 -6.60 -6.14 -22.73
CA VAL A 64 -6.51 -5.77 -21.32
C VAL A 64 -7.83 -5.99 -20.63
N SER A 65 -8.92 -5.52 -21.23
CA SER A 65 -10.24 -5.72 -20.64
C SER A 65 -10.54 -7.21 -20.51
N ILE A 66 -10.05 -8.02 -21.44
CA ILE A 66 -10.25 -9.45 -21.32
C ILE A 66 -9.55 -10.00 -20.09
N THR A 67 -8.31 -9.58 -19.85
CA THR A 67 -7.56 -10.17 -18.74
C THR A 67 -8.17 -9.86 -17.39
N ILE A 68 -8.83 -8.70 -17.26
CA ILE A 68 -9.42 -8.34 -15.97
C ILE A 68 -10.58 -9.27 -15.66
N LEU A 69 -10.58 -9.81 -14.44
CA LEU A 69 -11.61 -10.71 -13.97
C LEU A 69 -12.43 -10.07 -12.87
N PRO A 70 -13.73 -10.36 -12.81
CA PRO A 70 -14.57 -9.78 -11.75
C PRO A 70 -14.16 -10.29 -10.39
N LYS A 71 -13.63 -9.38 -9.57
CA LYS A 71 -13.20 -9.77 -8.22
C LYS A 71 -14.38 -10.07 -7.32
N GLY A 72 -15.43 -9.26 -7.41
CA GLY A 72 -16.62 -9.49 -6.60
C GLY A 72 -17.78 -9.95 -7.44
N THR A 73 -19.00 -9.63 -7.01
CA THR A 73 -20.20 -9.97 -7.76
C THR A 73 -20.63 -8.85 -8.70
N THR A 74 -19.89 -7.76 -8.77
CA THR A 74 -20.21 -6.66 -9.67
C THR A 74 -19.09 -6.50 -10.69
N ILE A 75 -19.44 -5.93 -11.84
CA ILE A 75 -18.45 -5.77 -12.90
C ILE A 75 -17.40 -4.77 -12.46
N PRO A 76 -16.11 -5.10 -12.54
CA PRO A 76 -15.07 -4.16 -12.10
C PRO A 76 -15.10 -2.88 -12.93
N GLU A 77 -14.85 -1.77 -12.26
CA GLU A 77 -14.78 -0.49 -12.97
C GLU A 77 -13.53 -0.41 -13.83
N LYS A 78 -12.47 -1.12 -13.45
CA LYS A 78 -11.24 -1.09 -14.21
C LYS A 78 -11.44 -1.67 -15.60
N LYS A 79 -12.23 -2.75 -15.70
CA LYS A 79 -12.56 -3.30 -17.01
C LYS A 79 -13.31 -2.29 -17.86
N LYS A 80 -14.27 -1.58 -17.26
CA LYS A 80 -15.00 -0.56 -18.00
C LYS A 80 -14.06 0.53 -18.49
N GLU A 81 -13.11 0.95 -17.66
CA GLU A 81 -12.17 1.98 -18.09
C GLU A 81 -11.30 1.49 -19.24
N ALA A 82 -10.86 0.24 -19.18
CA ALA A 82 -10.08 -0.29 -20.29
C ALA A 82 -10.87 -0.30 -21.58
N LEU A 83 -12.13 -0.73 -21.50
CA LEU A 83 -12.98 -0.73 -22.68
C LEU A 83 -13.17 0.68 -23.22
N ARG A 84 -13.40 1.63 -22.32
CA ARG A 84 -13.60 3.02 -22.74
C ARG A 84 -12.37 3.58 -23.42
N LYS A 85 -11.18 3.30 -22.88
CA LYS A 85 -9.97 3.78 -23.51
C LYS A 85 -9.78 3.18 -24.89
N GLY A 86 -10.06 1.88 -25.03
CA GLY A 86 -9.98 1.28 -26.34
C GLY A 86 -10.93 1.91 -27.33
N ILE A 87 -12.15 2.18 -26.88
CA ILE A 87 -13.13 2.84 -27.74
C ILE A 87 -12.63 4.20 -28.16
N GLU A 88 -12.09 4.96 -27.23
CA GLU A 88 -11.63 6.31 -27.54
C GLU A 88 -10.48 6.28 -28.54
N PHE A 89 -9.54 5.35 -28.36
CA PHE A 89 -8.43 5.26 -29.29
C PHE A 89 -8.90 4.89 -30.69
N ILE A 90 -9.79 3.90 -30.79
CA ILE A 90 -10.25 3.53 -32.12
C ILE A 90 -11.12 4.63 -32.72
N ASP A 91 -11.75 5.43 -31.86
CA ASP A 91 -12.49 6.59 -32.34
C ASP A 91 -11.54 7.61 -32.95
N ARG A 92 -10.40 7.82 -32.31
CA ARG A 92 -9.37 8.67 -32.92
C ARG A 92 -8.92 8.09 -34.24
N ALA A 93 -8.83 6.76 -34.32
CA ALA A 93 -8.42 6.12 -35.57
C ALA A 93 -9.42 6.38 -36.70
N ILE A 94 -10.70 6.09 -36.44
CA ILE A 94 -11.68 6.13 -37.51
C ILE A 94 -12.06 7.57 -37.84
N ASN A 95 -11.99 8.47 -36.86
CA ASN A 95 -12.65 9.76 -36.99
C ASN A 95 -12.01 10.60 -38.09
N LYS A 96 -10.73 10.93 -37.95
CA LYS A 96 -10.08 11.79 -38.93
C LYS A 96 -8.74 11.20 -39.40
N PHE A 97 -8.85 10.16 -40.23
CA PHE A 97 -7.75 9.53 -40.97
C PHE A 97 -8.26 9.16 -42.34
N ASN A 98 -7.31 8.96 -43.26
CA ASN A 98 -7.59 8.45 -44.59
C ASN A 98 -6.64 7.28 -44.88
N GLY A 99 -7.03 6.09 -44.44
CA GLY A 99 -6.26 4.91 -44.71
C GLY A 99 -6.89 4.04 -45.77
N SER A 100 -6.30 2.86 -45.96
CA SER A 100 -6.85 1.89 -46.87
C SER A 100 -8.21 1.39 -46.38
N ILE A 101 -9.03 0.92 -47.32
CA ILE A 101 -10.34 0.40 -46.95
C ILE A 101 -10.18 -0.80 -46.00
N LEU A 102 -9.11 -1.57 -46.16
CA LEU A 102 -8.83 -2.66 -45.23
C LEU A 102 -8.61 -2.12 -43.83
N ASP A 103 -7.87 -1.01 -43.71
CA ASP A 103 -7.66 -0.40 -42.41
C ASP A 103 -8.97 0.06 -41.79
N SER A 104 -9.83 0.68 -42.60
CA SER A 104 -11.13 1.10 -42.08
C SER A 104 -11.95 -0.08 -41.62
N GLN A 105 -11.93 -1.17 -42.39
CA GLN A 105 -12.66 -2.36 -41.98
C GLN A 105 -12.13 -2.92 -40.67
N ARG A 106 -10.81 -2.99 -40.52
CA ARG A 106 -10.25 -3.50 -39.28
C ARG A 106 -10.62 -2.62 -38.11
N ALA A 107 -10.54 -1.30 -38.31
CA ALA A 107 -10.88 -0.37 -37.24
C ALA A 107 -12.34 -0.50 -36.84
N PHE A 108 -13.24 -0.62 -37.81
CA PHE A 108 -14.65 -0.75 -37.47
C PHE A 108 -14.92 -2.10 -36.82
N ARG A 109 -14.21 -3.13 -37.23
CA ARG A 109 -14.35 -4.44 -36.60
C ARG A 109 -13.98 -4.36 -35.12
N ILE A 110 -12.82 -3.79 -34.81
CA ILE A 110 -12.39 -3.75 -33.42
C ILE A 110 -13.28 -2.81 -32.62
N LYS A 111 -13.72 -1.70 -33.21
CA LYS A 111 -14.64 -0.82 -32.50
C LYS A 111 -15.95 -1.52 -32.19
N SER A 112 -16.48 -2.28 -33.15
CA SER A 112 -17.72 -2.99 -32.94
C SER A 112 -17.57 -4.03 -31.84
N VAL A 113 -16.46 -4.77 -31.83
CA VAL A 113 -16.26 -5.76 -30.78
C VAL A 113 -16.18 -5.10 -29.43
N LEU A 114 -15.41 -4.00 -29.33
CA LEU A 114 -15.29 -3.30 -28.07
C LEU A 114 -16.65 -2.80 -27.59
N SER A 115 -17.45 -2.24 -28.50
CA SER A 115 -18.76 -1.74 -28.11
C SER A 115 -19.69 -2.87 -27.70
N ILE A 116 -19.59 -4.03 -28.35
CA ILE A 116 -20.42 -5.16 -27.95
C ILE A 116 -20.10 -5.55 -26.52
N GLU A 117 -18.81 -5.69 -26.20
CA GLU A 117 -18.44 -6.05 -24.84
C GLU A 117 -18.88 -4.98 -23.85
N PHE A 118 -18.69 -3.71 -24.21
CA PHE A 118 -19.03 -2.62 -23.32
C PHE A 118 -20.53 -2.58 -23.05
N ASN A 119 -21.33 -2.84 -24.07
CA ASN A 119 -22.77 -2.96 -23.86
C ASN A 119 -23.09 -4.13 -22.95
N ARG A 120 -22.40 -5.25 -23.13
CA ARG A 120 -22.70 -6.43 -22.32
C ARG A 120 -22.46 -6.15 -20.83
N ILE A 121 -21.33 -5.52 -20.51
CA ILE A 121 -21.03 -5.36 -19.08
C ILE A 121 -21.71 -4.12 -18.52
N ASP A 122 -21.92 -3.09 -19.35
CA ASP A 122 -22.58 -1.87 -18.89
C ASP A 122 -23.61 -1.45 -19.93
N ARG A 123 -24.88 -1.73 -19.65
CA ARG A 123 -25.95 -1.38 -20.57
C ARG A 123 -26.08 0.13 -20.72
N GLU A 124 -26.01 0.86 -19.60
CA GLU A 124 -26.40 2.27 -19.63
C GLU A 124 -25.42 3.12 -20.43
N LYS A 125 -24.12 2.89 -20.25
CA LYS A 125 -23.14 3.74 -20.93
C LYS A 125 -23.21 3.58 -22.45
N CYS A 126 -23.41 2.36 -22.92
CA CYS A 126 -23.54 2.09 -24.36
C CYS A 126 -24.90 1.45 -24.57
N ASP A 127 -25.91 2.26 -24.84
CA ASP A 127 -27.26 1.75 -25.00
C ASP A 127 -27.39 0.96 -26.29
N ASN A 128 -28.51 0.25 -26.42
CA ASN A 128 -28.70 -0.66 -27.53
C ASN A 128 -28.78 0.09 -28.86
N ILE A 129 -29.33 1.31 -28.85
CA ILE A 129 -29.50 2.04 -30.10
C ILE A 129 -28.15 2.42 -30.70
N LYS A 130 -27.24 2.93 -29.86
CA LYS A 130 -25.92 3.28 -30.35
C LYS A 130 -25.19 2.07 -30.90
N LEU A 131 -25.28 0.95 -30.18
CA LEU A 131 -24.66 -0.28 -30.64
C LEU A 131 -25.25 -0.71 -31.97
N LYS A 132 -26.57 -0.62 -32.11
CA LYS A 132 -27.20 -1.02 -33.37
C LYS A 132 -26.72 -0.18 -34.52
N ASN A 133 -26.66 1.14 -34.32
CA ASN A 133 -26.15 2.01 -35.38
C ASN A 133 -24.71 1.64 -35.73
N LEU A 134 -23.86 1.52 -34.72
CA LEU A 134 -22.44 1.28 -34.98
C LEU A 134 -22.24 -0.04 -35.70
N LEU A 135 -22.98 -1.08 -35.32
CA LEU A 135 -22.86 -2.35 -36.02
C LEU A 135 -23.39 -2.24 -37.44
N ASN A 136 -24.43 -1.42 -37.65
CA ASN A 136 -24.90 -1.18 -39.00
C ASN A 136 -23.77 -0.61 -39.87
N GLU A 137 -23.11 0.44 -39.39
CA GLU A 137 -21.99 0.98 -40.16
C GLU A 137 -20.89 -0.05 -40.34
N ALA A 138 -20.61 -0.84 -39.30
CA ALA A 138 -19.54 -1.81 -39.38
C ALA A 138 -19.80 -2.81 -40.49
N VAL A 139 -21.05 -3.27 -40.62
CA VAL A 139 -21.38 -4.17 -41.72
C VAL A 139 -21.32 -3.41 -43.05
N ASP A 140 -21.74 -2.15 -43.06
CA ASP A 140 -21.70 -1.38 -44.30
C ASP A 140 -20.28 -1.20 -44.80
N LYS A 141 -19.34 -0.94 -43.89
CA LYS A 141 -17.95 -0.75 -44.30
C LYS A 141 -17.30 -2.04 -44.78
N GLY A 142 -17.93 -3.18 -44.59
CA GLY A 142 -17.40 -4.42 -45.11
C GLY A 142 -17.02 -5.46 -44.08
N CYS A 143 -17.44 -5.31 -42.82
CA CYS A 143 -17.15 -6.30 -41.79
C CYS A 143 -18.14 -7.46 -41.88
N THR A 144 -18.20 -8.06 -43.07
CA THR A 144 -19.11 -9.16 -43.34
C THR A 144 -18.38 -10.39 -43.87
N ASP A 145 -17.09 -10.52 -43.58
CA ASP A 145 -16.30 -11.66 -44.03
C ASP A 145 -16.50 -12.79 -43.02
N PHE A 146 -17.61 -13.51 -43.20
CA PHE A 146 -17.96 -14.52 -42.21
C PHE A 146 -17.20 -15.80 -42.46
N ASP A 147 -15.91 -15.69 -42.77
CA ASP A 147 -15.15 -16.90 -43.07
C ASP A 147 -13.76 -16.82 -42.45
N THR A 148 -13.30 -15.59 -42.21
CA THR A 148 -11.93 -15.36 -41.77
C THR A 148 -11.83 -14.67 -40.42
N TYR A 149 -12.90 -14.04 -39.94
CA TYR A 149 -12.87 -13.34 -38.67
C TYR A 149 -14.10 -13.70 -37.87
N GLU A 150 -13.89 -14.35 -36.72
CA GLU A 150 -15.01 -14.70 -35.86
C GLU A 150 -15.72 -13.45 -35.36
N TRP A 151 -15.01 -12.33 -35.31
CA TRP A 151 -15.60 -11.09 -34.84
C TRP A 151 -16.74 -10.65 -35.75
N ASP A 152 -16.63 -10.93 -37.05
CA ASP A 152 -17.72 -10.64 -37.97
C ASP A 152 -18.97 -11.43 -37.59
N ILE A 153 -18.79 -12.70 -37.24
CA ILE A 153 -19.91 -13.53 -36.81
C ILE A 153 -20.52 -12.96 -35.54
N GLN A 154 -19.68 -12.51 -34.61
CA GLN A 154 -20.21 -11.90 -33.39
C GLN A 154 -21.04 -10.68 -33.70
N ILE A 155 -20.56 -9.84 -34.62
CA ILE A 155 -21.30 -8.65 -35.01
C ILE A 155 -22.65 -9.03 -35.60
N ALA A 156 -22.66 -10.01 -36.49
CA ALA A 156 -23.92 -10.42 -37.12
C ALA A 156 -24.89 -10.97 -36.07
N ILE A 157 -24.40 -11.81 -35.16
CA ILE A 157 -25.29 -12.41 -34.18
C ILE A 157 -25.86 -11.34 -33.27
N ARG A 158 -25.04 -10.38 -32.85
CA ARG A 158 -25.55 -9.30 -32.03
C ARG A 158 -26.59 -8.49 -32.79
N LEU A 159 -26.36 -8.26 -34.09
CA LEU A 159 -27.35 -7.56 -34.88
C LEU A 159 -28.67 -8.31 -34.92
N CYS A 160 -28.60 -9.63 -35.09
CA CYS A 160 -29.81 -10.44 -35.05
C CYS A 160 -30.52 -10.29 -33.72
N GLU A 161 -29.76 -10.28 -32.63
CA GLU A 161 -30.36 -10.07 -31.31
C GLU A 161 -31.08 -8.73 -31.25
N LEU A 162 -30.45 -7.68 -31.77
CA LEU A 162 -31.07 -6.36 -31.70
C LEU A 162 -32.37 -6.32 -32.50
N GLY A 163 -32.41 -6.99 -33.65
CA GLY A 163 -33.65 -7.09 -34.38
C GLY A 163 -33.58 -6.76 -35.85
N VAL A 164 -32.46 -6.20 -36.29
CA VAL A 164 -32.32 -5.85 -37.69
C VAL A 164 -32.27 -7.11 -38.53
N ASP A 165 -32.70 -7.00 -39.78
CA ASP A 165 -32.63 -8.15 -40.67
C ASP A 165 -31.18 -8.46 -41.00
N MET A 166 -30.87 -9.75 -41.12
CA MET A 166 -29.53 -10.20 -41.49
C MET A 166 -29.61 -11.35 -42.47
N GLU A 167 -30.76 -11.51 -43.13
CA GLU A 167 -31.01 -12.72 -43.90
C GLU A 167 -30.03 -12.86 -45.06
N GLY A 168 -29.64 -11.73 -45.67
CA GLY A 168 -28.77 -11.80 -46.83
C GLY A 168 -27.46 -12.49 -46.52
N HIS A 169 -26.92 -12.27 -45.33
CA HIS A 169 -25.67 -12.89 -44.92
C HIS A 169 -25.87 -14.31 -44.43
N PHE A 170 -27.13 -14.68 -44.11
CA PHE A 170 -27.40 -15.88 -43.32
C PHE A 170 -26.70 -17.10 -43.89
N ASP A 171 -26.80 -17.30 -45.21
CA ASP A 171 -26.22 -18.49 -45.82
C ASP A 171 -24.74 -18.61 -45.48
N ASN A 172 -23.98 -17.54 -45.73
CA ASN A 172 -22.56 -17.59 -45.39
C ASN A 172 -22.37 -17.73 -43.90
N LEU A 173 -23.24 -17.08 -43.12
CA LEU A 173 -23.16 -17.19 -41.67
C LEU A 173 -23.32 -18.64 -41.23
N ILE A 174 -24.02 -19.44 -42.02
CA ILE A 174 -24.11 -20.87 -41.71
C ILE A 174 -22.92 -21.61 -42.26
N LYS A 175 -22.45 -21.23 -43.44
CA LYS A 175 -21.34 -21.95 -44.06
C LYS A 175 -20.02 -21.72 -43.35
N SER A 176 -19.97 -20.79 -42.40
CA SER A 176 -18.73 -20.50 -41.70
C SER A 176 -18.23 -21.74 -40.97
N ASN A 177 -16.92 -21.93 -40.99
CA ASN A 177 -16.27 -22.97 -40.22
C ASN A 177 -15.81 -22.46 -38.86
N LYS A 178 -16.13 -21.22 -38.52
CA LYS A 178 -15.67 -20.59 -37.28
C LYS A 178 -16.88 -20.08 -36.50
N ALA A 179 -17.96 -20.87 -36.50
CA ALA A 179 -19.20 -20.49 -35.83
C ALA A 179 -19.54 -21.51 -34.77
N ASN A 180 -19.77 -21.03 -33.55
CA ASN A 180 -20.21 -21.91 -32.49
C ASN A 180 -21.61 -22.42 -32.76
N ASP A 181 -21.91 -23.61 -32.23
CA ASP A 181 -23.24 -24.18 -32.40
C ASP A 181 -24.29 -23.27 -31.77
N LEU A 182 -23.95 -22.62 -30.66
CA LEU A 182 -24.84 -21.64 -30.08
C LEU A 182 -25.12 -20.51 -31.05
N GLN A 183 -24.08 -20.05 -31.76
CA GLN A 183 -24.26 -18.99 -32.72
C GLN A 183 -25.15 -19.45 -33.87
N LYS A 184 -24.96 -20.67 -34.35
CA LYS A 184 -25.82 -21.19 -35.40
C LYS A 184 -27.27 -21.26 -34.95
N ALA A 185 -27.49 -21.71 -33.71
CA ALA A 185 -28.85 -21.78 -33.19
C ALA A 185 -29.46 -20.39 -33.08
N LYS A 186 -28.68 -19.42 -32.62
CA LYS A 186 -29.17 -18.05 -32.54
C LYS A 186 -29.54 -17.53 -33.92
N ALA A 187 -28.71 -17.81 -34.91
CA ALA A 187 -29.00 -17.38 -36.27
C ALA A 187 -30.28 -17.99 -36.77
N TYR A 188 -30.46 -19.30 -36.55
CA TYR A 188 -31.65 -19.96 -37.05
C TYR A 188 -32.90 -19.42 -36.38
N TYR A 189 -32.84 -19.20 -35.06
CA TYR A 189 -34.03 -18.72 -34.35
C TYR A 189 -34.36 -17.28 -34.71
N PHE A 190 -33.35 -16.41 -34.71
CA PHE A 190 -33.62 -14.98 -34.87
C PHE A 190 -33.94 -14.63 -36.30
N ILE A 191 -33.35 -15.33 -37.26
CA ILE A 191 -33.49 -14.97 -38.67
C ILE A 191 -34.56 -15.83 -39.33
N LYS A 192 -34.29 -17.13 -39.42
CA LYS A 192 -35.17 -18.00 -40.20
C LYS A 192 -36.33 -18.51 -39.37
N LYS A 193 -36.22 -18.40 -38.05
CA LYS A 193 -37.22 -18.90 -37.11
C LYS A 193 -37.45 -20.40 -37.27
N ASP A 194 -36.42 -21.14 -37.67
CA ASP A 194 -36.48 -22.59 -37.81
C ASP A 194 -36.29 -23.20 -36.43
N ASP A 195 -37.40 -23.52 -35.78
CA ASP A 195 -37.32 -24.02 -34.41
C ASP A 195 -36.63 -25.37 -34.34
N HIS A 196 -36.87 -26.24 -35.32
CA HIS A 196 -36.27 -27.57 -35.29
C HIS A 196 -34.76 -27.51 -35.37
N LYS A 197 -34.25 -26.79 -36.37
CA LYS A 197 -32.80 -26.74 -36.55
C LYS A 197 -32.15 -25.97 -35.41
N ALA A 198 -32.83 -24.93 -34.92
CA ALA A 198 -32.31 -24.21 -33.77
C ALA A 198 -32.20 -25.11 -32.57
N LYS A 199 -33.23 -25.94 -32.34
CA LYS A 199 -33.18 -26.88 -31.22
C LYS A 199 -32.05 -27.88 -31.38
N GLU A 200 -31.84 -28.35 -32.61
CA GLU A 200 -30.75 -29.29 -32.85
C GLU A 200 -29.41 -28.68 -32.50
N HIS A 201 -29.15 -27.48 -33.01
CA HIS A 201 -27.87 -26.84 -32.74
C HIS A 201 -27.73 -26.48 -31.27
N MET A 202 -28.84 -26.13 -30.62
CA MET A 202 -28.80 -25.82 -29.19
C MET A 202 -28.44 -27.06 -28.39
N ASP A 203 -28.98 -28.21 -28.76
CA ASP A 203 -28.61 -29.46 -28.10
C ASP A 203 -27.13 -29.74 -28.28
N LYS A 204 -26.62 -29.54 -29.49
CA LYS A 204 -25.18 -29.71 -29.69
C LYS A 204 -24.40 -28.75 -28.80
N CYS A 205 -24.88 -27.53 -28.65
CA CYS A 205 -24.21 -26.54 -27.81
C CYS A 205 -24.13 -27.01 -26.37
N THR A 206 -25.25 -27.52 -25.84
CA THR A 206 -25.24 -27.99 -24.45
C THR A 206 -24.35 -29.21 -24.28
N ALA A 207 -24.38 -30.12 -25.24
CA ALA A 207 -23.50 -31.28 -25.19
C ALA A 207 -22.05 -30.84 -25.13
N SER A 208 -21.68 -29.83 -25.90
CA SER A 208 -20.35 -29.25 -25.78
C SER A 208 -20.15 -28.61 -24.42
N LEU A 209 -21.19 -27.94 -23.90
CA LEU A 209 -21.09 -27.23 -22.64
C LEU A 209 -20.72 -28.17 -21.51
N LYS A 210 -21.11 -29.44 -21.61
CA LYS A 210 -20.86 -30.37 -20.52
C LYS A 210 -19.39 -30.39 -20.10
N TYR A 211 -18.48 -30.23 -21.05
CA TYR A 211 -17.05 -30.34 -20.76
C TYR A 211 -16.34 -29.01 -20.58
N THR A 212 -17.06 -27.90 -20.63
CA THR A 212 -16.31 -26.66 -20.49
C THR A 212 -16.52 -26.06 -19.11
N PRO A 213 -15.50 -25.42 -18.54
CA PRO A 213 -15.64 -24.87 -17.19
C PRO A 213 -16.69 -23.79 -17.14
N CYS A 214 -17.31 -23.64 -15.97
CA CYS A 214 -18.40 -22.68 -15.81
C CYS A 214 -17.94 -21.24 -15.96
N SER A 215 -16.64 -20.98 -15.84
CA SER A 215 -16.16 -19.62 -16.02
C SER A 215 -16.18 -19.19 -17.48
N HIS A 216 -16.33 -20.13 -18.40
CA HIS A 216 -16.29 -19.80 -19.81
C HIS A 216 -17.46 -18.90 -20.18
N ARG A 217 -17.27 -18.08 -21.21
CA ARG A 217 -18.32 -17.17 -21.63
C ARG A 217 -19.53 -17.94 -22.15
N LEU A 218 -19.31 -19.09 -22.79
CA LEU A 218 -20.40 -19.79 -23.44
C LEU A 218 -21.55 -20.05 -22.48
N TRP A 219 -21.25 -20.29 -21.21
CA TRP A 219 -22.29 -20.42 -20.21
C TRP A 219 -23.12 -19.15 -20.13
N ASP A 220 -22.45 -18.00 -20.11
CA ASP A 220 -23.16 -16.74 -19.99
C ASP A 220 -24.02 -16.48 -21.20
N GLU A 221 -23.48 -16.68 -22.41
CA GLU A 221 -24.31 -16.48 -23.59
C GLU A 221 -25.47 -17.45 -23.63
N THR A 222 -25.24 -18.70 -23.23
CA THR A 222 -26.31 -19.68 -23.24
C THR A 222 -27.44 -19.28 -22.31
N VAL A 223 -27.11 -18.87 -21.09
CA VAL A 223 -28.14 -18.50 -20.14
C VAL A 223 -28.86 -17.24 -20.59
N GLY A 224 -28.12 -16.28 -21.15
CA GLY A 224 -28.77 -15.10 -21.68
C GLY A 224 -29.71 -15.43 -22.82
N PHE A 225 -29.31 -16.37 -23.68
CA PHE A 225 -30.17 -16.79 -24.77
C PHE A 225 -31.44 -17.43 -24.23
N ILE A 226 -31.31 -18.26 -23.20
CA ILE A 226 -32.51 -18.88 -22.62
C ILE A 226 -33.41 -17.83 -22.01
N GLU A 227 -32.82 -16.83 -21.35
CA GLU A 227 -33.62 -15.74 -20.80
C GLU A 227 -34.37 -15.01 -21.90
N ARG A 228 -33.70 -14.72 -23.01
CA ARG A 228 -34.36 -14.03 -24.11
C ARG A 228 -35.48 -14.87 -24.68
N LEU A 229 -35.25 -16.18 -24.82
CA LEU A 229 -36.30 -17.06 -25.33
C LEU A 229 -37.50 -17.06 -24.40
N LYS A 230 -37.25 -17.12 -23.09
CA LYS A 230 -38.36 -17.09 -22.14
C LYS A 230 -39.11 -15.78 -22.22
N GLY A 231 -38.40 -14.67 -22.39
CA GLY A 231 -39.06 -13.40 -22.58
C GLY A 231 -39.91 -13.36 -23.83
N ASP A 232 -39.43 -14.02 -24.89
CA ASP A 232 -40.19 -14.11 -26.13
C ASP A 232 -41.34 -15.10 -26.04
N SER A 233 -41.46 -15.84 -24.95
CA SER A 233 -42.45 -16.89 -24.77
C SER A 233 -42.30 -18.02 -25.76
N SER A 234 -41.12 -18.18 -26.33
CA SER A 234 -40.86 -19.31 -27.21
C SER A 234 -41.00 -20.61 -26.45
N THR A 235 -41.69 -21.59 -27.05
CA THR A 235 -41.93 -22.84 -26.36
C THR A 235 -40.65 -23.61 -26.09
N LEU A 236 -39.57 -23.27 -26.79
CA LEU A 236 -38.33 -23.99 -26.62
C LEU A 236 -37.73 -23.84 -25.23
N TRP A 237 -37.77 -22.61 -24.67
CA TRP A 237 -36.88 -22.27 -23.57
C TRP A 237 -36.93 -23.30 -22.47
N ARG A 238 -38.13 -23.72 -22.07
CA ARG A 238 -38.26 -24.69 -20.99
C ARG A 238 -37.31 -25.86 -21.19
N ASP A 239 -37.48 -26.60 -22.29
CA ASP A 239 -36.63 -27.76 -22.50
C ASP A 239 -35.16 -27.36 -22.46
N PHE A 240 -34.80 -26.28 -23.16
CA PHE A 240 -33.41 -25.86 -23.18
C PHE A 240 -32.87 -25.72 -21.77
N ALA A 241 -33.61 -25.03 -20.91
CA ALA A 241 -33.14 -24.82 -19.55
C ALA A 241 -32.80 -26.15 -18.90
N ILE A 242 -33.74 -27.10 -18.95
CA ILE A 242 -33.50 -28.39 -18.32
C ILE A 242 -32.22 -29.00 -18.87
N LYS A 243 -32.08 -29.01 -20.20
CA LYS A 243 -30.89 -29.60 -20.78
C LYS A 243 -29.65 -28.90 -20.25
N THR A 244 -29.65 -27.56 -20.31
CA THR A 244 -28.51 -26.82 -19.77
C THR A 244 -28.28 -27.21 -18.32
N TYR A 245 -29.34 -27.28 -17.54
CA TYR A 245 -29.21 -27.66 -16.14
C TYR A 245 -28.44 -28.96 -16.01
N ARG A 246 -28.81 -29.97 -16.78
CA ARG A 246 -28.10 -31.24 -16.68
C ARG A 246 -26.62 -31.03 -16.87
N SER A 247 -26.23 -30.34 -17.95
CA SER A 247 -24.82 -30.13 -18.21
C SER A 247 -24.14 -29.50 -17.01
N CYS A 248 -24.76 -28.49 -16.41
CA CYS A 248 -24.14 -27.82 -15.28
C CYS A 248 -23.76 -28.82 -14.21
N ARG A 249 -24.69 -29.71 -13.84
CA ARG A 249 -24.37 -30.68 -12.80
C ARG A 249 -23.11 -31.44 -13.16
N VAL A 250 -23.07 -32.00 -14.37
CA VAL A 250 -21.91 -32.77 -14.77
C VAL A 250 -20.65 -31.93 -14.63
N GLN A 251 -20.71 -30.68 -15.12
CA GLN A 251 -19.51 -29.86 -15.08
C GLN A 251 -19.09 -29.58 -13.66
N GLU A 252 -20.05 -29.38 -12.76
CA GLU A 252 -19.68 -29.09 -11.38
C GLU A 252 -19.52 -30.35 -10.55
N LYS A 253 -19.54 -31.52 -11.21
CA LYS A 253 -19.26 -32.76 -10.49
C LYS A 253 -17.84 -32.80 -9.94
N GLU A 254 -16.97 -31.91 -10.41
CA GLU A 254 -15.57 -31.88 -10.02
C GLU A 254 -15.37 -31.18 -8.67
N THR A 255 -14.12 -30.81 -8.38
CA THR A 255 -13.72 -29.97 -7.24
C THR A 255 -13.70 -30.84 -5.98
N GLY A 256 -14.13 -32.10 -6.05
CA GLY A 256 -13.89 -33.01 -4.94
C GLY A 256 -14.67 -32.63 -3.69
N THR A 257 -14.11 -33.01 -2.54
CA THR A 257 -14.81 -32.82 -1.27
C THR A 257 -15.04 -31.35 -0.96
N LEU A 258 -14.12 -30.48 -1.39
CA LEU A 258 -14.34 -29.06 -1.24
C LEU A 258 -15.50 -28.66 -2.13
N ARG A 259 -16.68 -28.54 -1.55
CA ARG A 259 -17.89 -28.31 -2.33
C ARG A 259 -17.88 -26.88 -2.83
N LEU A 260 -17.14 -26.63 -3.90
CA LEU A 260 -16.97 -25.30 -4.45
C LEU A 260 -17.52 -25.24 -5.86
N ARG A 261 -17.88 -24.04 -6.27
CA ARG A 261 -18.27 -23.78 -7.64
C ARG A 261 -17.83 -22.36 -8.00
N TRP A 262 -17.43 -22.18 -9.25
CA TRP A 262 -17.09 -20.86 -9.73
C TRP A 262 -18.32 -19.97 -9.70
N TYR A 263 -18.13 -18.74 -9.23
CA TYR A 263 -19.24 -17.80 -9.14
C TYR A 263 -19.38 -17.08 -10.47
N TRP A 264 -20.50 -17.31 -11.14
CA TRP A 264 -20.87 -16.54 -12.32
C TRP A 264 -22.30 -16.06 -12.15
N SER A 265 -22.56 -14.82 -12.57
CA SER A 265 -23.77 -14.12 -12.15
C SER A 265 -25.02 -14.87 -12.56
N ARG A 266 -25.07 -15.38 -13.77
CA ARG A 266 -26.30 -15.99 -14.25
C ARG A 266 -26.55 -17.38 -13.70
N HIS A 267 -25.58 -17.96 -12.99
CA HIS A 267 -25.72 -19.34 -12.51
C HIS A 267 -27.06 -19.56 -11.84
N ARG A 268 -27.32 -18.83 -10.76
CA ARG A 268 -28.58 -18.99 -10.05
C ARG A 268 -29.76 -18.86 -11.00
N VAL A 269 -29.74 -17.85 -11.87
CA VAL A 269 -30.85 -17.64 -12.77
C VAL A 269 -31.12 -18.90 -13.57
N LEU A 270 -30.06 -19.51 -14.10
CA LEU A 270 -30.22 -20.78 -14.79
C LEU A 270 -31.07 -21.73 -13.99
N TYR A 271 -30.61 -22.06 -12.79
CA TYR A 271 -31.36 -23.00 -11.96
C TYR A 271 -32.80 -22.56 -11.81
N ASP A 272 -33.00 -21.26 -11.52
CA ASP A 272 -34.35 -20.76 -11.34
C ASP A 272 -35.22 -21.11 -12.54
N MET A 273 -34.75 -20.78 -13.75
CA MET A 273 -35.57 -21.08 -14.92
C MET A 273 -35.81 -22.58 -15.01
N ALA A 274 -34.76 -23.37 -14.80
CA ALA A 274 -34.95 -24.83 -14.81
C ALA A 274 -36.08 -25.22 -13.88
N PHE A 275 -36.06 -24.68 -12.66
CA PHE A 275 -37.13 -24.99 -11.72
C PHE A 275 -38.49 -24.69 -12.34
N LEU A 276 -38.67 -23.48 -12.85
CA LEU A 276 -39.95 -23.13 -13.44
C LEU A 276 -40.34 -24.13 -14.50
N ALA A 277 -39.38 -24.51 -15.36
CA ALA A 277 -39.69 -25.43 -16.43
C ALA A 277 -40.35 -26.67 -15.87
N VAL A 278 -39.71 -27.30 -14.88
CA VAL A 278 -40.26 -28.54 -14.36
C VAL A 278 -41.62 -28.28 -13.75
N LYS A 279 -41.76 -27.18 -13.02
CA LYS A 279 -43.06 -26.86 -12.45
C LYS A 279 -44.11 -26.72 -13.54
N GLU A 280 -43.78 -26.03 -14.62
CA GLU A 280 -44.75 -25.87 -15.69
C GLU A 280 -45.00 -27.19 -16.39
N GLN A 281 -44.01 -28.08 -16.35
CA GLN A 281 -44.22 -29.42 -16.89
C GLN A 281 -44.98 -30.29 -15.90
N ALA A 282 -44.98 -29.90 -14.63
CA ALA A 282 -45.72 -30.67 -13.63
C ALA A 282 -47.21 -30.57 -13.86
N ASP A 283 -47.70 -29.40 -14.24
CA ASP A 283 -49.13 -29.19 -14.41
C ASP A 283 -49.61 -29.76 -15.74
N VAL A 284 -49.86 -40.04 -14.13
CA VAL A 284 -49.81 -39.73 -12.71
C VAL A 284 -48.39 -39.89 -12.18
N ASN A 285 -47.80 -41.05 -12.47
CA ASN A 285 -46.41 -41.29 -12.06
C ASN A 285 -45.48 -40.23 -12.64
N VAL A 286 -45.83 -39.72 -13.82
CA VAL A 286 -45.02 -38.67 -14.43
C VAL A 286 -44.98 -37.43 -13.54
N LYS A 287 -46.10 -37.10 -12.89
CA LYS A 287 -46.11 -35.95 -12.00
C LYS A 287 -45.17 -36.17 -10.83
N GLN A 288 -45.17 -37.37 -10.26
CA GLN A 288 -44.24 -37.68 -9.18
C GLN A 288 -42.80 -37.55 -9.66
N ALA A 289 -42.52 -38.01 -10.87
CA ALA A 289 -41.18 -37.88 -11.41
C ALA A 289 -40.78 -36.41 -11.53
N LYS A 290 -41.71 -35.57 -11.99
CA LYS A 290 -41.38 -34.15 -12.14
C LYS A 290 -41.12 -33.50 -10.79
N ILE A 291 -41.92 -33.84 -9.79
CA ILE A 291 -41.70 -33.25 -8.47
C ILE A 291 -40.37 -33.71 -7.90
N LYS A 292 -40.03 -34.98 -8.10
CA LYS A 292 -38.72 -35.47 -7.69
C LYS A 292 -37.62 -34.71 -8.41
N LYS A 293 -37.83 -34.40 -9.68
CA LYS A 293 -36.84 -33.61 -10.42
C LYS A 293 -36.70 -32.22 -9.81
N LEU A 294 -37.80 -31.63 -9.38
CA LEU A 294 -37.73 -30.33 -8.69
C LEU A 294 -36.86 -30.42 -7.45
N ALA A 295 -37.10 -31.46 -6.64
CA ALA A 295 -36.29 -31.63 -5.44
C ALA A 295 -34.83 -31.82 -5.79
N GLU A 296 -34.56 -32.59 -6.84
CA GLU A 296 -33.18 -32.82 -7.26
C GLU A 296 -32.51 -31.53 -7.68
N ILE A 297 -33.23 -30.67 -8.40
CA ILE A 297 -32.69 -29.38 -8.80
C ILE A 297 -32.32 -28.56 -7.57
N SER A 298 -33.24 -28.51 -6.61
CA SER A 298 -32.96 -27.74 -5.39
C SER A 298 -31.73 -28.30 -4.68
N ASP A 299 -31.63 -29.61 -4.57
CA ASP A 299 -30.50 -30.21 -3.89
C ASP A 299 -29.19 -29.91 -4.61
N SER A 300 -29.19 -29.99 -5.94
CA SER A 300 -27.98 -29.70 -6.69
C SER A 300 -27.55 -28.25 -6.50
N LEU A 301 -28.53 -27.35 -6.43
CA LEU A 301 -28.17 -25.96 -6.14
C LEU A 301 -27.55 -25.83 -4.76
N LYS A 302 -28.13 -26.51 -3.77
CA LYS A 302 -27.70 -26.31 -2.39
C LYS A 302 -26.42 -27.06 -2.06
N SER A 303 -26.00 -27.99 -2.92
CA SER A 303 -24.92 -28.90 -2.54
C SER A 303 -23.58 -28.17 -2.43
N ARG A 304 -23.42 -27.06 -3.13
CA ARG A 304 -22.16 -26.33 -3.15
C ARG A 304 -22.39 -24.85 -2.94
N PHE A 305 -21.35 -24.17 -2.47
CA PHE A 305 -21.39 -22.72 -2.32
C PHE A 305 -20.29 -22.10 -3.16
N SER A 306 -20.56 -20.89 -3.65
CA SER A 306 -19.65 -20.17 -4.53
C SER A 306 -19.00 -19.04 -3.76
N LEU A 307 -17.71 -18.83 -3.98
CA LEU A 307 -16.99 -17.73 -3.36
C LEU A 307 -16.20 -16.97 -4.43
N ARG A 308 -16.03 -15.67 -4.22
CA ARG A 308 -15.54 -14.79 -5.25
C ARG A 308 -14.02 -14.93 -5.44
N LEU A 309 -13.51 -14.27 -6.49
CA LEU A 309 -12.08 -14.30 -6.74
C LEU A 309 -11.29 -13.70 -5.61
N SER A 310 -11.78 -12.59 -5.05
CA SER A 310 -11.08 -11.96 -3.95
C SER A 310 -10.82 -12.95 -2.83
N ASP A 311 -11.77 -13.85 -2.59
CA ASP A 311 -11.58 -14.87 -1.56
C ASP A 311 -10.74 -16.03 -2.06
N MET A 312 -10.99 -16.49 -3.29
CA MET A 312 -10.27 -17.66 -3.79
C MET A 312 -8.78 -17.39 -3.87
N GLU A 313 -8.39 -16.17 -4.21
CA GLU A 313 -6.97 -15.83 -4.24
C GLU A 313 -6.38 -15.81 -2.85
N LYS A 314 -7.16 -15.38 -1.86
CA LYS A 314 -6.66 -15.23 -0.50
C LYS A 314 -6.82 -16.50 0.34
N MET A 315 -6.88 -17.66 -0.30
CA MET A 315 -6.93 -18.89 0.48
C MET A 315 -5.65 -19.07 1.28
N PRO A 316 -5.74 -19.33 2.58
CA PRO A 316 -4.55 -19.63 3.36
C PRO A 316 -3.84 -20.85 2.81
N LYS A 317 -2.51 -20.79 2.76
CA LYS A 317 -1.75 -21.94 2.33
C LYS A 317 -1.92 -23.07 3.34
N SER A 318 -2.10 -24.29 2.84
CA SER A 318 -2.53 -25.39 3.70
C SER A 318 -1.93 -26.69 3.19
N ASP A 319 -2.56 -27.80 3.58
CA ASP A 319 -2.15 -29.13 3.18
C ASP A 319 -1.81 -29.20 1.70
N ASP A 320 -0.79 -29.98 1.36
CA ASP A 320 -0.26 -30.00 0.00
C ASP A 320 -1.33 -30.42 -1.00
N GLU A 321 -2.11 -31.46 -0.67
CA GLU A 321 -3.17 -31.90 -1.57
C GLU A 321 -4.25 -30.83 -1.70
N SER A 322 -4.63 -30.19 -0.59
CA SER A 322 -5.75 -29.25 -0.62
C SER A 322 -5.40 -28.03 -1.45
N ASN A 323 -4.25 -27.40 -1.16
CA ASN A 323 -3.86 -26.23 -1.92
C ASN A 323 -3.59 -26.58 -3.38
N HIS A 324 -3.04 -27.77 -3.64
CA HIS A 324 -2.85 -28.21 -5.02
C HIS A 324 -4.19 -28.27 -5.75
N GLU A 325 -5.18 -28.92 -5.16
CA GLU A 325 -6.48 -29.02 -5.81
C GLU A 325 -7.08 -27.64 -6.03
N PHE A 326 -7.00 -26.77 -5.03
CA PHE A 326 -7.61 -25.47 -5.15
C PHE A 326 -6.94 -24.65 -6.24
N LYS A 327 -5.61 -24.66 -6.29
CA LYS A 327 -4.91 -23.88 -7.31
C LYS A 327 -5.15 -24.45 -8.70
N LYS A 328 -5.25 -25.78 -8.81
CA LYS A 328 -5.59 -26.37 -10.10
C LYS A 328 -6.96 -25.90 -10.56
N PHE A 329 -7.94 -25.89 -9.66
CA PHE A 329 -9.27 -25.40 -10.01
C PHE A 329 -9.23 -23.94 -10.43
N LEU A 330 -8.52 -23.10 -9.68
CA LEU A 330 -8.44 -21.69 -10.00
C LEU A 330 -7.82 -21.46 -11.37
N ASP A 331 -6.70 -22.13 -11.64
CA ASP A 331 -6.03 -21.96 -12.92
C ASP A 331 -6.92 -22.43 -14.06
N LYS A 332 -7.60 -23.56 -13.89
CA LYS A 332 -8.49 -24.03 -14.93
C LYS A 332 -9.58 -23.01 -15.22
N CYS A 333 -10.19 -22.47 -14.17
CA CYS A 333 -11.28 -21.53 -14.37
C CYS A 333 -10.82 -20.26 -15.07
N VAL A 334 -9.70 -19.70 -14.62
CA VAL A 334 -9.21 -18.46 -15.23
C VAL A 334 -8.82 -18.70 -16.68
N THR A 335 -8.13 -19.80 -16.95
CA THR A 335 -7.73 -20.10 -18.31
C THR A 335 -8.93 -20.25 -19.22
N ALA A 336 -9.98 -20.92 -18.73
CA ALA A 336 -11.20 -21.02 -19.53
C ALA A 336 -11.81 -19.65 -19.79
N TYR A 337 -11.84 -18.81 -18.76
CA TYR A 337 -12.41 -17.47 -18.91
C TYR A 337 -11.73 -16.72 -20.04
N GLN A 338 -10.40 -16.73 -20.05
CA GLN A 338 -9.70 -15.96 -21.07
C GLN A 338 -9.75 -16.65 -22.44
N ASP A 339 -9.71 -17.98 -22.45
CA ASP A 339 -9.79 -18.71 -23.71
C ASP A 339 -11.11 -18.45 -24.41
N GLY A 340 -12.14 -18.12 -23.64
CA GLY A 340 -13.40 -17.76 -24.26
C GLY A 340 -13.28 -16.60 -25.22
N TYR A 341 -12.46 -15.61 -24.88
CA TYR A 341 -12.38 -14.41 -25.70
C TYR A 341 -11.26 -14.51 -26.73
N VAL A 342 -10.11 -15.05 -26.36
CA VAL A 342 -9.03 -15.12 -27.33
C VAL A 342 -9.38 -16.10 -28.46
N ILE A 343 -10.09 -17.17 -28.13
CA ILE A 343 -10.52 -18.22 -29.07
C ILE A 343 -9.49 -18.53 -30.16
N LEU A 344 -23.32 -40.54 -3.64
CA LEU A 344 -24.30 -39.92 -2.77
C LEU A 344 -25.63 -40.66 -2.84
N LEU A 345 -26.54 -40.32 -1.92
CA LEU A 345 -27.79 -41.04 -1.81
C LEU A 345 -28.86 -40.45 -2.72
N GLU A 346 -29.72 -41.32 -3.24
CA GLU A 346 -30.89 -40.84 -3.96
C GLU A 346 -31.90 -40.26 -2.97
N LEU A 347 -32.83 -39.48 -3.52
CA LEU A 347 -33.77 -38.76 -2.67
C LEU A 347 -34.73 -39.70 -1.96
N THR A 348 -34.81 -40.95 -2.41
CA THR A 348 -35.80 -41.86 -1.83
C THR A 348 -35.28 -42.61 -0.61
N GLN A 349 -33.96 -42.70 -0.42
CA GLN A 349 -33.42 -43.47 0.70
C GLN A 349 -33.60 -42.69 2.00
N VAL A 350 -34.81 -42.79 2.55
CA VAL A 350 -35.08 -42.24 3.87
C VAL A 350 -35.71 -43.34 4.72
N PRO A 351 -35.34 -43.44 6.00
CA PRO A 351 -35.90 -44.51 6.84
C PRO A 351 -37.41 -44.40 6.93
N GLU A 352 -38.06 -45.56 7.01
CA GLU A 352 -39.52 -45.59 7.07
C GLU A 352 -40.00 -44.83 8.30
N GLY A 353 -41.14 -44.18 8.16
CA GLY A 353 -41.65 -43.32 9.21
C GLY A 353 -41.11 -41.91 9.21
N TRP A 354 -40.38 -41.52 8.17
CA TRP A 354 -39.81 -40.19 8.07
C TRP A 354 -40.48 -39.43 6.94
N VAL A 355 -40.37 -38.11 6.99
CA VAL A 355 -40.88 -37.21 5.97
C VAL A 355 -39.82 -36.15 5.73
N VAL A 356 -39.52 -35.87 4.47
CA VAL A 356 -38.42 -34.96 4.12
C VAL A 356 -38.99 -33.76 3.39
N VAL A 357 -38.55 -32.57 3.78
CA VAL A 357 -39.03 -31.32 3.19
C VAL A 357 -37.84 -30.56 2.63
N HIS A 358 -37.82 -30.37 1.32
CA HIS A 358 -36.82 -29.56 0.65
C HIS A 358 -37.41 -28.20 0.35
N PHE A 359 -36.66 -27.15 0.63
CA PHE A 359 -37.12 -25.80 0.38
C PHE A 359 -36.34 -25.19 -0.77
N TYR A 360 -37.02 -24.40 -1.59
CA TYR A 360 -36.37 -23.71 -2.69
C TYR A 360 -37.02 -22.35 -2.89
N LEU A 361 -36.23 -21.29 -2.79
CA LEU A 361 -36.72 -19.94 -3.01
C LEU A 361 -36.44 -19.53 -4.45
N ASN A 362 -37.46 -19.57 -5.29
CA ASN A 362 -37.32 -19.19 -6.69
C ASN A 362 -37.38 -17.67 -6.76
N LYS A 363 -36.21 -17.04 -6.87
CA LYS A 363 -36.14 -15.58 -6.96
C LYS A 363 -36.80 -15.08 -8.23
N LEU A 364 -36.53 -15.72 -9.35
CA LEU A 364 -37.09 -15.27 -10.62
C LEU A 364 -38.61 -15.30 -10.57
N GLU A 365 -39.18 -16.38 -10.05
CA GLU A 365 -40.61 -16.40 -9.79
C GLU A 365 -40.95 -15.55 -8.56
N GLY A 366 -40.01 -15.41 -7.64
CA GLY A 366 -40.24 -14.65 -6.43
C GLY A 366 -41.03 -15.37 -5.36
N MET A 367 -41.10 -16.69 -5.41
CA MET A 367 -41.90 -17.44 -4.46
C MET A 367 -41.09 -18.61 -3.90
N GLY A 368 -41.45 -19.03 -2.70
CA GLY A 368 -40.82 -20.18 -2.07
C GLY A 368 -41.63 -21.42 -2.34
N ASN A 369 -40.96 -22.57 -2.37
CA ASN A 369 -41.60 -23.83 -2.64
C ASN A 369 -41.08 -24.88 -1.66
N ALA A 370 -42.00 -25.58 -1.02
CA ALA A 370 -41.69 -26.68 -0.14
C ALA A 370 -42.10 -27.98 -0.82
N ILE A 371 -41.14 -28.87 -1.00
CA ILE A 371 -41.36 -30.15 -1.64
C ILE A 371 -41.23 -31.23 -0.58
N VAL A 372 -42.33 -31.93 -0.33
CA VAL A 372 -42.40 -32.92 0.74
C VAL A 372 -42.45 -34.31 0.13
N PHE A 373 -41.63 -35.20 0.66
CA PHE A 373 -41.59 -36.60 0.29
C PHE A 373 -41.95 -37.43 1.51
N ASP A 374 -42.90 -38.34 1.34
CA ASP A 374 -43.35 -39.24 2.39
C ASP A 374 -42.92 -40.65 2.03
N LYS A 375 -42.04 -41.23 2.84
CA LYS A 375 -41.51 -42.56 2.55
C LYS A 375 -42.58 -43.63 2.70
N CYS A 376 -43.38 -43.56 3.76
CA CYS A 376 -44.38 -44.59 4.00
C CYS A 376 -45.40 -44.63 2.88
N ALA A 377 -45.89 -43.47 2.46
CA ALA A 377 -46.78 -43.39 1.31
C ALA A 377 -46.03 -43.36 0.00
N ASN A 378 -44.71 -43.22 0.04
CA ASN A 378 -43.88 -43.17 -1.17
C ASN A 378 -44.39 -42.10 -2.12
N SER A 379 -44.74 -40.94 -1.58
CA SER A 379 -45.44 -39.91 -2.34
C SER A 379 -44.65 -38.62 -2.33
N TRP A 380 -44.69 -37.92 -3.46
CA TRP A 380 -44.10 -36.59 -3.59
C TRP A 380 -45.22 -35.58 -3.77
N GLN A 381 -45.06 -34.41 -3.17
CA GLN A 381 -45.92 -33.28 -3.50
C GLN A 381 -45.21 -32.00 -3.11
N TYR A 382 -45.78 -30.87 -3.50
CA TYR A 382 -45.16 -29.58 -3.25
C TYR A 382 -46.22 -28.53 -3.04
N LYS A 383 -45.81 -27.44 -2.39
CA LYS A 383 -46.65 -26.30 -2.14
C LYS A 383 -45.81 -25.04 -2.22
N GLU A 384 -46.47 -23.90 -2.33
CA GLU A 384 -45.80 -22.63 -2.56
C GLU A 384 -46.24 -21.61 -1.53
N PHE A 385 -45.40 -20.60 -1.33
CA PHE A 385 -45.68 -19.55 -0.36
C PHE A 385 -44.92 -18.29 -0.74
N GLN A 386 -45.32 -17.18 -0.11
CA GLN A 386 -44.68 -15.89 -0.31
C GLN A 386 -43.69 -15.67 0.82
N TYR A 387 -42.47 -15.27 0.48
CA TYR A 387 -41.44 -15.15 1.50
C TYR A 387 -40.98 -13.72 1.74
N LYS A 388 -41.70 -12.71 1.25
CA LYS A 388 -41.26 -11.34 1.48
C LYS A 388 -41.50 -10.91 2.91
N GLU A 389 -42.75 -11.03 3.38
CA GLU A 389 -43.05 -10.65 4.75
C GLU A 389 -42.30 -11.51 5.76
N LEU A 390 -42.14 -12.79 5.45
CA LEU A 390 -41.32 -13.65 6.29
C LEU A 390 -39.91 -13.09 6.40
N PHE A 391 -39.34 -12.67 5.28
CA PHE A 391 -38.00 -12.10 5.31
C PHE A 391 -37.95 -10.86 6.15
N GLU A 392 -38.96 -9.99 6.04
CA GLU A 392 -38.95 -8.76 6.82
C GLU A 392 -39.03 -9.06 8.32
N VAL A 393 -39.89 -10.00 8.70
CA VAL A 393 -40.00 -10.34 10.12
C VAL A 393 -38.71 -10.96 10.62
N PHE A 394 -38.07 -11.79 9.79
CA PHE A 394 -36.80 -12.36 10.19
C PHE A 394 -35.74 -11.28 10.36
N LEU A 395 -35.73 -10.29 9.48
CA LEU A 395 -34.76 -9.22 9.60
C LEU A 395 -34.99 -8.43 10.87
N THR A 396 -36.26 -8.19 11.21
CA THR A 396 -36.57 -7.55 12.48
C THR A 396 -36.03 -8.36 13.64
N TRP A 397 -36.23 -9.68 13.61
CA TRP A 397 -35.72 -10.53 14.67
C TRP A 397 -34.20 -10.44 14.75
N GLN A 398 -33.53 -10.46 13.61
CA GLN A 398 -32.07 -10.40 13.60
C GLN A 398 -31.57 -9.10 14.20
N ALA A 399 -32.16 -7.98 13.79
CA ALA A 399 -31.71 -6.69 14.30
C ALA A 399 -31.91 -6.61 15.80
N ASN A 400 -33.13 -6.93 16.27
CA ASN A 400 -33.38 -6.84 17.69
C ASN A 400 -32.49 -7.80 18.47
N TYR A 401 -32.22 -8.98 17.92
CA TYR A 401 -31.37 -9.92 18.63
C TYR A 401 -29.96 -9.39 18.77
N ASN A 402 -29.36 -8.96 17.65
CA ASN A 402 -27.99 -8.46 17.69
C ASN A 402 -27.88 -7.29 18.64
N LEU A 403 -28.94 -6.51 18.80
CA LEU A 403 -28.87 -5.40 19.76
C LEU A 403 -29.07 -5.88 21.20
N TYR A 404 -29.98 -6.83 21.41
CA TYR A 404 -30.46 -7.17 22.74
C TYR A 404 -30.55 -8.68 23.00
N LYS A 405 -29.45 -9.42 22.80
CA LYS A 405 -29.39 -10.88 22.66
C LYS A 405 -30.55 -11.57 23.37
N GLU A 406 -30.80 -11.31 24.65
CA GLU A 406 -31.83 -12.08 25.32
C GLU A 406 -33.19 -11.41 25.25
N ASN A 407 -33.25 -10.09 25.24
CA ASN A 407 -34.50 -9.39 25.38
C ASN A 407 -35.27 -9.26 24.07
N ALA A 408 -34.92 -10.03 23.05
CA ALA A 408 -35.67 -10.06 21.80
C ALA A 408 -36.64 -11.23 21.74
N ALA A 409 -37.08 -11.71 22.89
CA ALA A 409 -37.94 -12.89 22.92
C ALA A 409 -39.27 -12.62 22.24
N GLU A 410 -39.81 -11.41 22.43
CA GLU A 410 -41.09 -11.10 21.80
C GLU A 410 -40.96 -11.11 20.28
N HIS A 411 -39.86 -10.59 19.77
CA HIS A 411 -39.65 -10.62 18.33
C HIS A 411 -39.46 -12.04 17.83
N LEU A 412 -38.82 -12.89 18.62
CA LEU A 412 -38.72 -14.29 18.25
C LEU A 412 -40.09 -14.95 18.18
N VAL A 413 -40.96 -14.63 19.14
CA VAL A 413 -42.31 -15.21 19.12
C VAL A 413 -43.07 -14.71 17.89
N THR A 414 -42.90 -13.44 17.57
CA THR A 414 -43.54 -12.92 16.36
C THR A 414 -43.03 -13.64 15.12
N LEU A 415 -41.72 -13.90 15.07
CA LEU A 415 -41.15 -14.62 13.94
C LEU A 415 -41.74 -16.02 13.83
N CYS A 416 -41.88 -16.71 14.96
CA CYS A 416 -42.43 -18.05 14.92
C CYS A 416 -43.88 -18.03 14.45
N LYS A 417 -44.67 -17.06 14.92
CA LYS A 417 -46.05 -16.95 14.45
C LYS A 417 -46.09 -16.67 12.95
N LYS A 418 -45.19 -15.83 12.48
CA LYS A 418 -45.13 -15.53 11.04
C LYS A 418 -44.78 -16.78 10.24
N ILE A 419 -43.84 -17.58 10.73
CA ILE A 419 -43.54 -18.85 10.06
C ILE A 419 -44.77 -19.72 10.04
N GLY A 420 -45.51 -19.75 11.15
CA GLY A 420 -46.68 -20.59 11.21
C GLY A 420 -47.74 -20.20 10.20
N GLU A 421 -48.02 -18.91 10.08
CA GLU A 421 -49.12 -18.52 9.20
C GLU A 421 -48.69 -18.48 7.75
N THR A 422 -47.41 -18.14 7.50
CA THR A 422 -46.92 -18.09 6.14
C THR A 422 -46.92 -19.46 5.49
N MET A 423 -46.61 -20.49 6.27
CA MET A 423 -46.49 -21.86 5.76
C MET A 423 -47.44 -22.75 6.55
N PRO A 424 -48.75 -22.55 6.39
CA PRO A 424 -49.71 -23.36 7.16
C PRO A 424 -49.67 -24.83 6.82
N PHE A 425 -49.09 -25.21 5.69
CA PHE A 425 -49.06 -26.62 5.32
C PHE A 425 -48.25 -27.43 6.32
N LEU A 426 -47.40 -26.78 7.11
CA LEU A 426 -46.66 -27.51 8.14
C LEU A 426 -47.60 -28.13 9.16
N PHE A 427 -48.79 -27.56 9.32
CA PHE A 427 -49.77 -28.09 10.26
C PHE A 427 -50.95 -28.75 9.57
N CYS A 428 -50.93 -28.86 8.25
CA CYS A 428 -51.96 -29.58 7.52
C CYS A 428 -51.63 -31.06 7.51
N ASP A 429 -52.62 -31.89 7.85
CA ASP A 429 -52.38 -33.32 7.96
C ASP A 429 -51.99 -33.91 6.61
N ASN A 430 -52.64 -33.46 5.54
CA ASN A 430 -52.35 -34.00 4.22
C ASN A 430 -50.90 -33.79 3.84
N PHE A 431 -50.40 -32.58 4.07
CA PHE A 431 -49.03 -32.27 3.70
C PHE A 431 -48.04 -33.07 4.53
N ILE A 432 -48.19 -33.04 5.85
CA ILE A 432 -47.31 -33.75 6.76
C ILE A 432 -48.16 -34.59 7.69
N PRO A 433 -48.07 -35.91 7.66
CA PRO A 433 -48.86 -36.74 8.56
C PRO A 433 -48.41 -36.57 10.00
N ASN A 434 -49.34 -36.76 10.93
CA ASN A 434 -49.02 -36.60 12.35
C ASN A 434 -48.06 -37.68 12.82
N GLY A 435 -47.17 -37.29 13.73
CA GLY A 435 -46.30 -38.23 14.39
C GLY A 435 -45.19 -38.80 13.53
N LYS A 436 -44.81 -38.12 12.46
CA LYS A 436 -43.74 -38.59 11.59
C LYS A 436 -42.54 -37.67 11.75
N ASP A 437 -41.37 -38.26 11.96
CA ASP A 437 -40.16 -37.46 12.09
C ASP A 437 -39.91 -36.68 10.81
N VAL A 438 -39.47 -35.43 10.97
CA VAL A 438 -39.34 -34.51 9.85
C VAL A 438 -37.89 -34.11 9.70
N LEU A 439 -37.39 -34.19 8.48
CA LEU A 439 -36.08 -33.67 8.12
C LEU A 439 -36.29 -32.43 7.26
N PHE A 440 -35.73 -31.30 7.70
CA PHE A 440 -35.84 -30.04 6.99
C PHE A 440 -34.55 -29.83 6.22
N VAL A 441 -34.67 -29.41 4.96
CA VAL A 441 -33.51 -29.02 4.17
C VAL A 441 -33.78 -27.61 3.68
N PRO A 442 -33.67 -26.60 4.53
CA PRO A 442 -34.09 -25.26 4.15
C PRO A 442 -33.19 -24.66 3.09
N HIS A 443 -33.74 -23.71 2.35
CA HIS A 443 -32.97 -22.92 1.42
C HIS A 443 -32.49 -21.68 2.15
N ASP A 444 -31.95 -20.73 1.41
CA ASP A 444 -30.89 -19.83 1.91
C ASP A 444 -31.26 -19.21 3.27
N PHE A 445 -32.19 -18.26 3.37
CA PHE A 445 -32.31 -17.68 4.70
C PHE A 445 -33.21 -18.53 5.56
N LEU A 446 -33.94 -19.45 4.94
CA LEU A 446 -34.68 -20.43 5.73
C LEU A 446 -33.73 -21.27 6.57
N HIS A 447 -32.44 -21.25 6.26
CA HIS A 447 -31.48 -21.93 7.13
C HIS A 447 -31.56 -21.37 8.54
N ARG A 448 -31.84 -20.09 8.68
CA ARG A 448 -31.73 -19.45 9.98
C ARG A 448 -33.05 -19.40 10.73
N LEU A 449 -34.15 -19.84 10.14
CA LEU A 449 -35.40 -19.83 10.84
C LEU A 449 -35.52 -21.06 11.74
N PRO A 450 -36.07 -20.90 12.93
CA PRO A 450 -36.32 -22.05 13.82
C PRO A 450 -37.64 -22.74 13.45
N LEU A 451 -37.61 -23.47 12.34
CA LEU A 451 -38.84 -24.06 11.80
C LEU A 451 -39.53 -24.95 12.82
N HIS A 452 -38.75 -25.68 13.62
CA HIS A 452 -39.36 -26.52 14.64
C HIS A 452 -40.09 -25.69 15.68
N GLY A 453 -39.81 -24.40 15.75
CA GLY A 453 -40.47 -23.53 16.69
C GLY A 453 -41.70 -22.86 16.12
N SER A 454 -42.13 -23.30 14.95
CA SER A 454 -43.32 -22.73 14.33
C SER A 454 -44.54 -23.05 15.19
N ILE A 455 -45.49 -22.13 15.22
CA ILE A 455 -46.74 -22.35 15.94
C ILE A 455 -47.91 -22.12 15.01
N GLU A 456 -48.94 -22.94 15.16
CA GLU A 456 -50.07 -22.94 14.25
C GLU A 456 -50.81 -21.62 14.30
N ASN A 457 -51.49 -21.29 13.21
CA ASN A 457 -52.17 -20.01 13.12
C ASN A 457 -53.47 -19.95 13.91
N LYS A 458 -53.98 -21.08 14.41
CA LYS A 458 -55.21 -21.01 15.17
C LYS A 458 -54.95 -20.34 16.52
N THR A 459 -56.02 -20.19 17.30
CA THR A 459 -55.96 -19.38 18.51
C THR A 459 -54.96 -19.94 19.51
N ASN A 460 -55.09 -21.22 19.85
CA ASN A 460 -54.15 -21.86 20.78
C ASN A 460 -53.13 -22.63 19.96
N GLY A 461 -52.26 -21.88 19.29
CA GLY A 461 -51.30 -22.49 18.39
C GLY A 461 -50.41 -23.47 19.12
N LYS A 462 -50.02 -24.53 18.42
CA LYS A 462 -49.18 -25.58 18.98
C LYS A 462 -47.83 -25.51 18.31
N LEU A 463 -46.77 -25.69 19.10
CA LEU A 463 -45.43 -25.76 18.54
C LEU A 463 -45.33 -26.94 17.58
N PHE A 464 -44.55 -26.74 16.52
CA PHE A 464 -44.30 -27.85 15.60
C PHE A 464 -43.62 -29.00 16.30
N LEU A 465 -42.67 -28.70 17.18
CA LEU A 465 -41.90 -29.76 17.83
C LEU A 465 -42.75 -30.58 18.78
N GLU A 466 -43.90 -30.06 19.20
CA GLU A 466 -44.73 -30.80 20.14
C GLU A 466 -45.25 -32.10 19.53
N ASN A 467 -45.28 -32.18 18.20
CA ASN A 467 -45.69 -33.39 17.52
C ASN A 467 -44.55 -34.09 16.81
N HIS A 468 -43.74 -33.35 16.05
CA HIS A 468 -42.81 -33.93 15.09
C HIS A 468 -41.39 -33.71 15.55
N SER A 469 -40.62 -34.79 15.62
CA SER A 469 -39.18 -34.64 15.81
C SER A 469 -38.57 -34.04 14.56
N CYS A 470 -37.55 -33.21 14.74
CA CYS A 470 -37.01 -32.44 13.64
C CYS A 470 -35.50 -32.62 13.56
N CYS A 471 -35.01 -32.75 12.32
CA CYS A 471 -33.59 -32.73 12.04
C CYS A 471 -33.35 -31.76 10.89
N TYR A 472 -32.11 -31.30 10.76
CA TYR A 472 -31.78 -30.31 9.75
C TYR A 472 -30.56 -30.76 8.96
N LEU A 473 -30.50 -30.31 7.71
CA LEU A 473 -29.37 -30.55 6.83
C LEU A 473 -29.13 -29.32 5.97
N PRO A 474 -27.88 -28.91 5.78
CA PRO A 474 -27.60 -27.84 4.83
C PRO A 474 -28.04 -28.17 3.42
N ALA A 475 -27.88 -29.42 3.02
CA ALA A 475 -28.31 -29.91 1.71
C ALA A 475 -28.39 -31.41 1.77
N TRP A 476 -29.29 -31.98 0.98
CA TRP A 476 -29.53 -33.43 1.07
C TRP A 476 -28.28 -34.23 0.80
N SER A 477 -27.35 -33.69 0.00
CA SER A 477 -26.15 -34.44 -0.33
C SER A 477 -25.26 -34.62 0.90
N PHE A 478 -25.55 -33.90 1.98
CA PHE A 478 -24.75 -34.05 3.19
C PHE A 478 -25.17 -35.26 4.01
N ALA A 479 -26.32 -35.85 3.72
CA ALA A 479 -26.73 -37.04 4.45
C ALA A 479 -25.75 -38.16 4.23
N SER A 480 -25.37 -38.83 5.31
CA SER A 480 -24.39 -39.91 5.26
C SER A 480 -25.07 -41.21 5.62
N GLU A 481 -25.15 -42.13 4.65
CA GLU A 481 -25.72 -43.45 4.92
C GLU A 481 -24.86 -44.21 5.92
N LYS A 482 -23.55 -44.11 5.78
CA LYS A 482 -22.65 -44.92 6.60
C LYS A 482 -22.84 -44.63 8.08
N GLU A 483 -22.97 -45.70 8.86
CA GLU A 483 -23.01 -45.62 10.32
C GLU A 483 -21.82 -46.41 10.84
N ALA A 484 -20.81 -45.69 11.32
CA ALA A 484 -19.59 -46.33 11.80
C ALA A 484 -19.73 -46.73 13.26
N SER A 485 -19.09 -47.84 13.61
CA SER A 485 -19.05 -48.27 15.00
C SER A 485 -18.23 -47.28 15.82
N THR A 486 -18.73 -46.95 17.00
CA THR A 486 -18.10 -45.96 17.85
C THR A 486 -17.98 -46.50 19.27
N SER A 487 -16.92 -46.07 19.96
CA SER A 487 -16.72 -46.45 21.35
C SER A 487 -17.75 -45.77 22.25
N ASP A 488 -17.61 -46.00 23.55
CA ASP A 488 -18.45 -45.34 24.53
C ASP A 488 -17.75 -44.18 25.23
N GLU A 489 -16.59 -43.75 24.72
CA GLU A 489 -15.90 -42.62 25.32
C GLU A 489 -16.68 -41.33 25.08
N TYR A 490 -16.75 -40.51 26.12
CA TYR A 490 -17.26 -39.15 26.01
C TYR A 490 -16.11 -38.20 26.22
N VAL A 491 -15.91 -37.28 25.29
CA VAL A 491 -14.74 -36.41 25.28
C VAL A 491 -15.21 -34.96 25.38
N LEU A 492 -14.53 -34.18 26.21
CA LEU A 492 -14.82 -32.76 26.38
C LEU A 492 -13.58 -31.95 26.04
N LEU A 493 -13.76 -30.92 25.22
CA LEU A 493 -12.74 -29.92 24.96
C LEU A 493 -13.32 -28.56 25.28
N LYS A 494 -12.73 -27.86 26.24
CA LYS A 494 -13.27 -26.60 26.73
C LYS A 494 -12.18 -25.55 26.75
N ASN A 495 -12.24 -24.61 25.82
CA ASN A 495 -11.39 -23.43 25.84
C ASN A 495 -12.18 -22.19 26.21
N PHE A 496 -13.38 -22.39 26.76
CA PHE A 496 -14.30 -21.28 26.99
C PHE A 496 -13.88 -20.52 28.24
N ASP A 497 -14.42 -19.31 28.39
CA ASP A 497 -14.04 -18.46 29.50
C ASP A 497 -14.42 -19.09 30.84
N GLN A 498 -13.60 -18.83 31.85
CA GLN A 498 -13.79 -19.44 33.15
C GLN A 498 -15.04 -18.89 33.83
N GLY A 499 -15.49 -19.60 34.86
CA GLY A 499 -16.71 -19.26 35.56
C GLY A 499 -17.94 -19.92 35.01
N HIS A 500 -17.86 -20.59 33.87
CA HIS A 500 -18.98 -21.27 33.26
C HIS A 500 -18.64 -22.74 33.08
N PHE A 501 -19.63 -23.61 33.30
CA PHE A 501 -19.45 -25.05 33.17
C PHE A 501 -18.37 -25.57 34.12
N GLU A 502 -18.15 -24.86 35.22
CA GLU A 502 -17.12 -25.30 36.17
C GLU A 502 -17.45 -26.66 36.75
N THR A 503 -18.72 -26.85 37.15
CA THR A 503 -19.15 -28.17 37.59
C THR A 503 -19.13 -29.17 36.45
N LEU A 504 -19.46 -28.70 35.24
CA LEU A 504 -19.50 -29.58 34.09
C LEU A 504 -18.13 -30.22 33.83
N GLN A 505 -17.06 -29.53 34.19
CA GLN A 505 -15.73 -30.09 34.00
C GLN A 505 -15.55 -31.38 34.80
N ASN A 506 -16.02 -31.38 36.04
CA ASN A 506 -15.79 -32.51 36.95
C ASN A 506 -17.01 -33.43 36.99
N ASN A 507 -17.29 -34.05 35.84
CA ASN A 507 -18.44 -34.95 35.72
C ASN A 507 -18.06 -36.41 35.77
N GLN A 508 -16.76 -36.72 35.75
CA GLN A 508 -16.26 -38.06 36.01
C GLN A 508 -16.59 -39.02 34.88
N ILE A 509 -17.41 -38.57 33.92
CA ILE A 509 -17.76 -39.44 32.80
C ILE A 509 -16.85 -39.17 31.60
N TRP A 510 -16.20 -38.02 31.60
CA TRP A 510 -15.37 -37.64 30.47
C TRP A 510 -14.16 -38.57 30.34
N GLY A 511 -13.81 -38.88 29.11
CA GLY A 511 -12.74 -39.82 28.83
C GLY A 511 -11.37 -39.19 29.05
N THR A 512 -10.35 -40.02 28.81
CA THR A 512 -8.98 -39.59 29.05
C THR A 512 -8.56 -38.52 28.05
N GLN A 513 -9.08 -38.59 26.82
CA GLN A 513 -8.70 -37.61 25.82
C GLN A 513 -9.27 -36.23 26.13
N SER A 514 -10.19 -36.13 27.09
CA SER A 514 -10.82 -34.85 27.39
C SER A 514 -9.80 -33.86 27.90
N VAL A 515 -9.88 -32.64 27.39
CA VAL A 515 -9.04 -31.53 27.84
C VAL A 515 -9.97 -30.54 28.53
N LYS A 516 -10.10 -30.70 29.85
CA LYS A 516 -11.15 -29.99 30.56
C LYS A 516 -10.95 -28.49 30.56
N ASP A 517 -9.76 -28.03 30.21
CA ASP A 517 -9.53 -26.60 30.06
C ASP A 517 -8.34 -26.37 29.16
N GLY A 518 -8.32 -25.20 28.52
CA GLY A 518 -7.22 -24.81 27.65
C GLY A 518 -7.03 -25.73 26.46
N ALA A 519 -8.12 -26.28 25.93
CA ALA A 519 -8.03 -27.13 24.76
C ALA A 519 -7.65 -26.31 23.54
N SER A 520 -6.78 -26.87 22.71
CA SER A 520 -6.28 -26.19 21.52
C SER A 520 -6.64 -27.00 20.29
N SER A 521 -6.29 -26.45 19.13
CA SER A 521 -6.63 -27.09 17.86
C SER A 521 -5.99 -28.46 17.75
N ASP A 522 -4.73 -28.59 18.20
CA ASP A 522 -4.05 -29.88 18.10
C ASP A 522 -4.78 -30.95 18.90
N ASP A 523 -5.36 -30.58 20.04
CA ASP A 523 -6.11 -31.54 20.83
C ASP A 523 -7.29 -32.09 20.04
N LEU A 524 -8.01 -31.22 19.34
CA LEU A 524 -9.10 -31.68 18.49
C LEU A 524 -8.57 -32.53 17.34
N GLU A 525 -7.42 -32.15 16.78
CA GLU A 525 -6.87 -32.89 15.65
C GLU A 525 -6.51 -34.32 16.04
N ASN A 526 -5.95 -34.51 17.23
CA ASN A 526 -5.47 -35.81 17.63
C ASN A 526 -6.54 -36.67 18.29
N ILE A 527 -7.79 -36.23 18.33
CA ILE A 527 -8.87 -37.10 18.79
C ILE A 527 -8.91 -38.32 17.89
N ARG A 528 -9.24 -39.48 18.46
CA ARG A 528 -9.18 -40.72 17.72
C ARG A 528 -10.11 -41.74 18.35
N ASN A 529 -10.34 -42.82 17.60
CA ASN A 529 -11.11 -44.00 17.98
C ASN A 529 -12.61 -43.74 18.03
N ASN A 530 -13.10 -42.66 17.41
CA ASN A 530 -14.52 -42.41 17.24
C ASN A 530 -15.26 -42.35 18.56
N PRO A 531 -15.09 -41.28 19.33
CA PRO A 531 -15.79 -41.17 20.62
C PRO A 531 -17.30 -41.15 20.41
N ARG A 532 -18.02 -41.66 21.41
CA ARG A 532 -19.47 -41.67 21.32
C ARG A 532 -20.05 -40.27 21.26
N LEU A 533 -19.48 -39.36 22.04
CA LEU A 533 -19.96 -37.98 22.09
C LEU A 533 -18.78 -37.08 22.38
N LEU A 534 -18.67 -36.00 21.62
CA LEU A 534 -17.65 -34.99 21.81
C LEU A 534 -18.32 -33.65 22.01
N THR A 535 -17.83 -32.86 22.96
CA THR A 535 -18.48 -31.62 23.37
C THR A 535 -17.45 -30.48 23.27
N ILE A 536 -17.43 -29.81 22.12
CA ILE A 536 -16.58 -28.63 21.99
C ILE A 536 -17.28 -27.46 22.65
N LEU A 537 -16.55 -26.74 23.50
CA LEU A 537 -17.10 -25.60 24.23
C LEU A 537 -16.14 -24.43 24.07
N CYS A 538 -16.42 -23.57 23.09
CA CYS A 538 -15.57 -22.43 22.81
C CYS A 538 -16.36 -21.40 22.02
N HIS A 539 -15.86 -20.17 22.01
CA HIS A 539 -16.51 -19.09 21.22
C HIS A 539 -16.15 -19.29 19.75
N GLY A 540 -16.93 -18.72 18.86
CA GLY A 540 -16.77 -18.83 17.42
C GLY A 540 -16.55 -17.48 16.78
N GLU A 541 -15.81 -17.47 15.68
CA GLU A 541 -15.67 -16.31 14.83
C GLU A 541 -16.02 -16.67 13.40
N ALA A 542 -16.76 -15.77 12.76
CA ALA A 542 -17.24 -15.97 11.41
C ALA A 542 -16.54 -15.00 10.48
N ASN A 543 -15.93 -15.53 9.43
CA ASN A 543 -15.35 -14.70 8.38
C ASN A 543 -16.47 -14.26 7.45
N MET A 544 -16.62 -12.96 7.29
CA MET A 544 -17.78 -12.43 6.57
C MET A 544 -17.80 -12.90 5.13
N SER A 545 -16.63 -12.96 4.49
CA SER A 545 -16.60 -13.28 3.06
C SER A 545 -16.42 -14.77 2.81
N ASN A 546 -15.42 -15.36 3.44
CA ASN A 546 -15.02 -16.73 3.12
C ASN A 546 -15.51 -17.70 4.19
N PRO A 547 -16.42 -18.61 3.86
CA PRO A 547 -16.83 -19.62 4.84
C PRO A 547 -15.71 -20.53 5.26
N PHE A 548 -14.63 -20.59 4.50
CA PHE A 548 -13.56 -21.53 4.82
C PHE A 548 -12.74 -21.06 6.02
N ARG A 549 -12.70 -19.76 6.25
CA ARG A 549 -11.87 -19.21 7.31
C ARG A 549 -12.62 -18.96 8.61
N SER A 550 -13.88 -19.37 8.70
CA SER A 550 -14.58 -19.28 9.97
C SER A 550 -13.88 -20.16 11.00
N MET A 551 -13.85 -19.69 12.24
CA MET A 551 -12.99 -20.28 13.25
C MET A 551 -13.77 -20.76 14.45
N LEU A 552 -13.32 -21.85 15.05
CA LEU A 552 -13.68 -22.24 16.40
C LEU A 552 -12.56 -21.79 17.32
N LYS A 553 -12.89 -20.97 18.32
CA LYS A 553 -11.87 -20.31 19.13
C LYS A 553 -11.25 -21.27 20.13
N LEU A 554 -10.63 -22.32 19.58
CA LEU A 554 -9.80 -23.17 20.40
C LEU A 554 -8.44 -22.52 20.61
N ALA A 555 -7.71 -23.00 21.61
CA ALA A 555 -6.42 -22.40 21.93
C ALA A 555 -5.42 -22.64 20.80
N ASN A 556 -4.24 -22.04 20.95
CA ASN A 556 -3.19 -22.15 19.95
C ASN A 556 -3.65 -21.61 18.59
N GLY A 557 -4.22 -20.42 18.59
CA GLY A 557 -4.68 -19.80 17.36
C GLY A 557 -6.12 -20.11 17.03
N GLY A 558 -6.43 -21.40 16.86
CA GLY A 558 -7.78 -21.79 16.55
C GLY A 558 -7.85 -22.85 15.46
N ILE A 559 -9.05 -23.22 15.05
CA ILE A 559 -9.27 -24.19 13.99
C ILE A 559 -10.25 -23.59 13.00
N THR A 560 -10.00 -23.79 11.72
CA THR A 560 -10.84 -23.21 10.68
C THR A 560 -11.52 -24.30 9.87
N TYR A 561 -12.69 -23.97 9.35
CA TYR A 561 -13.49 -24.90 8.54
C TYR A 561 -12.61 -25.74 7.62
N LEU A 562 -11.69 -25.11 6.91
CA LEU A 562 -10.78 -25.85 6.06
C LEU A 562 -9.92 -26.80 6.88
N GLU A 563 -9.47 -26.37 8.05
CA GLU A 563 -8.62 -27.24 8.87
C GLU A 563 -9.40 -28.42 9.42
N ILE A 564 -10.67 -28.23 9.78
CA ILE A 564 -11.48 -29.39 10.14
C ILE A 564 -11.60 -30.34 8.98
N LEU A 565 -11.84 -29.82 7.77
CA LEU A 565 -11.92 -30.70 6.61
C LEU A 565 -10.61 -31.45 6.39
N ASN A 566 -9.48 -30.81 6.68
CA ASN A 566 -8.20 -31.39 6.33
C ASN A 566 -7.74 -32.41 7.35
N SER A 567 -7.75 -32.06 8.64
CA SER A 567 -6.99 -32.80 9.64
C SER A 567 -7.83 -33.69 10.55
N VAL A 568 -9.02 -33.27 10.95
CA VAL A 568 -9.81 -34.01 11.93
C VAL A 568 -10.30 -35.29 11.26
N LYS A 569 -9.93 -36.45 11.82
CA LYS A 569 -10.25 -37.73 11.22
C LYS A 569 -10.77 -38.75 12.23
N GLY A 570 -10.94 -38.36 13.49
CA GLY A 570 -11.34 -39.28 14.53
C GLY A 570 -12.78 -39.22 14.94
N LEU A 571 -13.65 -38.58 14.16
CA LEU A 571 -15.03 -38.35 14.56
C LEU A 571 -16.03 -39.15 13.75
N LYS A 572 -15.60 -40.20 13.07
CA LYS A 572 -16.50 -40.95 12.21
C LYS A 572 -17.57 -41.65 13.03
N GLY A 573 -18.82 -41.28 12.77
CA GLY A 573 -19.95 -41.85 13.49
C GLY A 573 -20.22 -41.24 14.85
N SER A 574 -19.53 -40.16 15.20
CA SER A 574 -19.65 -39.57 16.51
C SER A 574 -20.77 -38.54 16.56
N GLN A 575 -21.27 -38.31 17.78
CA GLN A 575 -22.22 -37.24 18.06
C GLN A 575 -21.45 -36.05 18.61
N VAL A 576 -21.69 -34.88 18.06
CA VAL A 576 -20.98 -33.67 18.48
C VAL A 576 -21.99 -32.70 19.08
N ILE A 577 -21.69 -32.21 20.27
CA ILE A 577 -22.45 -31.12 20.88
C ILE A 577 -21.58 -29.88 20.86
N LEU A 578 -22.07 -28.83 20.24
CA LEU A 578 -21.25 -27.66 19.94
C LEU A 578 -21.77 -26.48 20.74
N GLY A 579 -20.86 -25.82 21.46
CA GLY A 579 -21.21 -24.70 22.29
C GLY A 579 -21.22 -23.35 21.62
N ALA A 580 -20.85 -23.27 20.35
CA ALA A 580 -20.90 -22.02 19.64
C ALA A 580 -22.34 -21.63 19.35
N CYS A 581 -22.54 -20.35 19.05
CA CYS A 581 -23.88 -19.78 18.97
C CYS A 581 -24.53 -19.92 17.60
N GLU A 582 -23.78 -20.27 16.56
CA GLU A 582 -24.27 -20.35 15.19
C GLU A 582 -24.58 -18.96 14.66
N THR A 583 -24.56 -17.96 15.55
CA THR A 583 -24.51 -16.58 15.10
C THR A 583 -23.08 -16.06 15.20
N ASP A 584 -22.27 -16.70 16.02
CA ASP A 584 -20.84 -16.45 16.01
C ASP A 584 -20.16 -17.24 14.91
N LEU A 585 -20.87 -18.20 14.33
CA LEU A 585 -20.24 -19.09 13.36
C LEU A 585 -20.44 -18.60 11.94
N VAL A 586 -21.55 -17.92 11.67
CA VAL A 586 -21.84 -17.44 10.32
C VAL A 586 -22.21 -15.97 10.37
N PRO A 587 -21.98 -15.22 9.29
CA PRO A 587 -22.25 -13.79 9.31
C PRO A 587 -23.74 -13.51 9.36
N PRO A 588 -24.14 -12.36 9.87
CA PRO A 588 -25.54 -11.96 9.76
C PRO A 588 -25.91 -11.67 8.33
N LEU A 589 -27.18 -11.84 8.00
CA LEU A 589 -27.63 -11.71 6.63
C LEU A 589 -27.79 -10.26 6.23
N SER A 590 -27.44 -9.96 4.98
CA SER A 590 -27.70 -8.66 4.40
C SER A 590 -28.60 -8.73 3.17
N ASP A 591 -29.08 -9.92 2.83
CA ASP A 591 -29.94 -10.10 1.67
C ASP A 591 -30.59 -11.47 1.77
N VAL A 592 -31.34 -11.82 0.72
CA VAL A 592 -32.05 -13.09 0.74
C VAL A 592 -31.08 -14.26 0.64
N MET A 593 -30.07 -14.13 -0.22
CA MET A 593 -29.16 -15.24 -0.49
C MET A 593 -28.30 -15.54 0.74
N ASP A 594 -28.18 -16.82 1.06
CA ASP A 594 -27.30 -17.29 2.13
C ASP A 594 -26.69 -18.62 1.70
N GLU A 595 -25.43 -18.58 1.30
CA GLU A 595 -24.69 -19.79 0.99
C GLU A 595 -23.74 -20.18 2.12
N HIS A 596 -23.57 -19.34 3.12
CA HIS A 596 -22.56 -19.59 4.13
C HIS A 596 -22.89 -20.83 4.95
N TYR A 597 -21.87 -21.66 5.18
CA TYR A 597 -22.01 -22.91 5.90
C TYR A 597 -21.32 -22.80 7.25
N SER A 598 -21.99 -23.26 8.29
CA SER A 598 -21.38 -23.26 9.60
C SER A 598 -20.34 -24.36 9.69
N VAL A 599 -19.53 -24.31 10.75
CA VAL A 599 -18.53 -25.34 10.98
C VAL A 599 -19.20 -26.69 11.21
N ALA A 600 -20.45 -26.70 11.66
CA ALA A 600 -21.18 -27.95 11.79
C ALA A 600 -21.29 -28.67 10.46
N THR A 601 -21.36 -27.92 9.37
CA THR A 601 -21.34 -28.55 8.05
C THR A 601 -20.03 -29.27 7.82
N ALA A 602 -18.92 -28.66 8.22
CA ALA A 602 -17.63 -29.33 8.10
C ALA A 602 -17.59 -30.59 8.95
N LEU A 603 -18.17 -30.53 10.15
CA LEU A 603 -18.19 -31.71 11.02
C LEU A 603 -19.02 -32.83 10.40
N LEU A 604 -20.13 -32.48 9.76
CA LEU A 604 -20.88 -33.50 9.02
C LEU A 604 -20.04 -34.06 7.89
N LEU A 605 -19.28 -33.21 7.20
CA LEU A 605 -18.49 -33.66 6.07
C LEU A 605 -17.41 -34.64 6.50
N ILE A 606 -16.78 -34.39 7.66
CA ILE A 606 -15.70 -35.26 8.10
C ILE A 606 -16.19 -36.55 8.74
N GLY A 607 -17.50 -36.77 8.80
CA GLY A 607 -18.04 -38.05 9.24
C GLY A 607 -18.83 -38.03 10.52
N ALA A 608 -19.09 -36.88 11.14
CA ALA A 608 -19.87 -36.87 12.37
C ALA A 608 -21.29 -37.33 12.10
N ALA A 609 -21.89 -37.97 13.11
CA ALA A 609 -23.23 -38.51 12.98
C ALA A 609 -24.30 -37.49 13.32
N GLY A 610 -23.93 -36.25 13.60
CA GLY A 610 -24.90 -35.24 13.95
C GLY A 610 -24.39 -34.23 14.95
N VAL A 611 -24.59 -32.95 14.67
CA VAL A 611 -24.13 -31.87 15.51
C VAL A 611 -25.33 -31.20 16.15
N VAL A 612 -25.35 -31.11 17.46
CA VAL A 612 -26.41 -30.43 18.19
C VAL A 612 -25.89 -29.05 18.59
N GLY A 613 -26.63 -28.01 18.20
CA GLY A 613 -26.12 -26.67 18.42
C GLY A 613 -27.22 -25.70 18.77
N THR A 614 -26.81 -24.48 19.07
CA THR A 614 -27.72 -23.40 19.44
C THR A 614 -27.86 -22.45 18.26
N MET A 615 -29.08 -22.04 17.96
CA MET A 615 -29.30 -21.09 16.87
C MET A 615 -28.88 -19.68 17.27
N TRP A 616 -28.80 -19.42 18.56
CA TRP A 616 -28.43 -18.09 19.05
C TRP A 616 -27.89 -18.22 20.46
N LYS A 617 -27.45 -17.10 21.02
CA LYS A 617 -26.81 -17.13 22.32
C LYS A 617 -27.83 -17.32 23.42
N VAL A 618 -27.53 -18.24 24.35
CA VAL A 618 -28.36 -18.49 25.52
C VAL A 618 -27.45 -18.58 26.74
N ARG A 619 -28.08 -18.65 27.90
CA ARG A 619 -27.32 -18.76 29.15
C ARG A 619 -26.49 -20.03 29.15
N SER A 620 -25.29 -19.92 29.71
CA SER A 620 -24.41 -21.09 29.80
C SER A 620 -25.05 -22.21 30.62
N ASN A 621 -25.91 -21.85 31.57
CA ASN A 621 -26.60 -22.86 32.35
C ASN A 621 -27.48 -23.73 31.48
N LYS A 622 -28.10 -23.15 30.47
CA LYS A 622 -28.94 -23.93 29.56
C LYS A 622 -28.11 -24.95 28.79
N THR A 623 -26.97 -24.54 28.26
CA THR A 623 -26.09 -25.46 27.56
C THR A 623 -25.62 -26.55 28.50
N LYS A 624 -25.29 -26.18 29.73
CA LYS A 624 -24.90 -27.17 30.73
C LYS A 624 -26.01 -28.19 30.95
N SER A 625 -27.26 -27.72 31.05
CA SER A 625 -28.36 -28.64 31.26
C SER A 625 -28.52 -29.59 30.10
N LEU A 626 -28.41 -29.07 28.87
CA LEU A 626 -28.52 -29.95 27.71
C LEU A 626 -27.40 -30.98 27.70
N ILE A 627 -26.18 -30.57 28.03
CA ILE A 627 -25.07 -31.51 28.02
C ILE A 627 -25.28 -32.58 29.08
N GLU A 628 -25.76 -32.19 30.27
CA GLU A 628 -26.09 -33.18 31.29
C GLU A 628 -27.13 -34.16 30.78
N TRP A 629 -28.20 -33.66 30.17
CA TRP A 629 -29.28 -34.52 29.72
C TRP A 629 -28.80 -35.50 28.66
N LYS A 630 -27.96 -35.03 27.74
CA LYS A 630 -27.41 -35.94 26.75
C LYS A 630 -26.48 -36.94 27.40
N LEU A 631 -25.68 -36.51 28.38
CA LEU A 631 -24.72 -37.40 29.01
C LEU A 631 -25.43 -38.55 29.72
N GLU A 632 -26.53 -38.26 30.41
CA GLU A 632 -27.17 -39.32 31.19
C GLU A 632 -27.73 -40.40 30.28
N ASN A 633 -28.18 -40.04 29.07
CA ASN A 633 -28.46 -41.05 28.04
C ASN A 633 -28.47 -40.38 26.67
N ILE A 634 -27.87 -41.06 25.69
CA ILE A 634 -27.71 -40.50 24.36
C ILE A 634 -28.99 -40.64 23.54
N GLU A 635 -29.55 -41.84 23.49
CA GLU A 635 -30.58 -42.17 22.52
C GLU A 635 -31.92 -41.52 22.90
N TYR A 636 -31.93 -40.20 22.82
CA TYR A 636 -33.15 -39.43 23.03
C TYR A 636 -33.38 -38.46 21.90
N LYS A 637 -34.63 -37.99 21.84
CA LYS A 637 -35.06 -37.03 20.83
C LYS A 637 -35.04 -35.63 21.46
N LEU A 638 -34.48 -34.67 20.72
CA LEU A 638 -34.37 -33.32 21.27
C LEU A 638 -35.73 -32.72 21.57
N ASN A 639 -36.73 -33.00 20.75
CA ASN A 639 -38.03 -32.38 20.93
C ASN A 639 -38.62 -32.72 22.28
N GLU A 640 -38.34 -33.92 22.80
CA GLU A 640 -38.76 -34.26 24.14
C GLU A 640 -38.21 -33.26 25.15
N TRP A 641 -36.88 -33.26 25.31
CA TRP A 641 -36.24 -32.39 26.30
C TRP A 641 -36.67 -30.95 26.13
N GLN A 642 -36.94 -30.53 24.89
CA GLN A 642 -37.49 -29.21 24.69
C GLN A 642 -38.91 -29.11 25.24
N LYS A 643 -39.70 -30.18 25.12
CA LYS A 643 -41.07 -30.13 25.61
C LYS A 643 -41.12 -30.04 27.13
N GLU A 644 -40.40 -30.91 27.84
CA GLU A 644 -40.52 -30.83 29.30
C GLU A 644 -39.88 -29.56 29.85
N THR A 645 -38.84 -29.05 29.20
CA THR A 645 -38.14 -27.90 29.74
C THR A 645 -38.75 -26.61 29.17
N GLY A 646 -40.06 -26.50 29.37
CA GLY A 646 -40.78 -25.28 29.05
C GLY A 646 -40.69 -24.83 27.61
N GLY A 647 -40.66 -25.78 26.67
CA GLY A 647 -40.65 -25.40 25.27
C GLY A 647 -41.93 -24.73 24.83
N ALA A 648 -43.07 -25.30 25.23
CA ALA A 648 -44.37 -24.77 24.84
C ALA A 648 -44.84 -23.75 25.88
N ALA A 649 -44.09 -22.65 25.93
CA ALA A 649 -44.37 -21.59 26.89
C ALA A 649 -44.21 -20.22 26.25
N TYR A 650 -44.53 -20.10 24.97
CA TYR A 650 -44.34 -18.82 24.29
C TYR A 650 -45.30 -17.76 24.83
N LYS A 651 -46.53 -18.15 25.13
CA LYS A 651 -47.55 -17.17 25.44
C LYS A 651 -47.36 -16.58 26.83
N ASP A 652 -46.85 -17.37 27.78
CA ASP A 652 -46.79 -16.88 29.16
C ASP A 652 -45.43 -16.28 29.48
N HIS A 653 -44.35 -17.01 29.25
CA HIS A 653 -43.01 -16.53 29.57
C HIS A 653 -42.13 -16.67 28.34
N PRO A 654 -42.03 -15.63 27.53
CA PRO A 654 -41.26 -15.71 26.28
C PRO A 654 -39.81 -16.11 26.49
N PRO A 655 -39.11 -15.65 27.54
CA PRO A 655 -37.69 -16.03 27.67
C PRO A 655 -37.45 -17.52 27.74
N THR A 656 -38.31 -18.27 28.44
CA THR A 656 -38.12 -19.72 28.47
C THR A 656 -38.27 -20.33 27.09
N PHE A 657 -39.25 -19.84 26.32
CA PHE A 657 -39.42 -20.27 24.94
C PHE A 657 -38.19 -19.95 24.12
N TYR A 658 -37.63 -18.75 24.30
CA TYR A 658 -36.44 -18.33 23.58
C TYR A 658 -35.27 -19.24 23.89
N ARG A 659 -35.13 -19.65 25.14
CA ARG A 659 -34.04 -20.55 25.50
C ARG A 659 -34.29 -21.96 25.01
N SER A 660 -35.55 -22.40 25.01
CA SER A 660 -35.85 -23.78 24.68
C SER A 660 -35.70 -24.05 23.19
N ILE A 661 -36.26 -23.21 22.34
CA ILE A 661 -36.33 -23.56 20.92
C ILE A 661 -35.01 -23.24 20.23
N ALA A 662 -34.00 -22.85 21.00
CA ALA A 662 -32.73 -22.44 20.43
C ALA A 662 -31.90 -23.61 19.93
N PHE A 663 -32.29 -24.84 20.22
CA PHE A 663 -31.44 -26.00 20.00
C PHE A 663 -31.91 -26.77 18.77
N ARG A 664 -30.99 -27.04 17.85
CA ARG A 664 -31.29 -27.72 16.61
C ARG A 664 -30.27 -28.83 16.39
N SER A 665 -30.73 -29.92 15.79
CA SER A 665 -29.89 -31.06 15.49
C SER A 665 -29.65 -31.13 13.99
N ILE A 666 -28.41 -30.91 13.58
CA ILE A 666 -28.03 -30.84 12.18
C ILE A 666 -27.36 -32.17 11.84
N GLY A 667 -27.95 -32.93 10.93
CA GLY A 667 -27.38 -34.20 10.54
C GLY A 667 -28.42 -35.30 10.51
N PHE A 668 -28.40 -36.11 9.46
CA PHE A 668 -29.40 -37.17 9.26
C PHE A 668 -28.69 -38.48 8.93
N PRO A 669 -28.12 -39.14 9.94
CA PRO A 669 -27.46 -40.42 9.70
C PRO A 669 -28.48 -41.51 9.43
N LEU A 670 -28.03 -42.55 8.72
CA LEU A 670 -28.86 -43.72 8.47
C LEU A 670 -28.21 -44.97 9.02
N MET B 1 -45.35 30.43 17.36
CA MET B 1 -45.93 29.81 16.18
C MET B 1 -44.96 29.85 15.01
N ASN B 2 -44.10 30.87 14.98
CA ASN B 2 -43.10 31.03 13.93
C ASN B 2 -41.73 31.05 14.60
N ILE B 3 -41.15 29.87 14.79
CA ILE B 3 -39.82 29.80 15.38
C ILE B 3 -38.79 30.14 14.32
N THR B 4 -37.78 30.92 14.71
CA THR B 4 -36.66 31.23 13.85
C THR B 4 -35.42 30.57 14.41
N VAL B 5 -34.85 29.64 13.66
CA VAL B 5 -33.76 28.83 14.18
C VAL B 5 -32.48 29.12 13.40
N GLU B 6 -31.37 29.04 14.11
CA GLU B 6 -30.05 29.15 13.52
C GLU B 6 -29.36 27.80 13.67
N LEU B 7 -28.57 27.45 12.68
CA LEU B 7 -27.84 26.20 12.68
C LEU B 7 -26.37 26.53 12.51
N THR B 8 -25.57 26.20 13.49
CA THR B 8 -24.16 26.55 13.52
C THR B 8 -23.33 25.28 13.40
N PHE B 9 -22.35 25.30 12.51
CA PHE B 9 -21.47 24.16 12.30
C PHE B 9 -20.18 24.38 13.07
N PHE B 10 -19.69 23.33 13.69
CA PHE B 10 -18.46 23.38 14.46
C PHE B 10 -17.36 22.54 13.86
N GLU B 11 -17.45 22.24 12.57
CA GLU B 11 -16.55 21.30 11.92
C GLU B 11 -16.85 21.33 10.44
N PRO B 12 -15.83 21.18 9.59
CA PRO B 12 -16.05 21.33 8.14
C PRO B 12 -17.15 20.42 7.63
N TYR B 13 -18.21 21.03 7.11
CA TYR B 13 -19.37 20.31 6.62
C TYR B 13 -19.32 20.17 5.12
N ARG B 14 -20.07 19.21 4.60
CA ARG B 14 -19.96 18.84 3.20
C ARG B 14 -21.04 19.51 2.37
N LEU B 15 -20.76 19.63 1.08
CA LEU B 15 -21.56 20.42 0.16
C LEU B 15 -21.60 19.71 -1.18
N VAL B 16 -22.68 19.94 -1.94
CA VAL B 16 -22.85 19.27 -3.22
C VAL B 16 -23.74 20.11 -4.11
N GLU B 17 -23.53 19.98 -5.42
CA GLU B 17 -24.32 20.74 -6.39
C GLU B 17 -25.78 20.30 -6.36
N TRP B 18 -26.66 21.23 -6.67
CA TRP B 18 -28.09 21.02 -6.54
C TRP B 18 -28.71 20.59 -7.85
N PHE B 19 -29.47 19.49 -7.81
CA PHE B 19 -30.30 19.06 -8.92
C PHE B 19 -31.67 18.70 -8.38
N ASP B 20 -32.71 19.01 -9.15
CA ASP B 20 -34.04 18.65 -8.71
C ASP B 20 -34.19 17.13 -8.71
N TRP B 21 -35.30 16.66 -8.13
CA TRP B 21 -35.42 15.23 -7.87
C TRP B 21 -35.30 14.40 -9.13
N ASP B 22 -35.76 14.94 -10.26
CA ASP B 22 -35.72 14.16 -11.50
C ASP B 22 -34.32 14.15 -12.09
N ALA B 23 -33.72 15.32 -12.28
CA ALA B 23 -32.39 15.38 -12.88
C ALA B 23 -31.32 14.80 -11.96
N ARG B 24 -31.62 14.68 -10.66
CA ARG B 24 -30.63 14.16 -9.74
C ARG B 24 -30.29 12.71 -10.04
N LYS B 25 -31.19 12.00 -10.72
CA LYS B 25 -30.92 10.62 -11.08
C LYS B 25 -29.69 10.51 -11.97
N LYS B 26 -29.50 11.48 -12.86
CA LYS B 26 -28.38 11.42 -13.79
C LYS B 26 -27.06 11.62 -13.07
N SER B 27 -26.98 12.58 -12.15
CA SER B 27 -25.74 12.92 -11.50
C SER B 27 -25.52 11.98 -10.32
N HIS B 28 -24.60 11.03 -10.50
CA HIS B 28 -24.26 10.10 -9.44
C HIS B 28 -23.67 10.82 -8.22
N SER B 29 -22.91 11.89 -8.44
CA SER B 29 -22.40 12.66 -7.32
C SER B 29 -23.52 13.26 -6.48
N ALA B 30 -24.45 13.97 -7.13
CA ALA B 30 -25.53 14.59 -6.40
C ALA B 30 -26.41 13.54 -5.73
N MET B 31 -26.58 12.40 -6.38
CA MET B 31 -27.39 11.34 -5.78
C MET B 31 -26.72 10.76 -4.56
N ARG B 32 -25.39 10.73 -4.54
CA ARG B 32 -24.72 10.29 -3.32
C ARG B 32 -24.74 11.37 -2.25
N GLY B 33 -24.84 12.63 -2.63
CA GLY B 33 -24.77 13.68 -1.65
C GLY B 33 -26.09 14.26 -1.20
N GLN B 34 -27.09 13.40 -0.98
CA GLN B 34 -28.42 13.92 -0.65
C GLN B 34 -28.46 14.47 0.77
N ALA B 35 -27.60 13.96 1.66
CA ALA B 35 -27.63 14.43 3.04
C ALA B 35 -26.83 15.71 3.22
N PHE B 36 -26.04 16.08 2.22
CA PHE B 36 -25.18 17.25 2.35
C PHE B 36 -25.97 18.54 2.17
N ALA B 37 -25.32 19.66 2.46
CA ALA B 37 -25.84 20.95 2.08
C ALA B 37 -25.75 21.13 0.57
N GLN B 38 -26.71 21.84 0.00
CA GLN B 38 -26.84 21.93 -1.43
C GLN B 38 -26.39 23.29 -1.93
N TRP B 39 -25.58 23.27 -2.98
CA TRP B 39 -25.08 24.47 -3.64
C TRP B 39 -25.78 24.63 -4.97
N THR B 40 -26.25 25.84 -5.25
CA THR B 40 -26.92 26.14 -6.50
C THR B 40 -26.17 27.23 -7.23
N TRP B 41 -26.08 27.10 -8.55
CA TRP B 41 -25.43 28.11 -9.36
C TRP B 41 -26.35 29.30 -9.56
N LYS B 42 -25.79 30.50 -9.52
CA LYS B 42 -26.55 31.70 -9.74
C LYS B 42 -25.78 32.58 -10.72
N GLY B 43 -26.52 33.25 -11.59
CA GLY B 43 -25.90 33.96 -12.68
C GLY B 43 -25.48 33.00 -13.78
N LYS B 44 -24.64 33.51 -14.66
CA LYS B 44 -24.17 32.77 -15.83
C LYS B 44 -22.74 32.29 -15.57
N GLY B 45 -22.45 31.08 -16.00
CA GLY B 45 -21.12 30.55 -15.77
C GLY B 45 -20.99 29.92 -14.39
N ARG B 46 -20.31 28.77 -14.35
CA ARG B 46 -20.20 28.01 -13.12
C ARG B 46 -19.11 28.63 -12.24
N THR B 47 -19.43 29.82 -11.74
CA THR B 47 -18.46 30.56 -10.94
C THR B 47 -19.04 31.08 -9.62
N ALA B 48 -20.33 31.38 -9.60
CA ALA B 48 -20.94 32.00 -8.43
C ALA B 48 -22.30 31.37 -8.17
N GLY B 49 -22.73 31.45 -6.92
CA GLY B 49 -24.04 30.90 -6.57
C GLY B 49 -24.33 31.11 -5.11
N LYS B 50 -25.25 30.29 -4.62
CA LYS B 50 -25.67 30.34 -3.23
C LYS B 50 -25.64 28.94 -2.65
N SER B 51 -25.66 28.87 -1.32
CA SER B 51 -25.65 27.60 -0.61
C SER B 51 -26.78 27.58 0.38
N PHE B 52 -27.37 26.41 0.59
CA PHE B 52 -28.50 26.29 1.50
C PHE B 52 -28.62 24.85 1.96
N ILE B 53 -29.59 24.61 2.84
CA ILE B 53 -29.89 23.30 3.37
C ILE B 53 -31.39 23.08 3.26
N THR B 54 -31.79 21.98 2.63
CA THR B 54 -33.20 21.75 2.39
C THR B 54 -33.93 21.53 3.70
N GLY B 55 -35.11 22.16 3.82
CA GLY B 55 -35.89 21.99 5.03
C GLY B 55 -36.27 20.56 5.28
N THR B 56 -36.37 19.75 4.21
CA THR B 56 -36.69 18.34 4.37
C THR B 56 -35.60 17.63 5.15
N LEU B 57 -34.33 17.94 4.89
CA LEU B 57 -33.26 17.28 5.61
C LEU B 57 -33.28 17.65 7.09
N VAL B 58 -33.52 18.92 7.40
CA VAL B 58 -33.65 19.33 8.79
C VAL B 58 -34.82 18.61 9.44
N ARG B 59 -35.92 18.47 8.70
CA ARG B 59 -37.06 17.72 9.23
C ARG B 59 -36.69 16.28 9.53
N SER B 60 -35.91 15.66 8.66
CA SER B 60 -35.49 14.28 8.90
C SER B 60 -34.65 14.19 10.16
N ALA B 61 -33.72 15.12 10.34
CA ALA B 61 -32.90 15.11 11.55
C ALA B 61 -33.77 15.30 12.79
N VAL B 62 -34.72 16.22 12.72
CA VAL B 62 -35.59 16.47 13.87
C VAL B 62 -36.44 15.25 14.17
N ILE B 63 -36.92 14.55 13.13
CA ILE B 63 -37.72 13.36 13.35
C ILE B 63 -36.90 12.28 14.01
N LYS B 64 -35.67 12.08 13.56
CA LYS B 64 -34.80 11.12 14.21
C LYS B 64 -34.59 11.47 15.67
N ALA B 65 -34.33 12.75 15.95
CA ALA B 65 -34.12 13.16 17.33
C ALA B 65 -35.37 12.95 18.17
N VAL B 66 -36.54 13.23 17.60
CA VAL B 66 -37.78 13.04 18.36
C VAL B 66 -37.96 11.59 18.72
N GLU B 67 -37.77 10.68 17.75
CA GLU B 67 -37.98 9.28 18.06
C GLU B 67 -36.95 8.78 19.05
N GLU B 68 -35.72 9.30 18.97
CA GLU B 68 -34.70 8.87 19.92
C GLU B 68 -35.03 9.36 21.33
N LEU B 69 -35.46 10.62 21.45
CA LEU B 69 -35.87 11.13 22.75
C LEU B 69 -37.02 10.33 23.32
N LEU B 70 -38.01 10.03 22.49
CA LEU B 70 -39.16 9.28 22.97
C LEU B 70 -38.76 7.87 23.40
N SER B 71 -37.84 7.26 22.68
CA SER B 71 -37.36 5.94 23.07
C SER B 71 -36.63 5.99 24.40
N LEU B 72 -35.83 7.03 24.63
CA LEU B 72 -35.11 7.13 25.89
C LEU B 72 -36.08 7.21 27.07
N ASN B 73 -37.14 7.99 26.94
CA ASN B 73 -38.10 8.17 28.01
C ASN B 73 -39.25 7.19 27.92
N ASN B 74 -39.11 6.16 27.08
CA ASN B 74 -40.11 5.10 26.98
C ASN B 74 -41.44 5.62 26.47
N GLY B 75 -41.40 6.34 25.34
CA GLY B 75 -42.62 6.74 24.68
C GLY B 75 -43.40 7.83 25.37
N LYS B 76 -42.78 8.60 26.25
CA LYS B 76 -43.45 9.67 26.96
C LYS B 76 -42.59 10.91 26.91
N TRP B 77 -43.22 12.08 26.95
CA TRP B 77 -42.49 13.34 27.05
C TRP B 77 -43.27 14.27 27.96
N GLU B 78 -42.80 14.41 29.20
CA GLU B 78 -43.52 15.15 30.23
C GLU B 78 -44.96 14.65 30.37
N GLY B 79 -45.11 13.34 30.58
CA GLY B 79 -46.38 12.78 30.95
C GLY B 79 -47.37 12.61 29.82
N VAL B 80 -46.99 12.91 28.59
CA VAL B 80 -47.87 12.73 27.44
C VAL B 80 -47.41 11.48 26.70
N PRO B 81 -48.11 10.36 26.81
CA PRO B 81 -47.72 9.18 26.07
C PRO B 81 -47.89 9.37 24.58
N CYS B 82 -47.04 8.71 23.82
CA CYS B 82 -47.03 8.86 22.37
C CYS B 82 -47.08 7.48 21.71
N CYS B 83 -47.86 7.39 20.64
CA CYS B 83 -47.94 6.15 19.89
C CYS B 83 -46.64 5.92 19.13
N ASN B 84 -46.61 4.85 18.34
CA ASN B 84 -45.38 4.49 17.66
C ASN B 84 -45.16 5.26 16.38
N GLY B 85 -46.10 6.09 15.98
CA GLY B 85 -45.98 6.78 14.72
C GLY B 85 -46.12 5.84 13.55
N SER B 86 -45.97 6.40 12.36
CA SER B 86 -46.08 5.63 11.13
C SER B 86 -44.91 5.95 10.23
N PHE B 87 -44.35 4.92 9.59
CA PHE B 87 -43.21 5.11 8.71
C PHE B 87 -43.30 4.26 7.45
N GLN B 88 -44.48 3.76 7.13
CA GLN B 88 -44.67 2.90 5.97
C GLN B 88 -45.73 3.49 5.06
N THR B 89 -45.48 3.46 3.76
CA THR B 89 -46.38 4.03 2.78
C THR B 89 -46.92 2.93 1.88
N ASP B 90 -48.22 3.01 1.56
CA ASP B 90 -48.92 1.89 0.96
C ASP B 90 -48.43 1.59 -0.46
N GLU B 91 -48.16 2.63 -1.24
CA GLU B 91 -47.79 2.52 -2.66
C GLU B 91 -48.99 2.12 -3.51
N SER B 92 -50.09 1.76 -2.86
CA SER B 92 -51.32 1.53 -3.60
C SER B 92 -52.25 2.72 -3.47
N LYS B 93 -52.14 3.46 -2.38
CA LYS B 93 -52.97 4.63 -2.13
C LYS B 93 -52.24 5.94 -2.38
N GLY B 94 -50.94 5.90 -2.68
CA GLY B 94 -50.22 7.12 -2.93
C GLY B 94 -48.78 6.84 -3.28
N LYS B 95 -48.12 7.85 -3.84
CA LYS B 95 -46.72 7.73 -4.19
C LYS B 95 -45.87 7.69 -2.93
N LYS B 96 -44.73 7.01 -3.04
CA LYS B 96 -43.83 6.89 -1.90
C LYS B 96 -43.09 8.20 -1.67
N PRO B 97 -42.52 8.39 -0.49
CA PRO B 97 -41.78 9.62 -0.22
C PRO B 97 -40.59 9.79 -1.15
N SER B 98 -40.08 11.02 -1.22
CA SER B 98 -38.90 11.26 -2.03
C SER B 98 -37.70 10.48 -1.52
N PHE B 99 -37.56 10.40 -0.20
CA PHE B 99 -36.49 9.64 0.43
C PHE B 99 -37.09 8.47 1.19
N LEU B 100 -36.43 7.32 1.13
CA LEU B 100 -36.91 6.11 1.78
C LEU B 100 -35.93 5.70 2.86
N ARG B 101 -36.46 5.23 3.99
CA ARG B 101 -35.63 4.91 5.14
C ARG B 101 -35.05 3.50 5.01
N LYS B 102 -33.79 3.35 5.38
CA LYS B 102 -33.17 2.04 5.49
C LYS B 102 -32.78 1.69 6.92
N ARG B 103 -32.57 2.66 7.77
CA ARG B 103 -32.09 2.39 9.12
C ARG B 103 -33.20 1.78 9.97
N HIS B 104 -32.80 1.21 11.09
CA HIS B 104 -33.77 0.67 12.04
C HIS B 104 -34.55 1.81 12.68
N THR B 105 -35.81 1.54 12.99
CA THR B 105 -36.69 2.52 13.60
C THR B 105 -36.97 2.11 15.04
N LEU B 106 -36.63 2.98 15.98
CA LEU B 106 -36.91 2.70 17.38
C LEU B 106 -38.40 2.75 17.62
N GLN B 107 -38.89 1.80 18.41
CA GLN B 107 -40.30 1.74 18.75
C GLN B 107 -40.46 1.37 20.21
N TRP B 108 -41.45 1.96 20.86
CA TRP B 108 -41.76 1.66 22.24
C TRP B 108 -43.10 0.93 22.31
N GLN B 109 -43.56 0.67 23.52
CA GLN B 109 -44.85 0.02 23.75
C GLN B 109 -45.93 1.09 23.76
N ALA B 110 -46.82 1.05 22.77
CA ALA B 110 -47.84 2.09 22.66
C ALA B 110 -48.79 2.05 23.84
N ASN B 111 -49.05 3.22 24.42
CA ASN B 111 -49.94 3.34 25.56
C ASN B 111 -50.96 4.46 25.44
N ASN B 112 -51.04 5.13 24.28
CA ASN B 112 -52.09 6.12 24.08
C ASN B 112 -53.45 5.47 24.15
N LYS B 113 -54.40 6.15 24.77
CA LYS B 113 -55.70 5.54 25.04
C LYS B 113 -56.44 5.20 23.76
N ASN B 114 -56.40 6.10 22.78
CA ASN B 114 -57.15 5.93 21.54
C ASN B 114 -56.23 6.14 20.34
N ILE B 115 -56.62 5.58 19.20
CA ILE B 115 -55.81 5.67 18.00
C ILE B 115 -55.74 7.11 17.54
N CYS B 116 -54.55 7.55 17.15
CA CYS B 116 -54.36 8.90 16.65
C CYS B 116 -55.09 9.08 15.33
N ASP B 117 -55.72 10.24 15.17
CA ASP B 117 -56.47 10.56 13.96
C ASP B 117 -56.42 12.06 13.74
N LYS B 118 -57.31 12.54 12.86
CA LYS B 118 -57.31 13.97 12.54
C LYS B 118 -57.69 14.81 13.75
N GLU B 119 -58.68 14.36 14.53
CA GLU B 119 -59.21 15.19 15.60
C GLU B 119 -58.25 15.32 16.75
N GLU B 120 -57.65 14.20 17.17
CA GLU B 120 -56.66 14.20 18.24
C GLU B 120 -55.49 13.33 17.82
N ALA B 121 -54.28 13.73 18.19
CA ALA B 121 -53.08 13.00 17.84
C ALA B 121 -52.02 13.21 18.90
N CYS B 122 -51.14 12.23 19.03
CA CYS B 122 -50.03 12.36 19.95
C CYS B 122 -49.05 13.39 19.40
N PRO B 123 -48.22 13.97 20.27
CA PRO B 123 -47.22 14.92 19.79
C PRO B 123 -46.33 14.37 18.70
N PHE B 124 -46.00 13.09 18.76
CA PHE B 124 -45.18 12.48 17.72
C PHE B 124 -45.91 12.51 16.38
N CYS B 125 -47.20 12.18 16.38
CA CYS B 125 -47.98 12.25 15.16
C CYS B 125 -48.07 13.67 14.63
N ILE B 126 -48.23 14.64 15.52
CA ILE B 126 -48.32 16.03 15.09
C ILE B 126 -47.03 16.46 14.42
N LEU B 127 -45.89 16.14 15.04
CA LEU B 127 -44.62 16.52 14.45
C LEU B 127 -44.38 15.81 13.12
N LEU B 128 -44.78 14.54 13.03
CA LEU B 128 -44.62 13.84 11.76
C LEU B 128 -45.45 14.49 10.66
N GLY B 129 -46.65 14.94 11.01
CA GLY B 129 -47.55 15.49 10.02
C GLY B 129 -48.47 14.48 9.38
N ARG B 130 -48.84 13.41 10.09
CA ARG B 130 -49.67 12.38 9.49
C ARG B 130 -51.04 12.93 9.09
N PHE B 131 -51.62 13.76 9.94
CA PHE B 131 -53.00 14.19 9.75
C PHE B 131 -53.14 15.65 9.41
N ASP B 132 -52.09 16.28 8.89
CA ASP B 132 -52.20 17.63 8.39
C ASP B 132 -52.95 17.65 7.07
N ASN B 133 -53.17 18.85 6.54
CA ASN B 133 -53.77 18.94 5.22
C ASN B 133 -52.76 18.76 4.11
N ALA B 134 -51.49 19.04 4.38
CA ALA B 134 -50.47 18.93 3.36
C ALA B 134 -50.17 17.48 3.05
N GLY B 135 -49.63 17.25 1.86
CA GLY B 135 -49.35 15.90 1.41
C GLY B 135 -48.04 15.77 0.69
N LYS B 136 -47.98 14.88 -0.29
CA LYS B 136 -46.72 14.64 -0.99
C LYS B 136 -46.33 15.82 -1.86
N VAL B 137 -47.30 16.49 -2.48
CA VAL B 137 -47.04 17.60 -3.38
C VAL B 137 -47.29 18.90 -2.63
N HIS B 138 -46.31 19.79 -2.63
CA HIS B 138 -46.46 21.06 -1.94
C HIS B 138 -47.47 21.93 -2.65
N GLU B 139 -48.40 22.49 -1.89
CA GLU B 139 -49.51 23.18 -2.53
C GLU B 139 -49.66 24.63 -2.08
N ARG B 140 -49.68 24.90 -0.77
CA ARG B 140 -49.91 26.27 -0.31
C ARG B 140 -49.03 26.73 0.84
N ASN B 141 -48.30 25.84 1.50
CA ASN B 141 -47.42 26.16 2.63
C ASN B 141 -48.22 26.61 3.84
N LYS B 142 -49.54 26.71 3.75
CA LYS B 142 -50.40 26.93 4.90
C LYS B 142 -51.02 25.66 5.43
N ASP B 143 -51.11 24.62 4.60
CA ASP B 143 -51.72 23.38 5.02
C ASP B 143 -50.92 22.69 6.12
N TYR B 144 -49.60 22.85 6.10
CA TYR B 144 -48.75 22.13 7.03
C TYR B 144 -49.07 22.52 8.47
N ASP B 145 -49.24 21.52 9.33
CA ASP B 145 -49.28 21.79 10.76
C ASP B 145 -47.89 22.11 11.28
N ILE B 146 -46.88 21.45 10.75
CA ILE B 146 -45.49 21.81 11.00
C ILE B 146 -44.81 21.94 9.66
N HIS B 147 -44.08 23.04 9.46
CA HIS B 147 -43.40 23.33 8.21
C HIS B 147 -41.97 23.72 8.50
N PHE B 148 -41.05 23.13 7.75
CA PHE B 148 -39.63 23.43 7.86
C PHE B 148 -39.20 24.18 6.61
N SER B 149 -39.05 25.48 6.71
CA SER B 149 -38.59 26.23 5.55
C SER B 149 -37.13 25.90 5.25
N ASN B 150 -36.70 26.27 4.05
CA ASN B 150 -35.31 26.03 3.67
C ASN B 150 -34.39 26.90 4.50
N PHE B 151 -33.17 26.42 4.70
CA PHE B 151 -32.19 27.09 5.54
C PHE B 151 -31.14 27.75 4.65
N ASP B 152 -30.97 29.05 4.80
CA ASP B 152 -30.12 29.84 3.93
C ASP B 152 -28.85 30.25 4.64
N LEU B 153 -27.75 30.26 3.90
CA LEU B 153 -26.48 30.70 4.46
C LEU B 153 -26.57 32.14 4.93
N ASP B 154 -25.94 32.42 6.06
CA ASP B 154 -25.91 33.76 6.63
C ASP B 154 -24.51 34.33 6.50
N HIS B 155 -24.40 35.50 5.90
CA HIS B 155 -23.10 36.13 5.71
C HIS B 155 -23.25 37.60 5.31
N ASP B 156 -20.91 39.02 -4.65
CA ASP B 156 -21.63 37.75 -4.56
C ASP B 156 -20.66 36.62 -4.24
N LEU B 157 -21.18 35.53 -3.68
CA LEU B 157 -20.33 34.46 -3.21
C LEU B 157 -19.81 33.63 -4.38
N ARG B 158 -18.56 33.21 -4.26
CA ARG B 158 -17.91 32.36 -5.26
C ARG B 158 -17.65 30.99 -4.66
N LEU B 159 -17.84 29.95 -5.47
CA LEU B 159 -17.76 28.60 -4.96
C LEU B 159 -16.39 28.29 -4.37
N VAL B 160 -15.33 28.76 -5.03
CA VAL B 160 -13.98 28.47 -4.55
C VAL B 160 -13.74 29.11 -3.20
N ASP B 161 -14.50 30.15 -2.87
CA ASP B 161 -14.32 30.80 -1.58
C ASP B 161 -14.90 29.96 -0.44
N ILE B 162 -16.07 29.37 -0.65
CA ILE B 162 -16.73 28.68 0.45
C ILE B 162 -16.28 27.25 0.57
N ALA B 163 -15.98 26.57 -0.54
CA ALA B 163 -15.73 25.15 -0.52
C ALA B 163 -14.36 24.85 -1.11
N SER B 164 -13.88 23.66 -0.81
CA SER B 164 -12.65 23.14 -1.39
C SER B 164 -12.84 21.66 -1.67
N GLY B 165 -12.38 21.21 -2.82
CA GLY B 165 -12.53 19.82 -3.17
C GLY B 165 -11.57 18.94 -2.39
N ARG B 166 -11.99 17.70 -2.16
CA ARG B 166 -11.12 16.73 -1.53
C ARG B 166 -11.54 15.33 -1.94
N ILE B 167 -10.55 14.49 -2.15
CA ILE B 167 -10.77 13.10 -2.53
C ILE B 167 -10.69 12.23 -1.28
N LEU B 168 -11.68 11.37 -1.09
CA LEU B 168 -11.75 10.44 0.00
C LEU B 168 -11.75 9.03 -0.55
N ASN B 169 -10.90 8.16 -0.04
CA ASN B 169 -10.82 6.82 -0.60
C ASN B 169 -11.37 5.79 0.37
N ARG B 170 -11.43 4.57 -0.11
CA ARG B 170 -11.81 3.41 0.69
C ARG B 170 -10.71 2.37 0.57
N VAL B 171 -10.16 1.96 1.69
CA VAL B 171 -9.03 1.03 1.70
C VAL B 171 -9.55 -0.35 2.05
N ASP B 172 -8.97 -1.37 1.42
CA ASP B 172 -9.25 -2.74 1.83
C ASP B 172 -8.54 -3.04 3.13
N PHE B 173 -9.22 -3.76 4.03
CA PHE B 173 -8.61 -4.07 5.31
C PHE B 173 -7.42 -5.00 5.15
N ASP B 174 -7.51 -5.96 4.25
CA ASP B 174 -6.46 -6.97 4.15
C ASP B 174 -5.24 -6.43 3.42
N THR B 175 -5.42 -5.95 2.19
CA THR B 175 -4.28 -5.52 1.40
C THR B 175 -3.68 -4.23 1.96
N GLY B 176 -4.52 -3.28 2.34
CA GLY B 176 -4.08 -1.97 2.73
C GLY B 176 -4.14 -0.95 1.61
N LYS B 177 -4.22 -1.40 0.37
CA LYS B 177 -4.40 -0.51 -0.75
C LYS B 177 -5.84 -0.04 -0.80
N ALA B 178 -6.08 1.07 -1.50
CA ALA B 178 -7.42 1.63 -1.64
C ALA B 178 -8.12 0.96 -2.81
N LYS B 179 -9.33 0.45 -2.56
CA LYS B 179 -10.14 -0.09 -3.65
C LYS B 179 -10.50 1.01 -4.65
N ASP B 180 -10.85 2.18 -4.15
CA ASP B 180 -11.52 3.19 -4.95
C ASP B 180 -11.61 4.47 -4.13
N TYR B 181 -12.18 5.50 -4.74
CA TYR B 181 -12.24 6.80 -4.09
C TYR B 181 -13.47 7.56 -4.59
N PHE B 182 -13.66 8.75 -4.04
CA PHE B 182 -14.80 9.57 -4.41
C PHE B 182 -14.56 10.98 -3.90
N ARG B 183 -15.14 11.96 -4.59
CA ARG B 183 -14.84 13.37 -4.36
C ARG B 183 -15.93 14.01 -3.54
N THR B 184 -15.58 15.00 -2.73
CA THR B 184 -16.54 15.82 -2.02
C THR B 184 -16.05 17.26 -1.97
N TRP B 185 -16.97 18.16 -1.65
CA TRP B 185 -16.63 19.55 -1.38
C TRP B 185 -16.80 19.80 0.10
N GLU B 186 -15.74 20.25 0.76
CA GLU B 186 -15.78 20.58 2.17
C GLU B 186 -15.86 22.09 2.31
N ALA B 187 -16.80 22.56 3.12
CA ALA B 187 -17.02 23.99 3.27
C ALA B 187 -16.18 24.53 4.42
N ASP B 188 -16.18 25.85 4.54
CA ASP B 188 -15.41 26.55 5.57
C ASP B 188 -16.35 26.94 6.70
N TYR B 189 -16.31 26.18 7.79
CA TYR B 189 -17.26 26.41 8.86
C TYR B 189 -16.92 27.66 9.65
N GLU B 190 -15.66 28.07 9.64
CA GLU B 190 -15.28 29.26 10.40
C GLU B 190 -15.91 30.51 9.83
N THR B 191 -15.92 30.64 8.51
CA THR B 191 -16.47 31.84 7.89
C THR B 191 -17.92 31.65 7.46
N TYR B 192 -18.22 30.54 6.79
CA TYR B 192 -19.57 30.26 6.31
C TYR B 192 -20.08 29.02 7.06
N GLY B 193 -20.65 29.24 8.23
CA GLY B 193 -21.07 28.12 9.03
C GLY B 193 -22.34 28.34 9.81
N THR B 194 -23.15 29.31 9.40
CA THR B 194 -24.38 29.64 10.10
C THR B 194 -25.51 29.74 9.09
N TYR B 195 -26.47 28.83 9.19
CA TYR B 195 -27.61 28.79 8.29
C TYR B 195 -28.87 29.10 9.08
N THR B 196 -29.65 30.06 8.62
CA THR B 196 -30.84 30.47 9.34
C THR B 196 -32.09 30.01 8.59
N GLY B 197 -33.13 29.68 9.34
CA GLY B 197 -34.36 29.19 8.73
C GLY B 197 -35.52 29.42 9.67
N ARG B 198 -36.71 29.10 9.19
CA ARG B 198 -37.93 29.31 9.93
C ARG B 198 -38.73 28.01 9.98
N ILE B 199 -39.26 27.69 11.15
CA ILE B 199 -40.13 26.54 11.35
C ILE B 199 -41.47 27.05 11.84
N THR B 200 -42.53 26.67 11.14
CA THR B 200 -43.88 27.08 11.50
C THR B 200 -44.59 25.93 12.18
N LEU B 201 -45.10 26.18 13.39
CA LEU B 201 -45.84 25.18 14.14
C LEU B 201 -47.22 25.74 14.48
N ARG B 202 -48.26 25.00 14.13
CA ARG B 202 -49.62 25.49 14.34
C ARG B 202 -50.37 24.73 15.43
N ASN B 203 -49.77 23.69 15.99
CA ASN B 203 -50.36 22.94 17.08
C ASN B 203 -49.44 23.02 18.28
N GLU B 204 -49.86 23.75 19.31
CA GLU B 204 -49.01 23.93 20.49
C GLU B 204 -48.78 22.64 21.24
N HIS B 205 -49.60 21.61 21.00
CA HIS B 205 -49.50 20.38 21.78
C HIS B 205 -48.12 19.75 21.66
N ALA B 206 -47.49 19.89 20.50
CA ALA B 206 -46.16 19.34 20.27
C ALA B 206 -45.05 20.34 20.56
N LYS B 207 -45.40 21.60 20.83
CA LYS B 207 -44.39 22.65 21.00
C LYS B 207 -43.25 22.18 21.87
N LYS B 208 -43.55 21.82 23.13
CA LYS B 208 -42.53 21.32 24.03
C LYS B 208 -41.60 20.34 23.34
N LEU B 209 -42.16 19.22 22.88
CA LEU B 209 -41.35 18.19 22.27
C LEU B 209 -40.48 18.76 21.18
N LEU B 210 -41.09 19.55 20.28
CA LEU B 210 -40.32 20.09 19.16
C LEU B 210 -39.09 20.80 19.66
N LEU B 211 -39.26 21.73 20.61
CA LEU B 211 -38.12 22.50 21.07
C LEU B 211 -37.05 21.59 21.63
N ALA B 212 -37.45 20.61 22.43
CA ALA B 212 -36.46 19.71 23.00
C ALA B 212 -35.70 18.99 21.92
N SER B 213 -36.41 18.52 20.89
CA SER B 213 -35.75 17.80 19.82
C SER B 213 -34.70 18.67 19.16
N LEU B 214 -34.96 19.97 19.06
CA LEU B 214 -34.00 20.84 18.40
C LEU B 214 -32.69 20.85 19.16
N GLY B 215 -32.75 20.78 20.49
CA GLY B 215 -31.52 20.67 21.25
C GLY B 215 -30.81 19.36 21.01
N PHE B 216 -31.57 18.30 20.77
CA PHE B 216 -30.99 16.96 20.73
C PHE B 216 -30.27 16.69 19.41
N VAL B 217 -30.55 17.46 18.36
CA VAL B 217 -29.90 17.22 17.09
C VAL B 217 -28.41 17.51 17.23
N ASP B 218 -27.58 16.57 16.81
CA ASP B 218 -26.15 16.66 17.02
C ASP B 218 -25.36 16.90 15.75
N LYS B 219 -25.52 16.06 14.74
CA LYS B 219 -24.75 16.17 13.52
C LYS B 219 -25.69 16.38 12.35
N LEU B 220 -25.21 17.09 11.34
CA LEU B 220 -26.00 17.35 10.15
C LEU B 220 -25.06 17.74 9.02
N CYS B 221 -25.36 17.25 7.82
CA CYS B 221 -24.55 17.53 6.64
C CYS B 221 -23.10 17.09 6.82
N GLY B 222 -22.87 16.12 7.69
CA GLY B 222 -21.54 15.59 7.89
C GLY B 222 -20.70 16.29 8.94
N ALA B 223 -21.32 17.08 9.81
CA ALA B 223 -20.57 17.81 10.82
C ALA B 223 -21.44 18.04 12.05
N LEU B 224 -20.77 18.32 13.17
CA LEU B 224 -21.48 18.65 14.39
C LEU B 224 -22.22 19.98 14.24
N CYS B 225 -23.38 20.08 14.86
CA CYS B 225 -24.20 21.27 14.72
C CYS B 225 -24.80 21.63 16.07
N ARG B 226 -25.37 22.83 16.13
CA ARG B 226 -25.97 23.37 17.34
C ARG B 226 -27.16 24.22 16.92
N ILE B 227 -28.35 23.62 16.84
CA ILE B 227 -29.53 24.40 16.47
C ILE B 227 -29.96 25.25 17.66
N GLU B 228 -30.14 26.54 17.41
CA GLU B 228 -30.51 27.48 18.45
C GLU B 228 -31.73 28.26 18.00
N VAL B 229 -32.65 28.50 18.93
CA VAL B 229 -33.83 29.29 18.66
C VAL B 229 -33.52 30.74 19.04
N ILE B 230 -33.58 31.64 18.07
CA ILE B 230 -33.22 33.04 18.27
C ILE B 230 -34.51 33.85 18.30
N LYS B 231 -34.51 34.91 19.10
CA LYS B 231 -35.65 35.80 19.17
C LYS B 231 -35.27 37.23 18.82
N SER B 232 -5.69 37.33 -6.71
CA SER B 232 -4.77 36.21 -6.60
C SER B 232 -4.67 35.44 -7.91
N GLU B 233 -5.81 35.26 -8.58
CA GLU B 233 -5.81 34.56 -9.86
C GLU B 233 -5.01 35.32 -10.90
N ASP B 234 -5.08 36.65 -10.89
CA ASP B 234 -4.21 37.45 -11.75
C ASP B 234 -2.75 37.24 -11.34
N HIS B 235 -2.48 37.20 -10.04
CA HIS B 235 -1.14 36.88 -9.58
C HIS B 235 -0.70 35.51 -10.07
N ASN B 236 -1.62 34.53 -10.05
CA ASN B 236 -1.26 33.20 -10.52
C ASN B 236 -0.95 33.21 -12.01
N ASP B 237 -1.73 33.95 -12.80
CA ASP B 237 -1.43 34.02 -14.23
C ASP B 237 -0.08 34.67 -14.48
N GLU B 238 0.22 35.76 -13.76
CA GLU B 238 1.51 36.41 -13.93
C GLU B 238 2.65 35.47 -13.54
N LEU B 239 2.50 34.76 -12.43
CA LEU B 239 3.55 33.85 -12.00
C LEU B 239 3.70 32.70 -12.98
N ARG B 240 2.60 32.21 -13.54
CA ARG B 240 2.72 31.14 -14.53
C ARG B 240 3.44 31.63 -15.77
N LYS B 241 3.16 32.86 -16.19
CA LYS B 241 3.86 33.42 -17.33
C LYS B 241 5.36 33.51 -17.05
N GLN B 242 5.72 34.02 -15.88
CA GLN B 242 7.14 34.15 -15.55
C GLN B 242 7.81 32.79 -15.41
N ALA B 243 7.09 31.82 -14.84
CA ALA B 243 7.64 30.48 -14.72
C ALA B 243 7.88 29.87 -16.10
N GLU B 244 6.97 30.12 -17.03
CA GLU B 244 7.17 29.66 -18.39
C GLU B 244 8.41 30.30 -19.00
N VAL B 245 8.60 31.59 -18.75
CA VAL B 245 9.80 32.27 -19.24
C VAL B 245 11.05 31.60 -18.67
N ILE B 246 11.04 31.31 -17.37
CA ILE B 246 12.21 30.69 -16.75
C ILE B 246 12.46 29.30 -17.32
N VAL B 247 11.40 28.51 -17.52
CA VAL B 247 11.58 27.17 -18.06
C VAL B 247 12.17 27.24 -19.46
N GLU B 248 11.67 28.16 -20.28
CA GLU B 248 12.22 28.31 -21.63
C GLU B 248 13.68 28.72 -21.58
N ALA B 249 14.03 29.63 -20.67
CA ALA B 249 15.41 30.06 -20.54
C ALA B 249 16.30 28.89 -20.14
N PHE B 250 15.83 28.04 -19.23
CA PHE B 250 16.60 26.84 -18.88
C PHE B 250 16.75 25.91 -20.07
N LYS B 251 15.68 25.75 -20.85
CA LYS B 251 15.75 24.86 -22.01
C LYS B 251 16.73 25.38 -23.04
N GLN B 252 16.94 26.70 -23.08
CA GLN B 252 17.94 27.25 -23.99
C GLN B 252 19.33 26.72 -23.67
N ASN B 253 19.67 26.64 -22.39
CA ASN B 253 20.98 26.18 -21.97
C ASN B 253 21.02 24.68 -21.70
N ASP B 254 19.98 23.95 -22.12
CA ASP B 254 19.93 22.49 -21.97
C ASP B 254 20.13 22.09 -20.50
N LYS B 255 19.39 22.74 -19.62
CA LYS B 255 19.38 22.40 -18.20
C LYS B 255 17.95 22.20 -17.73
N LEU B 256 17.13 21.60 -18.58
CA LEU B 256 15.70 21.48 -18.28
C LEU B 256 15.46 20.66 -17.02
N GLU B 257 16.19 19.56 -16.85
CA GLU B 257 15.96 18.71 -15.69
C GLU B 257 16.19 19.47 -14.39
N LYS B 258 17.17 20.38 -14.36
CA LYS B 258 17.42 21.15 -13.16
C LYS B 258 16.20 21.96 -12.74
N ILE B 259 15.34 22.32 -13.70
CA ILE B 259 14.08 22.98 -13.36
C ILE B 259 13.41 22.28 -12.20
N ARG B 260 13.30 20.94 -12.26
CA ARG B 260 12.64 20.22 -11.20
C ARG B 260 13.26 20.57 -9.85
N ILE B 261 14.58 20.43 -9.75
CA ILE B 261 15.25 20.79 -8.50
C ILE B 261 14.93 22.22 -8.14
N LEU B 262 15.08 23.13 -9.10
CA LEU B 262 14.83 24.54 -8.83
C LEU B 262 13.47 24.73 -8.21
N ALA B 263 12.44 24.09 -8.78
CA ALA B 263 11.10 24.29 -8.26
C ALA B 263 11.07 24.03 -6.77
N ASP B 264 11.58 22.87 -6.36
CA ASP B 264 11.53 22.54 -4.95
C ASP B 264 12.34 23.52 -4.12
N ALA B 265 13.51 23.91 -4.63
CA ALA B 265 14.30 24.92 -3.93
C ALA B 265 13.45 26.15 -3.65
N ILE B 266 12.77 26.66 -4.68
CA ILE B 266 11.95 27.84 -4.49
C ILE B 266 10.94 27.60 -3.39
N ARG B 267 10.28 26.44 -3.43
CA ARG B 267 9.27 26.16 -2.44
C ARG B 267 9.88 26.10 -1.05
N THR B 268 11.06 25.50 -0.92
CA THR B 268 11.71 25.42 0.37
C THR B 268 12.01 26.80 0.94
N LEU B 269 12.16 27.81 0.08
CA LEU B 269 12.43 29.14 0.58
C LEU B 269 11.35 29.65 1.50
N ARG B 270 10.14 29.08 1.44
CA ARG B 270 9.07 29.54 2.32
C ARG B 270 9.45 29.36 3.78
N LEU B 271 10.39 28.46 4.07
CA LEU B 271 10.80 28.27 5.46
C LEU B 271 11.73 29.38 5.92
N HIS B 272 12.54 29.93 5.03
CA HIS B 272 13.60 30.83 5.47
C HIS B 272 13.10 32.24 5.66
N GLY B 273 12.10 32.65 4.91
CA GLY B 273 11.61 34.00 4.97
C GLY B 273 12.16 34.86 3.84
N GLU B 274 11.55 36.03 3.66
CA GLU B 274 11.89 36.90 2.54
C GLU B 274 13.30 37.46 2.65
N GLY B 275 13.96 37.30 3.79
CA GLY B 275 15.28 37.89 3.95
C GLY B 275 16.29 37.38 2.95
N VAL B 276 16.18 36.10 2.58
CA VAL B 276 17.20 35.47 1.74
C VAL B 276 17.27 36.17 0.39
N ILE B 277 16.11 36.47 -0.21
CA ILE B 277 16.12 37.12 -1.52
C ILE B 277 16.49 38.59 -1.37
N GLU B 278 15.88 39.28 -0.41
CA GLU B 278 16.10 40.72 -0.31
C GLU B 278 17.53 41.05 0.07
N LYS B 279 18.14 40.24 0.92
CA LYS B 279 19.51 40.47 1.36
C LYS B 279 20.53 39.68 0.56
N ASP B 280 20.11 39.04 -0.53
CA ASP B 280 21.00 38.27 -1.39
C ASP B 280 21.78 37.22 -0.60
N GLU B 281 21.08 36.50 0.26
CA GLU B 281 21.71 35.47 1.06
C GLU B 281 21.74 34.11 0.38
N LEU B 282 21.30 34.03 -0.86
CA LEU B 282 21.43 32.79 -1.59
C LEU B 282 22.90 32.47 -1.79
N PRO B 283 23.30 31.20 -1.73
CA PRO B 283 24.72 30.88 -1.85
C PRO B 283 25.28 31.27 -3.21
N ASP B 284 26.55 31.65 -3.22
CA ASP B 284 27.22 32.00 -4.44
C ASP B 284 27.98 30.80 -5.00
N GLY B 285 28.73 31.02 -6.06
CA GLY B 285 29.56 29.97 -6.59
C GLY B 285 30.76 29.70 -5.72
N LYS B 286 31.47 28.62 -6.05
CA LYS B 286 32.67 28.28 -5.31
C LYS B 286 33.83 29.23 -5.61
N GLU B 287 33.65 30.13 -6.56
CA GLU B 287 34.61 31.17 -6.93
C GLU B 287 35.77 30.59 -7.74
N GLU B 288 35.83 29.27 -7.85
CA GLU B 288 36.75 28.67 -8.81
C GLU B 288 36.07 28.46 -10.15
N ARG B 289 34.78 28.11 -10.13
CA ARG B 289 34.02 28.04 -11.38
C ARG B 289 33.92 29.40 -12.03
N ASP B 290 33.74 30.45 -11.22
CA ASP B 290 33.68 31.84 -11.67
C ASP B 290 32.43 32.09 -12.52
N LYS B 291 31.66 31.02 -12.79
CA LYS B 291 30.38 31.18 -13.44
C LYS B 291 29.27 31.41 -12.44
N GLY B 292 29.60 31.34 -11.16
CA GLY B 292 28.63 31.45 -10.10
C GLY B 292 28.04 30.10 -9.75
N HIS B 293 26.98 30.14 -8.96
CA HIS B 293 26.28 28.92 -8.59
C HIS B 293 25.75 28.23 -9.84
N HIS B 294 25.82 26.89 -9.84
CA HIS B 294 25.38 26.14 -11.00
C HIS B 294 23.89 26.33 -11.24
N LEU B 295 23.16 26.81 -10.24
CA LEU B 295 21.73 27.01 -10.36
C LEU B 295 21.33 28.48 -10.28
N TRP B 296 21.79 29.20 -9.26
CA TRP B 296 21.28 30.55 -9.04
C TRP B 296 21.82 31.53 -10.06
N ASP B 297 22.89 31.19 -10.76
CA ASP B 297 23.50 32.09 -11.73
C ASP B 297 23.18 31.69 -13.16
N ILE B 298 22.20 30.82 -13.38
CA ILE B 298 21.74 30.55 -14.74
C ILE B 298 21.16 31.82 -15.32
N LYS B 299 21.61 32.16 -16.53
CA LYS B 299 21.18 33.40 -17.18
C LYS B 299 19.77 33.23 -17.72
N VAL B 300 18.84 34.05 -17.21
CA VAL B 300 17.46 34.06 -17.67
C VAL B 300 17.21 35.41 -18.31
N GLN B 301 17.00 35.41 -19.64
CA GLN B 301 16.84 36.64 -20.39
C GLN B 301 17.99 37.61 -20.14
N GLY B 302 19.20 37.07 -20.07
CA GLY B 302 20.36 37.88 -19.82
C GLY B 302 20.51 38.38 -18.41
N THR B 303 19.80 37.78 -17.45
CA THR B 303 19.89 38.17 -16.06
C THR B 303 20.02 36.93 -15.19
N ALA B 304 20.85 37.04 -14.16
CA ALA B 304 21.04 35.92 -13.24
C ALA B 304 19.74 35.58 -12.54
N LEU B 305 19.52 34.27 -12.35
CA LEU B 305 18.27 33.81 -11.74
C LEU B 305 18.07 34.41 -10.36
N ARG B 306 19.16 34.68 -9.65
CA ARG B 306 19.07 35.34 -8.36
C ARG B 306 18.38 36.69 -8.50
N THR B 307 18.88 37.53 -9.40
CA THR B 307 18.27 38.84 -9.59
C THR B 307 16.84 38.70 -10.07
N LYS B 308 16.59 37.82 -11.04
CA LYS B 308 15.25 37.68 -11.57
C LYS B 308 14.26 37.30 -10.48
N LEU B 309 14.67 36.40 -9.58
CA LEU B 309 13.84 36.13 -8.41
C LEU B 309 13.62 37.38 -7.59
N LYS B 310 14.64 38.24 -7.51
CA LYS B 310 14.44 39.48 -6.75
C LYS B 310 13.35 40.35 -7.36
N GLU B 311 13.38 40.55 -8.68
CA GLU B 311 12.29 41.35 -9.26
C GLU B 311 10.95 40.64 -9.15
N LEU B 312 10.93 39.32 -9.29
CA LEU B 312 9.66 38.62 -9.15
C LEU B 312 9.08 38.82 -7.76
N TRP B 313 9.91 38.75 -6.73
CA TRP B 313 9.43 39.02 -5.38
C TRP B 313 8.97 40.46 -5.24
N GLN B 314 9.71 41.40 -5.84
CA GLN B 314 9.32 42.80 -5.74
C GLN B 314 7.95 43.04 -6.35
N SER B 315 7.68 42.42 -7.50
CA SER B 315 6.40 42.64 -8.16
C SER B 315 5.25 42.04 -7.37
N ASN B 316 5.47 40.88 -6.75
CA ASN B 316 4.40 40.11 -6.13
C ASN B 316 4.45 40.18 -4.61
N LYS B 317 4.84 41.34 -4.08
CA LYS B 317 5.03 41.45 -2.63
C LYS B 317 3.70 41.41 -1.89
N ASP B 318 2.58 41.53 -2.60
CA ASP B 318 1.30 41.63 -1.93
C ASP B 318 0.85 40.30 -1.33
N ILE B 319 1.13 39.19 -2.02
CA ILE B 319 0.57 37.91 -1.59
C ILE B 319 1.34 37.36 -0.40
N GLY B 320 2.46 37.97 -0.06
CA GLY B 320 3.24 37.50 1.06
C GLY B 320 4.25 36.45 0.64
N TRP B 321 5.22 36.22 1.52
CA TRP B 321 6.35 35.36 1.17
C TRP B 321 5.91 33.94 0.90
N ARG B 322 5.16 33.33 1.82
CA ARG B 322 4.85 31.92 1.71
C ARG B 322 4.01 31.64 0.48
N LYS B 323 2.97 32.44 0.26
CA LYS B 323 2.13 32.24 -0.91
C LYS B 323 2.93 32.41 -2.19
N PHE B 324 3.79 33.43 -2.24
CA PHE B 324 4.57 33.66 -3.43
C PHE B 324 5.48 32.49 -3.75
N THR B 325 6.22 32.01 -2.76
CA THR B 325 7.14 30.90 -3.00
C THR B 325 6.39 29.66 -3.41
N GLU B 326 5.29 29.35 -2.72
CA GLU B 326 4.53 28.14 -3.06
C GLU B 326 3.95 28.23 -4.46
N MET B 327 3.40 29.38 -4.84
CA MET B 327 2.83 29.51 -6.18
C MET B 327 3.90 29.39 -7.25
N LEU B 328 5.05 30.05 -7.05
CA LEU B 328 6.10 29.95 -8.05
C LEU B 328 6.61 28.52 -8.18
N GLY B 329 6.84 27.85 -7.06
CA GLY B 329 7.31 26.47 -7.11
C GLY B 329 6.31 25.55 -7.77
N SER B 330 5.03 25.70 -7.43
CA SER B 330 4.01 24.86 -8.03
C SER B 330 3.93 25.08 -9.53
N ASN B 331 3.99 26.35 -9.97
CA ASN B 331 3.94 26.61 -11.40
C ASN B 331 5.14 25.99 -12.11
N LEU B 332 6.33 26.14 -11.55
CA LEU B 332 7.50 25.56 -12.18
C LEU B 332 7.37 24.05 -12.28
N TYR B 333 6.91 23.40 -11.21
CA TYR B 333 6.78 21.94 -11.24
C TYR B 333 5.74 21.51 -12.26
N LEU B 334 4.61 22.21 -12.33
CA LEU B 334 3.58 21.84 -13.29
C LEU B 334 4.09 21.98 -14.72
N ILE B 335 4.78 23.08 -15.01
CA ILE B 335 5.31 23.26 -16.36
C ILE B 335 6.32 22.18 -16.67
N TYR B 336 7.18 21.85 -15.71
CA TYR B 336 8.16 20.80 -15.95
C TYR B 336 7.48 19.46 -16.22
N LYS B 337 6.44 19.14 -15.47
CA LYS B 337 5.75 17.88 -15.69
C LYS B 337 5.10 17.86 -17.08
N LYS B 338 4.51 18.98 -17.49
CA LYS B 338 3.88 19.04 -18.80
C LYS B 338 4.90 18.87 -19.91
N GLU B 339 6.06 19.52 -19.77
CA GLU B 339 7.08 19.44 -20.82
C GLU B 339 7.62 18.03 -20.97
N THR B 340 7.89 17.36 -19.85
CA THR B 340 8.55 16.06 -19.87
C THR B 340 7.66 14.95 -19.31
N GLY B 341 6.40 14.92 -19.71
CA GLY B 341 5.53 13.86 -19.23
C GLY B 341 6.06 12.49 -19.60
N GLY B 342 6.08 11.60 -18.62
CA GLY B 342 6.48 10.23 -18.84
C GLY B 342 7.94 9.91 -18.60
N VAL B 343 8.69 10.78 -17.93
CA VAL B 343 10.06 10.45 -17.59
C VAL B 343 10.11 9.25 -16.66
N SER B 344 9.12 9.12 -15.79
CA SER B 344 9.08 7.98 -14.87
C SER B 344 8.97 6.68 -15.66
N THR B 345 9.83 5.72 -15.30
CA THR B 345 9.76 4.41 -15.94
C THR B 345 8.51 3.66 -15.54
N ARG B 346 7.92 4.00 -14.40
CA ARG B 346 6.65 3.41 -14.02
C ARG B 346 5.58 3.78 -15.04
N PHE B 347 5.01 2.76 -15.67
CA PHE B 347 4.07 2.94 -16.77
C PHE B 347 2.73 2.36 -16.37
N ARG B 348 1.70 3.20 -16.38
CA ARG B 348 0.36 2.81 -15.96
C ARG B 348 -0.54 2.74 -17.19
N ILE B 349 -1.15 1.58 -17.42
CA ILE B 349 -2.06 1.46 -18.55
C ILE B 349 -3.45 1.94 -18.17
N LEU B 350 -3.76 1.98 -16.87
CA LEU B 350 -5.09 2.31 -16.40
C LEU B 350 -5.00 3.16 -15.15
N GLY B 351 -5.99 4.02 -14.96
CA GLY B 351 -6.01 4.93 -13.84
C GLY B 351 -6.62 4.33 -12.59
N ASP B 352 -7.38 5.13 -11.84
CA ASP B 352 -8.06 4.67 -10.65
C ASP B 352 -9.55 4.90 -10.77
N THR B 353 -10.29 4.51 -9.74
CA THR B 353 -11.73 4.37 -9.82
C THR B 353 -12.46 5.32 -8.87
N GLU B 354 -13.31 6.16 -9.42
CA GLU B 354 -14.36 6.83 -8.65
C GLU B 354 -15.50 5.86 -8.51
N TYR B 355 -16.08 5.77 -7.32
CA TYR B 355 -17.12 4.78 -7.11
C TYR B 355 -18.26 5.36 -6.26
N TYR B 356 -18.68 6.58 -6.58
CA TYR B 356 -20.01 7.03 -6.18
C TYR B 356 -21.00 5.94 -6.54
N SER B 357 -21.61 5.31 -5.55
CA SER B 357 -22.29 4.10 -5.95
C SER B 357 -23.53 3.82 -5.12
N LYS B 358 -24.50 3.22 -5.80
CA LYS B 358 -25.64 2.55 -5.19
C LYS B 358 -26.48 3.47 -4.34
N ALA B 359 -26.26 4.79 -4.44
CA ALA B 359 -27.20 5.73 -3.86
C ALA B 359 -28.59 5.53 -4.45
N HIS B 360 -28.63 5.16 -5.73
CA HIS B 360 -29.88 4.71 -6.34
C HIS B 360 -30.36 3.44 -5.66
N ASP B 361 -31.65 3.39 -5.37
CA ASP B 361 -32.24 2.19 -4.78
C ASP B 361 -32.48 1.15 -5.86
N SER B 362 -32.06 -0.09 -5.59
CA SER B 362 -32.30 -1.17 -6.54
C SER B 362 -33.78 -1.50 -6.66
N GLU B 363 -34.61 -0.95 -5.78
CA GLU B 363 -36.07 -1.05 -5.74
C GLU B 363 -36.51 -2.45 -5.34
N GLY B 364 -35.58 -3.37 -5.10
CA GLY B 364 -35.98 -4.73 -4.74
C GLY B 364 -36.66 -4.82 -3.38
N SER B 365 -36.12 -4.13 -2.38
CA SER B 365 -36.54 -4.30 -1.00
C SER B 365 -37.01 -2.98 -0.41
N ASP B 366 -38.12 -3.01 0.31
CA ASP B 366 -38.64 -1.87 1.07
C ASP B 366 -39.03 -2.41 2.44
N LEU B 367 -38.10 -2.34 3.38
CA LEU B 367 -38.23 -3.01 4.66
C LEU B 367 -38.41 -2.00 5.78
N PHE B 368 -39.25 -2.34 6.74
CA PHE B 368 -39.41 -1.56 7.97
C PHE B 368 -38.99 -2.42 9.14
N ILE B 369 -37.92 -2.03 9.82
CA ILE B 369 -37.33 -2.85 10.87
C ILE B 369 -37.51 -2.18 12.22
N PRO B 370 -38.49 -2.60 13.03
CA PRO B 370 -38.66 -1.98 14.35
C PRO B 370 -37.64 -2.52 15.33
N VAL B 371 -37.13 -1.64 16.18
CA VAL B 371 -36.23 -2.02 17.26
C VAL B 371 -36.83 -1.51 18.55
N THR B 372 -37.07 -2.42 19.50
CA THR B 372 -37.68 -2.04 20.77
C THR B 372 -36.71 -2.29 21.90
N PRO B 373 -36.07 -1.26 22.44
CA PRO B 373 -35.19 -1.45 23.59
C PRO B 373 -35.98 -2.00 24.77
N PRO B 374 -35.38 -2.88 25.56
CA PRO B 374 -36.10 -3.43 26.71
C PRO B 374 -36.41 -2.36 27.73
N GLU B 375 -37.51 -2.55 28.44
CA GLU B 375 -37.91 -1.61 29.47
C GLU B 375 -36.84 -1.52 30.54
N GLY B 376 -36.53 -0.30 30.96
CA GLY B 376 -35.59 -0.10 32.04
C GLY B 376 -34.13 -0.18 31.67
N ILE B 377 -33.80 -0.38 30.39
CA ILE B 377 -32.41 -0.30 29.97
C ILE B 377 -31.89 1.10 30.24
N GLU B 378 -30.61 1.21 30.54
CA GLU B 378 -30.00 2.48 30.86
C GLU B 378 -29.17 2.94 29.67
N THR B 379 -29.47 4.12 29.17
CA THR B 379 -28.77 4.68 28.02
C THR B 379 -27.94 5.87 28.49
N LYS B 380 -26.67 5.87 28.11
CA LYS B 380 -25.74 6.90 28.54
C LYS B 380 -24.86 7.30 27.36
N GLU B 381 -24.31 8.50 27.45
CA GLU B 381 -23.41 9.00 26.41
C GLU B 381 -22.06 9.32 27.02
N TRP B 382 -21.04 8.57 26.64
CA TRP B 382 -19.69 8.79 27.12
C TRP B 382 -18.95 9.67 26.14
N ILE B 383 -18.20 10.63 26.66
CA ILE B 383 -17.41 11.55 25.86
C ILE B 383 -15.97 11.46 26.30
N ILE B 384 -15.07 11.23 25.35
CA ILE B 384 -13.64 11.10 25.60
C ILE B 384 -12.95 12.31 24.99
N VAL B 385 -12.15 12.98 25.79
CA VAL B 385 -11.40 14.16 25.34
C VAL B 385 -9.94 13.93 25.64
N GLY B 386 -9.08 14.35 24.70
CA GLY B 386 -7.65 14.19 24.89
C GLY B 386 -6.92 14.90 23.79
N ARG B 387 -5.62 14.62 23.71
CA ARG B 387 -4.77 15.22 22.69
C ARG B 387 -4.00 14.13 21.97
N LEU B 388 -3.89 14.28 20.66
CA LEU B 388 -3.11 13.36 19.83
C LEU B 388 -1.76 14.01 19.59
N LYS B 389 -0.71 13.42 20.16
CA LYS B 389 0.64 13.85 19.87
C LYS B 389 1.21 13.04 18.71
N ALA B 390 2.00 13.71 17.88
CA ALA B 390 2.64 13.08 16.74
C ALA B 390 4.01 12.57 17.17
N ALA B 391 4.14 11.27 17.33
CA ALA B 391 5.42 10.68 17.72
C ALA B 391 6.43 10.64 16.59
N THR B 392 5.98 10.76 15.35
CA THR B 392 6.83 10.77 14.17
C THR B 392 6.28 11.82 13.22
N PRO B 393 7.05 12.24 12.23
CA PRO B 393 6.50 13.14 11.22
C PRO B 393 5.26 12.52 10.60
N PHE B 394 4.25 13.34 10.34
CA PHE B 394 2.97 12.84 9.89
C PHE B 394 2.68 13.36 8.48
N TYR B 395 1.83 12.63 7.77
CA TYR B 395 1.47 12.98 6.41
C TYR B 395 0.04 12.56 6.14
N PHE B 396 -0.80 13.51 5.74
CA PHE B 396 -2.17 13.24 5.34
C PHE B 396 -2.33 13.68 3.90
N GLY B 397 -2.51 12.73 3.00
CA GLY B 397 -2.41 13.02 1.58
C GLY B 397 -3.53 13.92 1.09
N VAL B 398 -3.26 14.59 -0.03
CA VAL B 398 -4.23 15.43 -0.69
C VAL B 398 -3.80 15.60 -2.14
N GLN B 399 -4.76 15.77 -3.03
CA GLN B 399 -4.44 15.93 -4.44
C GLN B 399 -3.93 17.33 -4.72
N GLN B 400 -3.37 17.50 -5.91
CA GLN B 400 -2.77 18.77 -6.26
C GLN B 400 -3.84 19.86 -6.32
N PRO B 401 -3.54 21.07 -5.86
CA PRO B 401 -4.56 22.13 -5.87
C PRO B 401 -5.12 22.42 -7.24
N SER B 402 -4.28 22.40 -8.28
CA SER B 402 -4.76 22.70 -9.62
C SER B 402 -5.81 21.69 -10.06
N ASP B 403 -5.74 20.48 -9.53
CA ASP B 403 -6.71 19.45 -9.86
C ASP B 403 -7.88 19.38 -8.89
N SER B 404 -7.90 20.21 -7.85
CA SER B 404 -8.92 20.12 -6.82
C SER B 404 -9.86 21.31 -6.81
N ILE B 405 -9.92 22.07 -7.90
CA ILE B 405 -10.86 23.18 -7.98
C ILE B 405 -12.26 22.59 -7.91
N PRO B 406 -13.14 23.12 -7.06
CA PRO B 406 -14.47 22.52 -6.93
C PRO B 406 -15.26 22.51 -8.23
N GLY B 407 -15.54 23.67 -8.80
CA GLY B 407 -16.35 23.70 -10.00
C GLY B 407 -15.64 23.15 -11.22
N LYS B 408 -14.41 23.61 -11.45
CA LYS B 408 -13.65 23.24 -12.64
C LYS B 408 -12.83 21.99 -12.33
N GLU B 409 -13.54 20.91 -12.00
CA GLU B 409 -12.87 19.67 -11.68
C GLU B 409 -12.35 18.99 -12.96
N LYS B 410 -11.28 18.21 -12.79
CA LYS B 410 -10.51 17.72 -13.93
C LYS B 410 -11.29 16.73 -14.78
N LYS B 411 -12.21 15.98 -14.16
CA LYS B 411 -13.06 14.97 -14.80
C LYS B 411 -12.28 13.70 -15.13
N SER B 412 -10.95 13.76 -15.06
CA SER B 412 -10.02 12.63 -15.11
C SER B 412 -10.05 11.83 -16.41
N GLU B 413 -10.87 12.18 -17.41
CA GLU B 413 -10.86 11.43 -18.66
C GLU B 413 -10.13 12.14 -19.78
N ASP B 414 -9.76 13.41 -19.58
CA ASP B 414 -9.13 14.18 -20.66
C ASP B 414 -7.78 13.58 -21.04
N SER B 415 -7.13 12.90 -20.11
CA SER B 415 -5.83 12.29 -20.36
C SER B 415 -6.02 10.85 -20.82
N LEU B 416 -5.87 10.62 -22.12
CA LEU B 416 -5.83 9.25 -22.61
C LEU B 416 -4.63 8.51 -22.03
N VAL B 417 -3.49 9.17 -21.96
CA VAL B 417 -2.28 8.60 -21.40
C VAL B 417 -2.22 8.97 -19.93
N ILE B 418 -2.03 7.98 -19.07
CA ILE B 418 -1.98 8.22 -17.64
C ILE B 418 -0.65 8.85 -17.28
N ASN B 419 -0.70 10.04 -16.69
CA ASN B 419 0.49 10.74 -16.23
C ASN B 419 0.34 11.02 -14.75
N GLU B 420 1.26 10.50 -13.95
CA GLU B 420 1.16 10.56 -12.49
C GLU B 420 2.03 11.69 -11.95
N HIS B 421 1.64 12.20 -10.80
CA HIS B 421 2.42 13.27 -10.16
C HIS B 421 3.61 12.68 -9.43
N THR B 422 4.66 13.49 -9.30
CA THR B 422 5.83 13.12 -8.52
C THR B 422 6.07 14.06 -7.35
N SER B 423 5.09 14.89 -7.01
CA SER B 423 5.18 15.76 -5.85
C SER B 423 3.81 15.79 -5.19
N PHE B 424 3.80 15.58 -3.87
CA PHE B 424 2.56 15.48 -3.13
C PHE B 424 2.53 16.54 -2.05
N ASN B 425 1.32 16.95 -1.68
CA ASN B 425 1.13 17.99 -0.69
C ASN B 425 0.43 17.40 0.53
N ILE B 426 0.63 18.05 1.67
CA ILE B 426 -0.02 17.63 2.90
C ILE B 426 -1.31 18.42 3.07
N LEU B 427 -2.27 17.81 3.74
CA LEU B 427 -3.57 18.44 3.93
C LEU B 427 -3.47 19.55 4.96
N LEU B 428 -4.01 20.73 4.62
CA LEU B 428 -4.00 21.87 5.51
C LEU B 428 -5.37 22.54 5.46
N ASP B 429 -5.69 23.30 6.49
CA ASP B 429 -6.90 24.09 6.43
C ASP B 429 -6.65 25.41 5.70
N LYS B 430 -7.61 26.32 5.77
CA LYS B 430 -7.46 27.59 5.05
C LYS B 430 -6.41 28.48 5.70
N GLU B 431 -6.12 28.28 6.98
CA GLU B 431 -5.13 29.08 7.68
C GLU B 431 -3.77 28.42 7.72
N ASN B 432 -3.55 27.40 6.89
CA ASN B 432 -2.29 26.66 6.86
C ASN B 432 -2.00 26.03 8.20
N ARG B 433 -3.03 25.54 8.87
CA ARG B 433 -2.87 24.77 10.10
C ARG B 433 -3.06 23.29 9.78
N TYR B 434 -2.20 22.46 10.34
CA TYR B 434 -2.25 21.04 10.05
C TYR B 434 -3.54 20.44 10.55
N ARG B 435 -4.12 19.55 9.76
CA ARG B 435 -5.47 19.06 10.00
C ARG B 435 -5.46 17.55 10.05
N ILE B 436 -6.22 16.98 10.98
CA ILE B 436 -6.53 15.56 11.00
C ILE B 436 -8.00 15.41 10.62
N PRO B 437 -8.32 15.08 9.38
CA PRO B 437 -9.71 15.06 8.97
C PRO B 437 -10.50 14.00 9.72
N ARG B 438 -11.79 14.27 9.90
CA ARG B 438 -12.64 13.31 10.58
C ARG B 438 -12.62 11.97 9.85
N SER B 439 -12.53 12.00 8.53
CA SER B 439 -12.52 10.77 7.77
C SER B 439 -11.34 9.90 8.14
N ALA B 440 -10.16 10.50 8.31
CA ALA B 440 -8.98 9.71 8.64
C ALA B 440 -9.10 9.06 10.02
N LEU B 441 -9.56 9.83 11.01
CA LEU B 441 -9.79 9.23 12.33
C LEU B 441 -10.81 8.12 12.26
N ARG B 442 -11.91 8.33 11.54
CA ARG B 442 -12.93 7.30 11.51
C ARG B 442 -12.41 6.04 10.82
N GLY B 443 -11.63 6.21 9.76
CA GLY B 443 -11.06 5.05 9.11
C GLY B 443 -10.10 4.29 10.01
N ALA B 444 -9.22 5.02 10.69
CA ALA B 444 -8.27 4.34 11.58
C ALA B 444 -9.00 3.66 12.72
N LEU B 445 -10.02 4.32 13.27
CA LEU B 445 -10.79 3.74 14.35
C LEU B 445 -11.50 2.48 13.89
N ARG B 446 -12.07 2.50 12.68
CA ARG B 446 -12.72 1.30 12.18
C ARG B 446 -11.72 0.19 11.99
N ARG B 447 -10.53 0.49 11.47
CA ARG B 447 -9.51 -0.52 11.29
C ARG B 447 -9.13 -1.16 12.62
N ASP B 448 -8.90 -0.34 13.64
CA ASP B 448 -8.47 -0.90 14.91
C ASP B 448 -9.61 -1.61 15.63
N LEU B 449 -10.84 -1.15 15.47
CA LEU B 449 -11.97 -1.90 16.02
C LEU B 449 -12.11 -3.24 15.35
N ARG B 450 -11.92 -3.31 14.03
CA ARG B 450 -11.98 -4.59 13.36
C ARG B 450 -10.89 -5.52 13.88
N THR B 451 -9.70 -4.98 14.10
CA THR B 451 -8.64 -5.79 14.68
C THR B 451 -9.01 -6.29 16.07
N ALA B 452 -9.58 -5.41 16.89
CA ALA B 452 -9.90 -5.78 18.26
C ALA B 452 -10.98 -6.85 18.30
N PHE B 453 -12.04 -6.66 17.51
CA PHE B 453 -13.12 -7.64 17.49
C PHE B 453 -12.66 -8.96 16.90
N GLY B 454 -11.73 -8.91 15.95
CA GLY B 454 -11.28 -10.09 15.25
C GLY B 454 -12.05 -10.38 13.99
N SER B 455 -13.18 -9.72 13.78
CA SER B 455 -13.99 -9.96 12.59
C SER B 455 -14.81 -8.72 12.29
N GLY B 456 -15.02 -8.48 11.01
CA GLY B 456 -15.83 -7.36 10.57
C GLY B 456 -16.00 -7.47 9.06
N CYS B 457 -16.89 -6.64 8.54
CA CYS B 457 -17.19 -6.67 7.12
C CYS B 457 -16.32 -5.65 6.41
N ASN B 458 -15.97 -5.94 5.16
CA ASN B 458 -15.53 -4.89 4.27
C ASN B 458 -16.72 -4.01 3.96
N VAL B 459 -16.56 -2.69 4.13
CA VAL B 459 -17.70 -1.80 4.02
C VAL B 459 -18.28 -1.90 2.63
N SER B 460 -19.58 -2.17 2.55
CA SER B 460 -20.30 -2.32 1.30
C SER B 460 -21.17 -1.10 1.10
N LEU B 461 -21.03 -0.45 -0.04
CA LEU B 461 -21.69 0.82 -0.29
C LEU B 461 -23.07 0.61 -0.88
N GLY B 462 -24.05 1.28 -0.30
CA GLY B 462 -25.38 1.34 -0.87
C GLY B 462 -26.25 0.13 -0.63
N GLY B 463 -25.90 -0.74 0.31
CA GLY B 463 -26.74 -1.87 0.59
C GLY B 463 -28.11 -1.45 1.10
N GLN B 464 -29.09 -2.31 0.88
CA GLN B 464 -30.45 -2.05 1.32
C GLN B 464 -30.68 -2.39 2.79
N ILE B 465 -29.77 -3.12 3.41
CA ILE B 465 -29.92 -3.55 4.80
C ILE B 465 -28.66 -3.16 5.57
N LEU B 466 -28.85 -2.52 6.71
CA LEU B 466 -27.72 -2.23 7.58
C LEU B 466 -27.04 -3.53 7.98
N CYS B 467 -25.72 -3.57 7.86
CA CYS B 467 -25.00 -4.75 8.31
C CYS B 467 -24.97 -4.79 9.83
N ASN B 468 -24.99 -6.01 10.36
CA ASN B 468 -25.03 -6.23 11.79
C ASN B 468 -23.74 -6.86 12.32
N CYS B 469 -22.65 -6.70 11.59
CA CYS B 469 -21.36 -7.09 12.16
C CYS B 469 -21.07 -6.22 13.36
N LYS B 470 -20.41 -6.80 14.36
CA LYS B 470 -20.21 -6.10 15.61
C LYS B 470 -19.49 -4.77 15.40
N VAL B 471 -18.51 -4.76 14.49
CA VAL B 471 -17.76 -3.55 14.21
C VAL B 471 -18.70 -2.43 13.79
N CYS B 472 -19.56 -2.70 12.82
CA CYS B 472 -20.42 -1.63 12.31
C CYS B 472 -21.52 -1.28 13.30
N ILE B 473 -21.94 -2.25 14.12
CA ILE B 473 -22.88 -1.93 15.19
C ILE B 473 -22.29 -0.87 16.11
N GLU B 474 -21.01 -1.03 16.49
CA GLU B 474 -20.42 -0.02 17.34
C GLU B 474 -20.16 1.28 16.59
N MET B 475 -19.64 1.20 15.37
CA MET B 475 -19.33 2.43 14.63
C MET B 475 -20.58 3.23 14.31
N ARG B 476 -21.76 2.61 14.35
CA ARG B 476 -22.96 3.41 14.18
C ARG B 476 -23.25 4.27 15.40
N ARG B 477 -22.50 4.08 16.48
CA ARG B 477 -22.73 4.82 17.72
C ARG B 477 -21.68 5.86 18.00
N ILE B 478 -20.60 5.91 17.22
CA ILE B 478 -19.41 6.69 17.54
C ILE B 478 -19.37 7.91 16.64
N THR B 479 -19.17 9.08 17.25
CA THR B 479 -18.99 10.31 16.50
C THR B 479 -17.69 10.97 16.93
N LEU B 480 -16.80 11.20 15.98
CA LEU B 480 -15.54 11.86 16.25
C LEU B 480 -15.68 13.36 15.98
N LYS B 481 -14.56 14.07 15.89
CA LYS B 481 -14.59 15.48 15.54
C LYS B 481 -13.32 15.83 14.78
N ASP B 482 -13.43 16.82 13.89
CA ASP B 482 -12.29 17.32 13.15
C ASP B 482 -11.27 17.91 14.11
N SER B 483 -10.01 17.90 13.70
CA SER B 483 -8.93 18.35 14.55
C SER B 483 -8.02 19.29 13.77
N VAL B 484 -7.63 20.40 14.40
CA VAL B 484 -6.73 21.37 13.80
C VAL B 484 -5.77 21.85 14.87
N SER B 485 -4.48 21.85 14.55
CA SER B 485 -3.46 22.29 15.49
C SER B 485 -3.28 23.80 15.43
N ASP B 486 -2.76 24.36 16.52
CA ASP B 486 -2.46 25.79 16.54
C ASP B 486 -1.27 26.11 15.64
N PHE B 487 -0.30 25.21 15.57
CA PHE B 487 0.89 25.44 14.78
C PHE B 487 0.53 25.58 13.30
N SER B 488 1.16 26.53 12.62
CA SER B 488 0.82 26.81 11.23
C SER B 488 2.03 27.12 10.36
N GLU B 489 3.24 26.75 10.78
CA GLU B 489 4.41 27.02 9.95
C GLU B 489 4.48 26.01 8.81
N PRO B 490 5.23 26.33 7.75
CA PRO B 490 5.19 25.49 6.56
C PRO B 490 5.73 24.11 6.84
N PRO B 491 5.26 23.10 6.11
CA PRO B 491 5.77 21.75 6.31
C PRO B 491 7.15 21.59 5.72
N GLU B 492 7.68 20.38 5.82
CA GLU B 492 9.03 20.09 5.39
C GLU B 492 9.00 19.05 4.28
N ILE B 493 9.79 19.28 3.24
CA ILE B 493 9.78 18.40 2.08
C ILE B 493 10.78 17.27 2.26
N ARG B 494 10.34 16.06 1.99
CA ARG B 494 11.17 14.87 2.07
C ARG B 494 11.29 14.27 0.68
N TYR B 495 12.50 13.90 0.30
CA TYR B 495 12.81 13.43 -1.03
C TYR B 495 13.09 11.94 -1.01
N ARG B 496 12.66 11.24 -2.06
CA ARG B 496 12.92 9.84 -2.21
C ARG B 496 13.31 9.58 -3.66
N ILE B 497 14.23 8.64 -3.85
CA ILE B 497 14.66 8.21 -5.16
C ILE B 497 14.60 6.70 -5.18
N ALA B 498 14.85 6.13 -6.36
CA ALA B 498 14.94 4.70 -6.51
C ALA B 498 16.31 4.38 -7.08
N LYS B 499 17.00 3.44 -6.46
CA LYS B 499 18.33 3.06 -6.91
C LYS B 499 18.22 1.93 -7.91
N ASN B 500 18.96 2.04 -9.01
CA ASN B 500 18.99 0.98 -9.98
C ASN B 500 19.71 -0.22 -9.39
N PRO B 501 19.04 -1.36 -9.25
CA PRO B 501 19.71 -2.52 -8.63
C PRO B 501 20.93 -2.98 -9.38
N GLY B 502 20.95 -2.82 -10.70
CA GLY B 502 22.09 -3.32 -11.47
C GLY B 502 23.33 -2.49 -11.25
N THR B 503 23.26 -1.20 -11.55
CA THR B 503 24.41 -0.33 -11.47
C THR B 503 24.58 0.32 -10.10
N ALA B 504 23.64 0.07 -9.18
CA ALA B 504 23.71 0.62 -7.82
C ALA B 504 23.81 2.14 -7.83
N THR B 505 23.14 2.77 -8.77
CA THR B 505 23.06 4.23 -8.83
C THR B 505 21.60 4.63 -8.90
N VAL B 506 21.37 5.95 -8.93
CA VAL B 506 20.01 6.45 -8.91
C VAL B 506 19.34 6.18 -10.24
N GLU B 507 18.10 5.72 -10.20
CA GLU B 507 17.31 5.63 -11.41
C GLU B 507 16.94 7.04 -11.86
N ASP B 508 17.19 7.34 -13.13
CA ASP B 508 16.94 8.67 -13.64
C ASP B 508 15.45 8.97 -13.63
N GLY B 509 15.10 10.16 -13.18
CA GLY B 509 13.71 10.55 -13.15
C GLY B 509 12.86 9.80 -12.16
N SER B 510 13.49 9.16 -11.17
CA SER B 510 12.76 8.47 -10.11
C SER B 510 12.61 9.32 -8.86
N LEU B 511 12.99 10.59 -8.92
CA LEU B 511 12.87 11.47 -7.76
C LEU B 511 11.41 11.83 -7.53
N PHE B 512 10.99 11.82 -6.27
CA PHE B 512 9.68 12.31 -5.90
C PHE B 512 9.70 12.76 -4.44
N ASP B 513 8.82 13.69 -4.11
CA ASP B 513 8.88 14.36 -2.81
C ASP B 513 7.50 14.41 -2.18
N ILE B 514 7.48 14.46 -0.85
CA ILE B 514 6.25 14.62 -0.10
C ILE B 514 6.45 15.71 0.95
N GLU B 515 5.35 16.16 1.52
CA GLU B 515 5.38 17.19 2.56
C GLU B 515 4.96 16.56 3.88
N VAL B 516 5.88 16.51 4.84
CA VAL B 516 5.54 15.98 6.15
C VAL B 516 5.45 17.12 7.15
N GLY B 517 4.77 16.88 8.26
CA GLY B 517 4.59 17.88 9.28
C GLY B 517 5.51 17.65 10.46
N PRO B 518 5.63 18.63 11.33
CA PRO B 518 6.58 18.53 12.44
C PRO B 518 6.27 17.36 13.35
N GLU B 519 7.33 16.75 13.86
CA GLU B 519 7.20 15.74 14.90
C GLU B 519 6.91 16.40 16.24
N GLY B 520 6.01 15.80 17.00
CA GLY B 520 5.68 16.31 18.31
C GLY B 520 4.52 17.27 18.36
N LEU B 521 3.91 17.59 17.23
CA LEU B 521 2.76 18.48 17.22
C LEU B 521 1.55 17.77 17.80
N THR B 522 0.65 18.52 18.42
CA THR B 522 -0.50 17.97 19.12
C THR B 522 -1.80 18.52 18.54
N PHE B 523 -2.81 17.67 18.45
CA PHE B 523 -4.13 18.01 17.96
C PHE B 523 -5.19 17.67 18.99
N PRO B 524 -6.32 18.37 19.00
CA PRO B 524 -7.41 17.97 19.88
C PRO B 524 -8.02 16.65 19.43
N PHE B 525 -8.65 15.96 20.37
CA PHE B 525 -9.25 14.67 20.09
C PHE B 525 -10.52 14.51 20.91
N VAL B 526 -11.64 14.24 20.22
CA VAL B 526 -12.95 14.08 20.85
C VAL B 526 -13.59 12.83 20.27
N LEU B 527 -14.21 12.03 21.14
CA LEU B 527 -14.90 10.83 20.71
C LEU B 527 -16.14 10.62 21.55
N ARG B 528 -17.31 10.54 20.93
CA ARG B 528 -18.56 10.39 21.64
C ARG B 528 -19.16 9.02 21.31
N TYR B 529 -19.56 8.29 22.35
CA TYR B 529 -20.20 7.00 22.19
C TYR B 529 -21.52 7.01 22.94
N ARG B 530 -22.62 6.78 22.24
CA ARG B 530 -23.95 6.79 22.82
C ARG B 530 -24.50 5.37 22.83
N GLY B 531 -24.69 4.81 24.02
CA GLY B 531 -25.11 3.42 24.06
C GLY B 531 -25.49 3.01 25.47
N HIS B 532 -25.68 1.70 25.63
CA HIS B 532 -26.10 1.17 26.93
C HIS B 532 -24.91 0.76 27.77
N LYS B 533 -23.83 0.30 27.14
CA LYS B 533 -22.67 -0.19 27.85
C LYS B 533 -21.42 0.15 27.06
N PHE B 534 -20.41 0.64 27.74
CA PHE B 534 -19.18 0.98 27.05
C PHE B 534 -18.47 -0.29 26.60
N PRO B 535 -18.26 -0.48 25.30
CA PRO B 535 -17.70 -1.74 24.82
C PRO B 535 -16.29 -1.95 25.35
N GLU B 536 -15.95 -3.22 25.61
CA GLU B 536 -14.59 -3.53 25.98
C GLU B 536 -13.66 -3.36 24.80
N GLN B 537 -14.16 -3.56 23.58
CA GLN B 537 -13.32 -3.40 22.40
C GLN B 537 -12.93 -1.95 22.20
N LEU B 538 -13.87 -1.02 22.41
CA LEU B 538 -13.54 0.39 22.28
C LEU B 538 -12.56 0.82 23.37
N SER B 539 -12.74 0.31 24.58
CA SER B 539 -11.78 0.58 25.64
C SER B 539 -10.40 0.06 25.26
N SER B 540 -10.36 -1.13 24.66
CA SER B 540 -9.09 -1.69 24.23
C SER B 540 -8.44 -0.80 23.19
N VAL B 541 -9.21 -0.31 22.23
CA VAL B 541 -8.65 0.54 21.19
C VAL B 541 -8.11 1.82 21.79
N ILE B 542 -8.86 2.42 22.72
CA ILE B 542 -8.39 3.65 23.35
C ILE B 542 -7.10 3.41 24.11
N ARG B 543 -7.04 2.34 24.91
CA ARG B 543 -5.83 2.05 25.66
C ARG B 543 -4.67 1.74 24.73
N TYR B 544 -4.96 1.13 23.58
CA TYR B 544 -3.94 0.88 22.59
C TYR B 544 -3.37 2.18 22.05
N TRP B 545 -4.25 3.14 21.72
CA TRP B 545 -3.79 4.42 21.22
C TRP B 545 -3.10 5.24 22.29
N GLU B 546 -3.50 5.07 23.54
CA GLU B 546 -2.94 5.87 24.63
C GLU B 546 -1.47 5.56 24.81
N GLU B 547 -0.70 6.59 25.14
CA GLU B 547 0.70 6.40 25.50
C GLU B 547 0.84 6.65 27.00
N ASN B 548 1.37 5.67 27.70
CA ASN B 548 1.66 5.84 29.12
C ASN B 548 3.14 5.58 29.31
N ASP B 549 3.62 5.60 30.56
CA ASP B 549 4.99 5.23 30.85
C ASP B 549 5.22 3.79 30.42
N GLY B 550 6.34 3.54 29.76
CA GLY B 550 6.65 2.21 29.30
C GLY B 550 5.80 1.72 28.15
N LYS B 551 4.95 2.58 27.59
CA LYS B 551 4.12 2.21 26.44
C LYS B 551 4.21 3.32 25.40
N ASN B 552 4.21 2.93 24.13
CA ASN B 552 4.18 3.90 23.05
C ASN B 552 2.77 4.02 22.52
N GLY B 553 2.29 5.25 22.38
CA GLY B 553 1.05 5.46 21.64
C GLY B 553 1.19 4.88 20.25
N MET B 554 0.19 4.14 19.83
CA MET B 554 0.38 3.19 18.76
C MET B 554 -0.80 3.33 17.80
N ALA B 555 -1.15 4.58 17.50
CA ALA B 555 -2.27 4.91 16.63
C ALA B 555 -1.74 5.34 15.27
N TRP B 556 -1.80 4.44 14.29
CA TRP B 556 -1.29 4.72 12.96
C TRP B 556 -2.35 5.47 12.15
N LEU B 557 -2.15 6.77 12.02
CA LEU B 557 -3.05 7.58 11.22
C LEU B 557 -2.39 7.97 9.90
N GLY B 558 -3.21 8.39 8.96
CA GLY B 558 -2.70 8.91 7.71
C GLY B 558 -2.02 7.86 6.87
N GLY B 559 -1.27 8.34 5.87
CA GLY B 559 -0.59 7.50 4.93
C GLY B 559 0.90 7.39 5.20
N LEU B 560 1.59 6.76 4.26
CA LEU B 560 3.03 6.54 4.35
C LEU B 560 3.41 5.82 5.64
N ASP B 561 2.58 4.87 6.07
CA ASP B 561 2.90 4.13 7.28
C ASP B 561 4.14 3.27 7.08
N SER B 562 4.43 2.88 5.84
CA SER B 562 5.58 2.02 5.60
C SER B 562 6.87 2.69 6.01
N THR B 563 7.04 3.96 5.69
CA THR B 563 8.20 4.71 6.14
C THR B 563 8.00 5.32 7.51
N GLY B 564 6.98 4.87 8.25
CA GLY B 564 6.83 5.25 9.63
C GLY B 564 6.32 6.64 9.88
N LYS B 565 5.54 7.20 8.97
CA LYS B 565 5.02 8.55 9.15
C LYS B 565 3.56 8.49 9.55
N GLY B 566 3.25 8.90 10.77
CA GLY B 566 1.87 9.01 11.17
C GLY B 566 1.55 8.32 12.48
N ARG B 567 2.56 7.85 13.21
CA ARG B 567 2.30 7.17 14.47
C ARG B 567 1.93 8.19 15.53
N PHE B 568 0.69 8.12 16.01
CA PHE B 568 0.16 9.11 16.94
C PHE B 568 -0.06 8.46 18.29
N ALA B 569 -0.18 9.30 19.31
CA ALA B 569 -0.30 8.84 20.68
C ALA B 569 -1.37 9.66 21.39
N LEU B 570 -2.36 8.99 21.98
CA LEU B 570 -3.29 9.69 22.82
C LEU B 570 -2.62 10.11 24.12
N LYS B 571 -3.07 11.23 24.66
CA LYS B 571 -2.44 11.80 25.84
C LYS B 571 -3.46 12.66 26.56
N ASP B 572 -3.38 12.66 27.89
CA ASP B 572 -4.30 13.42 28.74
C ASP B 572 -5.75 12.99 28.51
N ILE B 573 -5.99 11.68 28.44
CA ILE B 573 -7.34 11.19 28.24
C ILE B 573 -8.17 11.45 29.48
N LYS B 574 -9.38 11.99 29.27
CA LYS B 574 -10.33 12.21 30.36
C LYS B 574 -11.70 11.80 29.83
N ILE B 575 -12.35 10.86 30.52
CA ILE B 575 -13.62 10.36 30.05
C ILE B 575 -14.75 10.81 30.96
N PHE B 576 -15.84 11.26 30.35
CA PHE B 576 -16.98 11.79 31.07
C PHE B 576 -18.22 11.03 30.60
N GLU B 577 -19.29 11.17 31.36
CA GLU B 577 -20.49 10.38 31.19
C GLU B 577 -21.73 11.23 31.40
N TRP B 578 -22.63 11.17 30.43
CA TRP B 578 -23.94 11.80 30.49
C TRP B 578 -24.97 10.73 30.78
N ASP B 579 -25.78 10.93 31.81
CA ASP B 579 -26.87 10.01 32.14
C ASP B 579 -28.12 10.47 31.40
N LEU B 580 -28.36 9.87 30.24
CA LEU B 580 -29.43 10.34 29.38
C LEU B 580 -30.80 9.99 29.93
N ASN B 581 -30.91 8.89 30.66
CA ASN B 581 -32.21 8.50 31.17
C ASN B 581 -32.68 9.45 32.26
N GLN B 582 -31.77 9.97 33.06
CA GLN B 582 -32.14 10.77 34.21
C GLN B 582 -31.90 12.25 34.05
N LYS B 583 -30.89 12.65 33.29
CA LYS B 583 -30.49 14.04 33.16
C LYS B 583 -30.61 14.51 31.72
N ILE B 584 -31.67 14.09 31.03
CA ILE B 584 -31.79 14.42 29.62
C ILE B 584 -31.99 15.91 29.42
N ASN B 585 -32.69 16.55 30.35
CA ASN B 585 -32.89 17.99 30.24
C ASN B 585 -31.58 18.74 30.29
N GLU B 586 -30.68 18.34 31.19
CA GLU B 586 -29.38 18.98 31.26
C GLU B 586 -28.57 18.75 30.01
N TYR B 587 -28.65 17.54 29.45
CA TYR B 587 -27.93 17.27 28.21
C TYR B 587 -28.43 18.17 27.10
N ILE B 588 -29.76 18.33 26.98
CA ILE B 588 -30.29 19.21 25.95
C ILE B 588 -29.86 20.65 26.20
N LYS B 589 -29.91 21.10 27.45
CA LYS B 589 -29.55 22.48 27.75
C LYS B 589 -28.10 22.76 27.41
N GLU B 590 -27.21 21.84 27.72
CA GLU B 590 -25.80 22.02 27.40
C GLU B 590 -25.46 21.63 25.98
N ARG B 591 -26.40 21.09 25.23
CA ARG B 591 -26.20 20.75 23.83
C ARG B 591 -25.05 19.75 23.68
N GLY B 592 -24.88 18.90 24.68
CA GLY B 592 -23.86 17.88 24.61
C GLY B 592 -22.45 18.40 24.61
N MET B 593 -22.24 19.64 25.04
CA MET B 593 -20.92 20.25 25.06
C MET B 593 -20.32 20.26 23.66
N ARG B 594 -21.17 20.26 22.65
CA ARG B 594 -20.73 20.21 21.27
C ARG B 594 -20.13 21.55 20.90
N GLY B 595 -18.87 21.53 20.48
CA GLY B 595 -18.15 22.75 20.21
C GLY B 595 -17.46 23.36 21.42
N LYS B 596 -17.67 22.79 22.59
CA LYS B 596 -17.02 23.25 23.82
C LYS B 596 -16.14 22.17 24.43
N GLU B 597 -15.64 21.24 23.61
CA GLU B 597 -14.92 20.10 24.15
C GLU B 597 -13.60 20.54 24.77
N LYS B 598 -12.95 21.54 24.20
CA LYS B 598 -11.70 22.03 24.78
C LYS B 598 -11.92 22.51 26.22
N GLU B 599 -12.97 23.31 26.42
CA GLU B 599 -13.31 23.75 27.76
C GLU B 599 -13.41 22.58 28.71
N LEU B 600 -13.99 21.48 28.24
CA LEU B 600 -14.02 20.26 29.04
C LEU B 600 -12.63 19.76 29.32
N LEU B 601 -11.74 19.82 28.33
CA LEU B 601 -10.40 19.28 28.51
C LEU B 601 -9.65 20.01 29.61
N GLU B 602 -9.71 21.35 29.63
CA GLU B 602 -9.07 22.07 30.72
C GLU B 602 -9.99 22.35 31.91
N MET B 603 -11.21 21.83 31.91
CA MET B 603 -12.13 22.15 32.98
C MET B 603 -11.74 21.46 34.27
N GLY B 604 -11.95 22.16 35.38
CA GLY B 604 -11.81 21.54 36.67
C GLY B 604 -12.99 20.64 36.99
N GLU B 605 -12.78 19.77 37.97
CA GLU B 605 -13.80 18.79 38.32
C GLU B 605 -15.06 19.45 38.85
N SER B 606 -14.91 20.52 39.62
CA SER B 606 -16.07 21.17 40.23
C SER B 606 -16.87 21.94 39.19
N SER B 607 -16.21 22.47 38.17
CA SER B 607 -16.87 23.30 37.17
C SER B 607 -17.66 22.49 36.14
N LEU B 608 -17.80 21.19 36.33
CA LEU B 608 -18.49 20.38 35.35
C LEU B 608 -19.96 20.80 35.24
N PRO B 609 -20.49 20.90 34.04
CA PRO B 609 -21.92 21.18 33.90
C PRO B 609 -22.73 20.04 34.51
N ASP B 610 -23.88 20.41 35.07
CA ASP B 610 -24.70 19.44 35.79
C ASP B 610 -25.12 18.31 34.88
N GLY B 611 -25.10 17.09 35.40
CA GLY B 611 -25.46 15.91 34.65
C GLY B 611 -24.31 15.20 33.98
N LEU B 612 -23.12 15.79 34.01
CA LEU B 612 -21.93 15.20 33.42
C LEU B 612 -20.99 14.80 34.54
N ILE B 613 -20.63 13.52 34.60
CA ILE B 613 -19.78 13.06 35.70
C ILE B 613 -18.58 12.31 35.16
N PRO B 614 -17.44 12.33 35.84
CA PRO B 614 -16.29 11.56 35.37
C PRO B 614 -16.60 10.08 35.37
N TYR B 615 -16.09 9.38 34.35
CA TYR B 615 -16.26 7.95 34.26
C TYR B 615 -15.19 7.27 35.11
N LYS B 616 -15.62 6.58 36.15
CA LYS B 616 -14.69 5.97 37.09
C LYS B 616 -14.39 4.52 36.78
N PHE B 617 -14.98 3.95 35.73
CA PHE B 617 -14.81 2.54 35.44
C PHE B 617 -14.09 2.28 34.13
N PHE B 618 -13.23 3.20 33.71
CA PHE B 618 -12.41 2.96 32.54
C PHE B 618 -11.41 1.85 32.85
N GLU B 619 -11.66 0.67 32.31
CA GLU B 619 -10.76 -0.45 32.58
C GLU B 619 -9.38 -0.15 32.01
N GLU B 620 -8.36 -0.32 32.84
CA GLU B 620 -7.01 -0.15 32.34
C GLU B 620 -6.61 -1.36 31.53
N ARG B 621 -5.60 -1.18 30.68
CA ARG B 621 -5.04 -2.30 29.95
C ARG B 621 -4.48 -3.32 30.92
N GLU B 622 -4.19 -4.51 30.39
CA GLU B 622 -3.83 -5.70 31.17
C GLU B 622 -5.04 -6.22 31.93
N CYS B 623 -6.20 -5.63 31.69
CA CYS B 623 -7.47 -6.20 32.11
C CYS B 623 -8.46 -6.28 30.96
N LEU B 624 -8.07 -5.88 29.76
CA LEU B 624 -8.93 -5.91 28.60
C LEU B 624 -8.49 -7.06 27.69
N PHE B 625 -9.33 -8.08 27.56
CA PHE B 625 -8.99 -9.20 26.71
C PHE B 625 -8.76 -8.83 25.26
N PRO B 626 -9.57 -7.98 24.61
CA PRO B 626 -9.24 -7.60 23.24
C PRO B 626 -7.87 -6.98 23.11
N TYR B 627 -7.48 -6.14 24.06
CA TYR B 627 -6.17 -5.49 23.97
C TYR B 627 -5.05 -6.50 24.08
N LYS B 628 -5.14 -7.41 25.06
CA LYS B 628 -4.07 -8.37 25.25
C LYS B 628 -4.01 -9.39 24.13
N GLU B 629 -5.16 -9.88 23.70
CA GLU B 629 -5.20 -11.00 22.77
C GLU B 629 -5.13 -10.57 21.31
N ASN B 630 -5.61 -9.38 20.98
CA ASN B 630 -5.72 -8.97 19.58
C ASN B 630 -4.84 -7.79 19.24
N LEU B 631 -4.97 -6.68 19.98
CA LEU B 631 -4.32 -5.44 19.53
C LEU B 631 -2.84 -5.43 19.86
N LYS B 632 -2.47 -5.78 21.08
CA LYS B 632 -1.07 -5.66 21.49
C LYS B 632 -0.13 -6.48 20.63
N PRO B 633 -0.38 -7.76 20.36
CA PRO B 633 0.59 -8.54 19.58
C PRO B 633 0.63 -8.19 18.11
N GLN B 634 -0.13 -7.19 17.66
CA GLN B 634 -0.21 -6.95 16.22
C GLN B 634 1.10 -6.45 15.67
N TRP B 635 1.69 -5.44 16.31
CA TRP B 635 2.96 -4.89 15.87
C TRP B 635 4.00 -5.09 16.95
N SER B 636 5.15 -5.62 16.58
CA SER B 636 6.26 -5.81 17.49
C SER B 636 7.33 -4.77 17.19
N GLU B 637 7.80 -4.10 18.23
CA GLU B 637 8.80 -3.06 18.10
C GLU B 637 10.19 -3.68 18.17
N VAL B 638 11.09 -3.24 17.29
CA VAL B 638 12.49 -3.58 17.37
C VAL B 638 13.25 -2.26 17.41
N GLN B 639 13.94 -2.01 18.51
CA GLN B 639 14.69 -0.78 18.71
C GLN B 639 16.15 -1.11 18.86
N TYR B 640 17.02 -0.32 18.24
CA TYR B 640 18.44 -0.62 18.27
C TYR B 640 19.25 0.62 17.95
N THR B 641 20.51 0.59 18.38
CA THR B 641 21.44 1.69 18.20
C THR B 641 22.56 1.24 17.27
N ILE B 642 22.91 2.10 16.33
CA ILE B 642 23.98 1.85 15.37
C ILE B 642 25.12 2.80 15.68
N GLU B 643 26.33 2.27 15.77
CA GLU B 643 27.51 3.09 16.02
C GLU B 643 28.24 3.30 14.70
N VAL B 644 28.30 4.55 14.26
CA VAL B 644 29.01 4.93 13.05
C VAL B 644 30.35 5.48 13.46
N GLY B 645 31.43 4.80 13.08
CA GLY B 645 32.77 5.20 13.45
C GLY B 645 33.48 6.10 12.47
N SER B 646 32.81 6.52 11.41
CA SER B 646 33.40 7.32 10.36
C SER B 646 32.52 8.55 10.16
N PRO B 647 32.97 9.51 9.36
CA PRO B 647 32.09 10.63 9.00
C PRO B 647 30.82 10.10 8.35
N LEU B 648 29.71 10.74 8.66
CA LEU B 648 28.40 10.36 8.14
C LEU B 648 27.84 11.52 7.35
N LEU B 649 27.30 11.23 6.18
CA LEU B 649 26.83 12.29 5.28
C LEU B 649 25.62 11.77 4.52
N THR B 650 24.44 12.06 5.04
CA THR B 650 23.20 11.84 4.31
C THR B 650 22.84 13.18 3.66
N ALA B 651 23.22 13.33 2.40
CA ALA B 651 23.14 14.63 1.75
C ALA B 651 21.71 15.14 1.67
N ASP B 652 21.58 16.45 1.82
CA ASP B 652 20.31 17.15 1.65
C ASP B 652 20.54 18.18 0.56
N THR B 653 20.17 17.84 -0.67
CA THR B 653 20.51 18.68 -1.81
C THR B 653 19.84 20.05 -1.69
N ILE B 654 18.56 20.08 -1.33
CA ILE B 654 17.84 21.34 -1.26
C ILE B 654 18.41 22.24 -0.18
N SER B 655 18.71 21.67 0.99
CA SER B 655 19.30 22.46 2.05
C SER B 655 20.63 23.03 1.61
N ALA B 656 21.39 22.27 0.82
CA ALA B 656 22.62 22.79 0.26
C ALA B 656 22.34 23.95 -0.68
N LEU B 657 21.25 23.89 -1.43
CA LEU B 657 20.97 24.96 -2.39
C LEU B 657 20.48 26.22 -1.71
N THR B 658 19.82 26.11 -0.57
CA THR B 658 19.20 27.28 0.02
C THR B 658 19.97 27.87 1.20
N GLU B 659 20.61 27.04 2.01
CA GLU B 659 21.27 27.54 3.21
C GLU B 659 22.49 28.38 2.85
N PRO B 660 22.77 29.43 3.61
CA PRO B 660 23.98 30.22 3.36
C PRO B 660 25.22 29.43 3.74
N GLY B 661 26.32 29.72 3.04
CA GLY B 661 27.59 29.15 3.42
C GLY B 661 28.42 28.56 2.30
N ASN B 662 27.86 28.50 1.09
CA ASN B 662 28.57 27.95 -0.07
C ASN B 662 29.07 26.53 0.23
N ARG B 663 28.14 25.67 0.63
CA ARG B 663 28.45 24.32 1.08
C ARG B 663 27.86 23.33 0.08
N ASP B 664 28.73 22.46 -0.45
CA ASP B 664 28.27 21.57 -1.53
C ASP B 664 27.34 20.49 -0.99
N ALA B 665 27.71 19.86 0.11
CA ALA B 665 26.92 18.77 0.68
C ALA B 665 26.88 18.92 2.19
N ILE B 666 25.67 18.89 2.75
CA ILE B 666 25.49 19.04 4.19
C ILE B 666 24.58 17.93 4.69
N ALA B 667 24.67 17.65 5.98
CA ALA B 667 23.93 16.55 6.57
C ALA B 667 22.44 16.86 6.63
N TYR B 668 21.65 15.79 6.72
CA TYR B 668 20.21 15.94 6.82
C TYR B 668 19.80 16.30 8.24
N LYS B 669 18.93 17.28 8.37
CA LYS B 669 18.42 17.70 9.68
C LYS B 669 16.92 17.90 9.57
N LYS B 670 16.23 17.64 10.67
CA LYS B 670 14.78 17.73 10.72
C LYS B 670 14.35 18.68 11.82
N ARG B 671 13.17 19.26 11.67
CA ARG B 671 12.60 20.18 12.63
C ARG B 671 11.65 19.42 13.54
N VAL B 672 11.81 19.60 14.85
CA VAL B 672 11.02 18.91 15.84
C VAL B 672 10.25 19.94 16.65
N TYR B 673 8.96 19.71 16.81
CA TYR B 673 8.09 20.63 17.53
C TYR B 673 8.08 20.24 19.01
N ASN B 674 8.28 21.23 19.87
CA ASN B 674 8.28 21.01 21.31
C ASN B 674 6.95 21.48 21.87
N ASP B 675 6.17 20.51 22.38
CA ASP B 675 4.85 20.86 22.89
C ASP B 675 4.94 21.77 24.11
N GLY B 676 5.92 21.54 24.97
CA GLY B 676 6.02 22.33 26.18
C GLY B 676 6.22 23.81 25.90
N ASN B 677 7.06 24.12 24.92
CA ASN B 677 7.34 25.51 24.58
C ASN B 677 6.41 26.06 23.50
N ASN B 678 5.55 25.22 22.93
CA ASN B 678 4.65 25.63 21.86
C ASN B 678 5.40 26.27 20.70
N ALA B 679 6.54 25.69 20.34
CA ALA B 679 7.33 26.24 19.25
C ALA B 679 8.25 25.16 18.70
N ILE B 680 8.74 25.40 17.49
CA ILE B 680 9.73 24.52 16.91
C ILE B 680 11.00 24.57 17.74
N GLU B 681 11.61 23.41 17.94
CA GLU B 681 12.87 23.35 18.65
C GLU B 681 13.89 24.23 17.93
N PRO B 682 14.58 25.10 18.67
CA PRO B 682 15.53 26.01 18.00
C PRO B 682 16.64 25.29 17.26
N GLU B 683 17.08 24.15 17.75
CA GLU B 683 18.20 23.45 17.15
C GLU B 683 17.73 22.18 16.46
N PRO B 684 17.86 22.09 15.15
CA PRO B 684 17.37 20.91 14.43
C PRO B 684 18.17 19.67 14.77
N ARG B 685 17.50 18.51 14.64
CA ARG B 685 18.07 17.21 14.99
C ARG B 685 18.65 16.58 13.74
N PHE B 686 19.89 16.11 13.84
CA PHE B 686 20.47 15.34 12.74
C PHE B 686 19.98 13.91 12.81
N ALA B 687 19.67 13.34 11.65
CA ALA B 687 19.12 12.00 11.61
C ALA B 687 19.34 11.41 10.23
N VAL B 688 19.11 10.11 10.13
CA VAL B 688 19.09 9.40 8.86
C VAL B 688 17.64 9.10 8.52
N LYS B 689 17.22 9.50 7.32
CA LYS B 689 15.81 9.44 6.96
C LYS B 689 15.30 8.01 7.06
N SER B 690 14.04 7.89 7.49
CA SER B 690 13.44 6.56 7.60
C SER B 690 13.39 5.87 6.25
N GLU B 691 13.21 6.65 5.18
CA GLU B 691 13.18 6.05 3.85
C GLU B 691 14.52 5.42 3.50
N THR B 692 15.63 6.05 3.88
CA THR B 692 16.93 5.46 3.66
C THR B 692 17.10 4.17 4.46
N HIS B 693 16.65 4.19 5.71
CA HIS B 693 16.66 3.00 6.54
C HIS B 693 15.91 1.86 5.86
N ARG B 694 14.70 2.16 5.38
CA ARG B 694 13.88 1.17 4.72
C ARG B 694 14.55 0.67 3.45
N GLY B 695 15.12 1.57 2.67
CA GLY B 695 15.79 1.15 1.45
C GLY B 695 16.95 0.23 1.72
N ILE B 696 17.71 0.52 2.77
CA ILE B 696 18.84 -0.35 3.10
C ILE B 696 18.34 -1.74 3.46
N PHE B 697 17.33 -1.82 4.31
CA PHE B 697 16.83 -3.15 4.67
C PHE B 697 16.28 -3.89 3.47
N ARG B 698 15.51 -3.20 2.63
CA ARG B 698 14.92 -3.84 1.47
C ARG B 698 15.99 -4.33 0.51
N THR B 699 17.01 -3.51 0.26
CA THR B 699 18.08 -3.93 -0.63
C THR B 699 18.83 -5.12 -0.06
N ALA B 700 19.09 -5.12 1.25
CA ALA B 700 19.81 -6.24 1.84
C ALA B 700 19.03 -7.54 1.66
N VAL B 701 17.73 -7.51 1.99
CA VAL B 701 16.92 -8.71 1.85
C VAL B 701 16.86 -9.15 0.40
N GLY B 702 16.60 -8.21 -0.51
CA GLY B 702 16.46 -8.57 -1.90
C GLY B 702 17.73 -9.16 -2.48
N ARG B 703 18.88 -8.59 -2.13
CA ARG B 703 20.14 -9.13 -2.62
C ARG B 703 20.40 -10.51 -2.06
N ARG B 704 20.08 -10.74 -0.80
CA ARG B 704 20.31 -12.07 -0.25
C ARG B 704 19.40 -13.10 -0.89
N THR B 705 18.16 -12.74 -1.19
CA THR B 705 17.24 -13.72 -1.74
C THR B 705 17.20 -13.72 -3.27
N GLY B 706 17.89 -12.79 -3.92
CA GLY B 706 17.89 -12.74 -5.36
C GLY B 706 16.69 -12.10 -5.99
N ASP B 707 15.73 -11.63 -5.20
CA ASP B 707 14.53 -11.03 -5.75
C ASP B 707 14.77 -9.64 -6.29
N LEU B 708 15.88 -9.01 -5.92
CA LEU B 708 16.15 -7.66 -6.42
C LEU B 708 16.36 -7.67 -7.92
N GLY B 709 16.97 -8.72 -8.44
CA GLY B 709 17.29 -8.76 -9.86
C GLY B 709 16.06 -8.92 -10.74
N LYS B 710 14.95 -9.39 -10.15
CA LYS B 710 13.75 -9.61 -10.93
C LYS B 710 13.27 -8.31 -11.53
N GLU B 711 12.92 -8.35 -12.81
CA GLU B 711 12.74 -7.11 -13.58
C GLU B 711 11.56 -6.30 -13.09
N ASP B 712 10.43 -6.95 -12.81
CA ASP B 712 9.22 -6.25 -12.41
C ASP B 712 8.46 -7.06 -11.37
N HIS B 713 8.02 -6.40 -10.32
CA HIS B 713 7.16 -7.02 -9.31
C HIS B 713 5.72 -6.60 -9.60
N GLU B 714 5.19 -7.11 -10.70
CA GLU B 714 3.85 -6.71 -11.10
C GLU B 714 2.81 -7.40 -10.23
N ASP B 715 2.73 -8.71 -10.31
CA ASP B 715 1.87 -9.50 -9.43
C ASP B 715 2.73 -10.60 -8.84
N CYS B 716 3.43 -10.29 -7.76
CA CYS B 716 4.50 -11.15 -7.29
C CYS B 716 4.33 -11.43 -5.82
N THR B 717 4.80 -12.62 -5.42
CA THR B 717 4.97 -13.01 -4.03
C THR B 717 6.37 -13.58 -3.90
N CYS B 718 7.35 -12.70 -3.68
CA CYS B 718 8.75 -13.05 -3.88
C CYS B 718 9.56 -13.09 -2.59
N ASP B 719 8.89 -13.18 -1.44
CA ASP B 719 9.56 -13.16 -0.14
C ASP B 719 10.19 -11.80 0.13
N MET B 720 10.13 -10.91 -0.86
CA MET B 720 10.48 -9.52 -0.62
C MET B 720 9.28 -8.63 -0.90
N CYS B 721 8.51 -8.97 -1.92
CA CYS B 721 7.20 -8.36 -2.07
C CYS B 721 6.30 -8.70 -0.90
N ILE B 722 6.49 -9.87 -0.30
CA ILE B 722 5.68 -10.26 0.85
C ILE B 722 6.04 -9.42 2.06
N ILE B 723 7.34 -9.25 2.32
CA ILE B 723 7.74 -8.53 3.52
C ILE B 723 7.55 -7.04 3.36
N PHE B 724 8.10 -6.46 2.30
CA PHE B 724 8.11 -5.02 2.14
C PHE B 724 6.95 -4.49 1.32
N GLY B 725 6.10 -5.36 0.79
CA GLY B 725 4.93 -4.90 0.08
C GLY B 725 5.25 -4.45 -1.33
N ASN B 726 4.21 -4.38 -2.14
CA ASN B 726 4.33 -3.91 -3.51
C ASN B 726 3.13 -3.04 -3.81
N GLU B 727 2.91 -2.75 -5.08
CA GLU B 727 1.86 -1.81 -5.46
C GLU B 727 0.48 -2.37 -5.14
N HIS B 728 0.38 -3.68 -4.90
CA HIS B 728 -0.92 -4.25 -4.59
C HIS B 728 -1.14 -4.40 -3.11
N GLU B 729 -0.14 -4.88 -2.38
CA GLU B 729 -0.31 -5.22 -0.97
C GLU B 729 0.67 -4.40 -0.14
N SER B 730 0.19 -3.85 0.95
CA SER B 730 0.99 -2.94 1.76
C SER B 730 2.05 -3.70 2.54
N SER B 731 3.03 -2.96 3.03
CA SER B 731 4.19 -3.56 3.66
C SER B 731 3.82 -4.18 5.00
N LYS B 732 4.57 -5.21 5.36
CA LYS B 732 4.44 -5.84 6.66
C LYS B 732 5.41 -5.29 7.69
N ILE B 733 6.29 -4.37 7.29
CA ILE B 733 7.31 -3.83 8.17
C ILE B 733 7.36 -2.32 7.96
N ARG B 734 7.44 -1.57 9.05
CA ARG B 734 7.39 -0.12 8.99
C ARG B 734 8.59 0.46 9.72
N PHE B 735 9.36 1.30 9.04
CA PHE B 735 10.61 1.80 9.57
C PHE B 735 10.45 3.23 10.05
N GLU B 736 11.29 3.63 11.01
CA GLU B 736 11.29 4.98 11.53
C GLU B 736 12.67 5.59 11.40
N ASP B 737 12.76 6.88 11.68
CA ASP B 737 14.00 7.62 11.53
C ASP B 737 15.06 7.10 12.48
N LEU B 738 16.31 7.11 12.01
CA LEU B 738 17.46 6.87 12.86
C LEU B 738 18.02 8.21 13.31
N GLU B 739 17.80 8.57 14.56
CA GLU B 739 18.11 9.91 15.05
C GLU B 739 19.42 9.90 15.81
N LEU B 740 20.18 10.97 15.64
CA LEU B 740 21.40 11.15 16.42
C LEU B 740 21.04 11.42 17.87
N ILE B 741 21.66 10.69 18.78
CA ILE B 741 21.32 10.78 20.21
C ILE B 741 22.47 11.25 21.07
N ASN B 742 23.70 11.22 20.57
CA ASN B 742 24.85 11.65 21.37
C ASN B 742 25.58 12.81 20.72
N GLY B 743 24.88 13.63 19.95
CA GLY B 743 25.53 14.76 19.31
C GLY B 743 26.05 15.78 20.30
N ASN B 744 25.54 15.76 21.54
CA ASN B 744 25.99 16.72 22.53
C ASN B 744 27.46 16.51 22.88
N GLU B 745 27.93 15.26 22.79
CA GLU B 745 29.30 14.97 23.19
C GLU B 745 30.30 15.65 22.26
N PHE B 746 30.01 15.67 20.97
CA PHE B 746 30.96 16.25 20.02
C PHE B 746 31.02 17.75 20.18
N GLU B 747 32.24 18.29 20.21
CA GLU B 747 32.40 19.74 20.29
C GLU B 747 31.98 20.39 18.98
N LYS B 748 32.13 19.67 17.86
CA LYS B 748 31.68 20.14 16.55
C LYS B 748 31.21 18.95 15.74
N LEU B 749 29.89 18.81 15.59
CA LEU B 749 29.36 17.70 14.81
C LEU B 749 29.82 17.76 13.36
N GLU B 750 29.60 18.88 12.69
CA GLU B 750 29.92 18.99 11.28
C GLU B 750 31.40 19.28 11.13
N LYS B 751 32.04 18.57 10.20
CA LYS B 751 33.43 18.77 9.88
C LYS B 751 33.55 19.08 8.39
N HIS B 752 34.37 20.07 8.05
CA HIS B 752 34.53 20.43 6.65
C HIS B 752 35.65 19.61 6.04
N ILE B 753 35.31 18.73 5.10
CA ILE B 753 36.28 17.90 4.41
C ILE B 753 36.14 18.14 2.93
N ASP B 754 37.23 18.50 2.27
CA ASP B 754 37.22 18.85 0.86
C ASP B 754 38.11 17.92 0.04
N HIS B 755 37.67 17.61 -1.17
CA HIS B 755 38.35 16.69 -2.07
C HIS B 755 38.62 17.39 -3.40
N VAL B 756 39.55 16.82 -4.17
CA VAL B 756 39.77 17.26 -5.54
C VAL B 756 40.29 16.05 -6.32
N ALA B 757 40.11 16.10 -7.63
CA ALA B 757 40.51 15.01 -8.52
C ALA B 757 41.86 15.33 -9.14
N ILE B 758 42.74 14.35 -9.16
CA ILE B 758 44.11 14.53 -9.64
C ILE B 758 44.20 14.06 -11.09
N ASP B 759 44.68 14.94 -11.97
CA ASP B 759 44.89 14.57 -13.35
C ASP B 759 45.96 13.49 -13.44
N ARG B 760 45.65 12.41 -14.15
CA ARG B 760 46.57 11.27 -14.20
C ARG B 760 47.87 11.64 -14.89
N PHE B 761 47.79 12.39 -15.99
CA PHE B 761 48.99 12.77 -16.72
C PHE B 761 49.77 13.85 -15.99
N THR B 762 49.15 15.02 -15.79
CA THR B 762 49.88 16.16 -15.23
C THR B 762 50.29 15.90 -13.79
N GLY B 763 49.48 15.17 -13.04
CA GLY B 763 49.74 14.96 -11.63
C GLY B 763 49.21 16.05 -10.74
N GLY B 764 48.69 17.14 -11.31
CA GLY B 764 48.07 18.19 -10.55
C GLY B 764 46.58 17.93 -10.37
N ALA B 765 45.88 18.98 -9.95
CA ALA B 765 44.46 18.89 -9.65
C ALA B 765 43.68 19.86 -10.55
N LEU B 766 42.51 19.42 -10.99
CA LEU B 766 41.61 20.31 -11.70
C LEU B 766 40.93 21.24 -10.70
N ASP B 767 41.07 22.55 -10.93
CA ASP B 767 40.49 23.53 -10.02
C ASP B 767 38.97 23.41 -10.01
N LYS B 768 38.37 23.00 -11.12
CA LYS B 768 36.92 22.82 -11.17
C LYS B 768 36.50 21.59 -10.40
N ALA B 769 37.40 20.62 -10.23
CA ALA B 769 37.02 19.34 -9.66
C ALA B 769 36.91 19.40 -8.14
N LYS B 770 37.43 20.46 -7.51
CA LYS B 770 37.40 20.54 -6.06
C LYS B 770 35.97 20.68 -5.56
N PHE B 771 35.65 19.96 -4.49
CA PHE B 771 34.33 19.99 -3.88
C PHE B 771 34.46 19.67 -2.40
N ASP B 772 33.65 20.34 -1.58
CA ASP B 772 33.74 20.21 -0.14
C ASP B 772 32.43 19.71 0.44
N THR B 773 32.53 18.92 1.50
CA THR B 773 31.40 18.30 2.17
C THR B 773 31.45 18.60 3.66
N TYR B 774 30.32 18.46 4.33
CA TYR B 774 30.18 18.75 5.75
C TYR B 774 29.55 17.58 6.47
N PRO B 775 30.26 16.46 6.58
CA PRO B 775 29.70 15.30 7.27
C PRO B 775 29.79 15.44 8.78
N LEU B 776 28.94 14.68 9.46
CA LEU B 776 29.01 14.63 10.91
C LEU B 776 30.28 13.92 11.34
N ALA B 777 31.05 14.58 12.20
CA ALA B 777 32.38 14.11 12.56
C ALA B 777 32.26 12.91 13.49
N GLY B 778 32.35 11.72 12.94
CA GLY B 778 32.39 10.51 13.73
C GLY B 778 33.71 9.80 13.55
N SER B 779 34.30 9.38 14.66
CA SER B 779 35.63 8.80 14.68
C SER B 779 35.57 7.43 15.36
N PRO B 780 36.55 6.58 15.09
CA PRO B 780 36.49 5.22 15.66
C PRO B 780 36.41 5.18 17.18
N LYS B 781 37.08 6.09 17.88
CA LYS B 781 36.98 6.07 19.34
C LYS B 781 35.91 7.01 19.88
N LYS B 782 35.28 7.81 19.02
CA LYS B 782 34.15 8.65 19.43
C LYS B 782 33.05 8.47 18.40
N PRO B 783 32.43 7.29 18.35
CA PRO B 783 31.45 7.02 17.31
C PRO B 783 30.16 7.82 17.50
N LEU B 784 29.52 8.11 16.39
CA LEU B 784 28.16 8.64 16.42
C LEU B 784 27.21 7.50 16.77
N LYS B 785 26.22 7.78 17.60
CA LYS B 785 25.21 6.79 17.95
C LYS B 785 23.87 7.20 17.38
N LEU B 786 23.24 6.29 16.65
CA LEU B 786 21.95 6.54 16.03
C LEU B 786 20.95 5.52 16.56
N LYS B 787 19.87 6.00 17.15
CA LYS B 787 18.86 5.11 17.70
C LYS B 787 17.65 5.09 16.77
N GLY B 788 17.21 3.90 16.40
CA GLY B 788 16.08 3.79 15.50
C GLY B 788 15.34 2.50 15.75
N ARG B 789 14.07 2.49 15.34
CA ARG B 789 13.20 1.36 15.56
C ARG B 789 12.40 1.07 14.31
N PHE B 790 11.95 -0.17 14.19
CA PHE B 790 11.01 -0.55 13.16
C PHE B 790 10.02 -1.55 13.73
N TRP B 791 8.85 -1.60 13.09
CA TRP B 791 7.70 -2.35 13.58
C TRP B 791 7.44 -3.49 12.62
N ILE B 792 7.25 -4.70 13.16
CA ILE B 792 7.01 -5.90 12.38
C ILE B 792 5.60 -6.39 12.67
N LYS B 793 4.82 -6.60 11.61
CA LYS B 793 3.46 -7.06 11.81
C LYS B 793 3.44 -8.51 12.25
N LYS B 794 2.45 -8.84 13.08
CA LYS B 794 2.23 -10.21 13.50
C LYS B 794 2.00 -11.11 12.30
N GLY B 795 2.60 -12.28 12.34
CA GLY B 795 2.31 -13.29 11.34
C GLY B 795 3.43 -13.64 10.39
N PHE B 796 4.65 -13.18 10.64
CA PHE B 796 5.76 -13.65 9.82
C PHE B 796 6.02 -15.12 10.04
N SER B 797 6.34 -15.82 8.95
CA SER B 797 6.89 -17.15 9.08
C SER B 797 8.31 -17.05 9.65
N GLY B 798 8.77 -18.16 10.21
CA GLY B 798 10.12 -18.18 10.74
C GLY B 798 11.15 -17.83 9.70
N ASP B 799 10.89 -18.17 8.44
CA ASP B 799 11.83 -17.86 7.38
C ASP B 799 11.97 -16.36 7.18
N HIS B 800 10.86 -15.62 7.24
CA HIS B 800 10.94 -14.19 7.02
C HIS B 800 11.58 -13.47 8.19
N LYS B 801 11.31 -13.95 9.41
CA LYS B 801 12.05 -13.43 10.56
C LYS B 801 13.54 -13.70 10.39
N LEU B 802 13.89 -14.86 9.85
CA LEU B 802 15.28 -15.15 9.58
C LEU B 802 15.87 -14.17 8.59
N LEU B 803 15.11 -13.84 7.54
CA LEU B 803 15.59 -12.88 6.56
C LEU B 803 15.83 -11.52 7.20
N ILE B 804 14.89 -11.05 8.03
CA ILE B 804 15.06 -9.74 8.65
C ILE B 804 16.26 -9.74 9.59
N THR B 805 16.41 -10.80 10.39
CA THR B 805 17.55 -10.87 11.29
C THR B 805 18.86 -10.92 10.53
N THR B 806 18.89 -11.65 9.41
CA THR B 806 20.09 -11.69 8.59
C THR B 806 20.40 -10.32 8.02
N ALA B 807 19.37 -9.56 7.65
CA ALA B 807 19.60 -8.19 7.18
C ALA B 807 20.22 -7.34 8.29
N LEU B 808 19.73 -7.48 9.51
CA LEU B 808 20.34 -6.75 10.63
C LEU B 808 21.79 -7.15 10.81
N SER B 809 22.08 -8.44 10.73
CA SER B 809 23.45 -8.89 10.88
C SER B 809 24.33 -8.34 9.78
N ASP B 810 23.81 -8.27 8.55
CA ASP B 810 24.56 -7.72 7.44
C ASP B 810 24.88 -6.26 7.68
N ILE B 811 23.90 -5.49 8.16
CA ILE B 811 24.16 -4.09 8.47
C ILE B 811 25.20 -3.98 9.56
N ARG B 812 25.15 -4.86 10.56
CA ARG B 812 26.13 -4.83 11.63
C ARG B 812 27.53 -5.11 11.11
N ASP B 813 27.66 -6.06 10.19
CA ASP B 813 28.99 -6.40 9.69
C ASP B 813 29.52 -5.35 8.75
N GLY B 814 28.69 -4.41 8.32
CA GLY B 814 29.15 -3.31 7.50
C GLY B 814 29.07 -3.52 6.01
N LEU B 815 28.16 -4.38 5.54
CA LEU B 815 28.04 -4.58 4.10
C LEU B 815 27.35 -3.39 3.44
N TYR B 816 26.66 -2.57 4.22
CA TYR B 816 25.92 -1.44 3.67
C TYR B 816 26.24 -0.18 4.45
N PRO B 817 27.04 0.72 3.91
CA PRO B 817 27.26 2.01 4.57
C PRO B 817 26.02 2.88 4.48
N LEU B 818 25.93 3.83 5.40
CA LEU B 818 24.81 4.77 5.45
C LEU B 818 25.20 6.04 4.72
N GLY B 819 24.31 6.54 3.89
CA GLY B 819 24.53 7.81 3.25
C GLY B 819 25.52 7.75 2.11
N SER B 820 25.90 8.94 1.66
CA SER B 820 26.69 9.09 0.46
C SER B 820 28.15 8.73 0.70
N LYS B 821 28.87 8.56 -0.39
CA LYS B 821 30.33 8.41 -0.39
C LYS B 821 30.77 7.27 0.50
N GLY B 822 30.04 6.16 0.46
CA GLY B 822 30.44 5.00 1.21
C GLY B 822 31.76 4.43 0.73
N GLY B 823 32.00 4.48 -0.57
CA GLY B 823 33.22 3.90 -1.11
C GLY B 823 34.47 4.58 -0.59
N VAL B 824 34.41 5.90 -0.42
CA VAL B 824 35.56 6.62 0.12
C VAL B 824 35.79 6.25 1.58
N GLY B 825 34.73 6.02 2.34
CA GLY B 825 34.90 5.64 3.72
C GLY B 825 33.90 6.27 4.66
N TYR B 826 32.97 7.06 4.12
CA TYR B 826 31.99 7.70 4.97
C TYR B 826 30.93 6.70 5.44
N GLY B 827 30.42 6.93 6.64
CA GLY B 827 29.24 6.21 7.12
C GLY B 827 29.40 4.72 7.22
N TRP B 828 30.52 4.25 7.76
CA TRP B 828 30.75 2.83 7.94
C TRP B 828 30.26 2.41 9.31
N VAL B 829 29.29 1.49 9.34
CA VAL B 829 28.76 1.01 10.60
C VAL B 829 29.81 0.19 11.33
N ALA B 830 29.97 0.44 12.62
CA ALA B 830 30.91 -0.32 13.44
C ALA B 830 30.24 -1.41 14.25
N GLY B 831 29.01 -1.19 14.69
CA GLY B 831 28.28 -2.21 15.44
C GLY B 831 26.88 -1.74 15.73
N ILE B 832 26.09 -2.65 16.29
CA ILE B 832 24.73 -2.33 16.73
C ILE B 832 24.51 -2.93 18.10
N SER B 833 23.72 -2.22 18.91
CA SER B 833 23.26 -2.69 20.20
C SER B 833 21.75 -2.84 20.16
N ILE B 834 21.26 -3.98 20.59
CA ILE B 834 19.83 -4.28 20.54
C ILE B 834 19.20 -3.91 21.88
N ASP B 835 18.07 -3.21 21.82
CA ASP B 835 17.35 -2.86 23.03
C ASP B 835 16.86 -4.10 23.75
N ASP B 836 16.74 -4.00 25.07
CA ASP B 836 16.34 -5.15 25.87
C ASP B 836 14.90 -5.55 25.61
N ASN B 837 14.02 -4.56 25.42
CA ASN B 837 12.60 -4.85 25.26
C ASN B 837 12.27 -5.48 23.91
N VAL B 838 13.27 -5.83 23.11
CA VAL B 838 13.00 -6.47 21.82
C VAL B 838 12.41 -7.84 22.09
N PRO B 839 11.59 -8.39 21.19
CA PRO B 839 11.17 -9.78 21.34
C PRO B 839 12.37 -10.70 21.46
N ASP B 840 12.28 -11.67 22.37
CA ASP B 840 13.44 -12.46 22.74
C ASP B 840 13.92 -13.30 21.57
N ASP B 841 13.00 -13.76 20.72
CA ASP B 841 13.39 -14.56 19.57
C ASP B 841 14.33 -13.78 18.65
N PHE B 842 13.99 -12.53 18.34
CA PHE B 842 14.89 -11.72 17.52
C PHE B 842 16.22 -11.52 18.21
N LYS B 843 16.20 -11.32 19.53
CA LYS B 843 17.44 -11.10 20.25
C LYS B 843 18.37 -12.30 20.11
N GLU B 844 17.84 -13.51 20.29
CA GLU B 844 18.69 -14.68 20.18
C GLU B 844 19.10 -14.95 18.74
N MET B 845 18.20 -14.69 17.78
CA MET B 845 18.54 -14.89 16.38
C MET B 845 19.65 -13.95 15.94
N ILE B 846 19.65 -12.72 16.44
CA ILE B 846 20.69 -11.77 16.05
C ILE B 846 21.97 -12.03 16.84
N ASN B 847 21.86 -12.58 18.05
CA ASN B 847 23.05 -12.84 18.84
C ASN B 847 23.78 -14.09 18.37
N LYS B 848 23.04 -15.07 17.83
CA LYS B 848 23.69 -16.32 17.44
C LYS B 848 24.66 -16.10 16.29
N THR B 849 24.45 -15.05 15.50
CA THR B 849 25.34 -14.75 14.38
C THR B 849 26.64 -14.14 14.86
N TYR B 850 53.14 -12.93 2.54
CA TYR B 850 53.98 -11.82 2.07
C TYR B 850 54.14 -11.91 0.56
N VAL B 851 54.66 -10.86 -0.06
CA VAL B 851 54.82 -10.80 -1.50
C VAL B 851 56.28 -10.54 -1.82
N HIS B 852 56.83 -11.33 -2.74
CA HIS B 852 58.23 -11.19 -3.16
C HIS B 852 58.27 -10.94 -4.67
N PRO B 853 58.36 -9.69 -5.10
CA PRO B 853 58.21 -9.39 -6.52
C PRO B 853 59.53 -9.40 -7.27
N GLY B 854 59.51 -8.95 -8.51
CA GLY B 854 60.73 -8.68 -9.23
C GLY B 854 61.40 -7.44 -8.66
N HIS B 855 61.90 -7.56 -7.44
CA HIS B 855 62.48 -6.43 -6.71
C HIS B 855 63.97 -6.27 -7.03
N GLN B 856 64.23 -5.86 -8.27
CA GLN B 856 65.51 -5.33 -8.67
C GLN B 856 65.27 -3.99 -9.34
N SER B 857 66.35 -3.31 -9.73
CA SER B 857 66.23 -1.99 -10.33
C SER B 857 67.59 -1.58 -10.87
N PRO B 858 67.63 -0.70 -11.86
CA PRO B 858 68.92 -0.18 -12.32
C PRO B 858 69.55 0.70 -11.25
N LYS B 859 70.58 0.18 -10.60
CA LYS B 859 71.29 0.92 -9.57
C LYS B 859 72.09 2.08 -10.16
N GLN B 860 72.27 2.09 -11.48
CA GLN B 860 73.04 3.07 -12.23
C GLN B 860 74.54 2.96 -11.95
N ASP B 861 74.96 1.94 -11.21
CA ASP B 861 76.38 1.67 -10.95
C ASP B 861 77.08 2.88 -10.34
N HIS B 862 76.35 3.66 -9.57
CA HIS B 862 76.82 4.95 -9.06
C HIS B 862 76.28 5.14 -7.66
N LYS B 863 77.12 5.65 -6.76
CA LYS B 863 76.75 5.82 -5.37
C LYS B 863 76.91 7.26 -4.89
N ASN B 864 77.32 8.18 -5.77
CA ASN B 864 77.73 9.49 -5.25
C ASN B 864 76.86 10.67 -5.68
N LYS B 865 76.78 10.95 -6.99
CA LYS B 865 76.41 12.30 -7.40
C LYS B 865 75.49 12.37 -8.63
N ASN B 866 74.94 11.25 -9.09
CA ASN B 866 73.96 11.38 -10.17
C ASN B 866 72.69 12.05 -9.67
N ILE B 867 72.17 12.98 -10.46
CA ILE B 867 70.92 13.66 -10.17
C ILE B 867 69.86 13.11 -11.10
N TYR B 868 68.80 12.57 -10.52
CA TYR B 868 67.69 12.01 -11.27
C TYR B 868 66.51 12.96 -11.20
N TYR B 869 65.66 12.88 -12.23
CA TYR B 869 64.52 13.76 -12.30
C TYR B 869 63.39 13.22 -11.40
N PRO B 870 62.75 14.08 -10.62
CA PRO B 870 61.79 13.58 -9.61
C PRO B 870 60.61 12.82 -10.19
N HIS B 871 60.04 13.27 -11.31
CA HIS B 871 58.84 12.65 -11.85
C HIS B 871 59.12 12.12 -13.25
N TYR B 872 58.69 10.88 -13.49
CA TYR B 872 58.86 10.21 -14.77
C TYR B 872 57.50 9.74 -15.28
N PHE B 873 57.36 9.69 -16.60
CA PHE B 873 56.11 9.31 -17.22
C PHE B 873 56.18 7.85 -17.67
N LEU B 874 55.24 7.05 -17.21
CA LEU B 874 55.11 5.66 -17.61
C LEU B 874 54.18 5.57 -18.81
N ASP B 875 54.69 5.00 -19.91
CA ASP B 875 53.91 4.77 -21.12
C ASP B 875 53.77 3.28 -21.31
N SER B 876 52.52 2.82 -21.49
CA SER B 876 52.23 1.41 -21.62
C SER B 876 51.50 1.08 -22.90
N GLY B 877 51.55 1.95 -23.89
CA GLY B 877 50.83 1.72 -25.12
C GLY B 877 49.47 2.40 -25.11
N SER B 878 48.61 1.94 -26.02
CA SER B 878 47.30 2.54 -26.21
C SER B 878 46.21 1.51 -26.48
N LYS B 879 46.32 0.32 -25.92
CA LYS B 879 45.32 -0.73 -26.10
C LYS B 879 44.63 -1.00 -24.77
N VAL B 880 43.31 -0.79 -24.74
CA VAL B 880 42.53 -0.96 -23.53
C VAL B 880 41.53 -2.08 -23.76
N TYR B 881 41.30 -2.89 -22.73
CA TYR B 881 40.40 -4.04 -22.82
C TYR B 881 39.08 -3.71 -22.14
N ARG B 882 38.18 -3.09 -22.91
CA ARG B 882 36.82 -2.89 -22.41
C ARG B 882 36.13 -4.23 -22.23
N GLU B 883 35.23 -4.28 -21.26
CA GLU B 883 34.41 -5.46 -21.01
C GLU B 883 32.96 -5.05 -21.05
N LYS B 884 32.17 -5.72 -21.89
CA LYS B 884 30.79 -5.33 -22.14
C LYS B 884 29.79 -6.09 -21.27
N ASP B 885 30.26 -6.99 -20.41
CA ASP B 885 29.39 -7.69 -19.47
C ASP B 885 29.85 -7.31 -18.07
N ILE B 886 29.35 -6.17 -17.59
CA ILE B 886 29.73 -5.67 -16.28
C ILE B 886 29.15 -6.57 -15.20
N ILE B 887 29.85 -6.67 -14.08
CA ILE B 887 29.31 -7.41 -12.94
C ILE B 887 28.24 -6.57 -12.27
N THR B 888 27.05 -7.13 -12.13
CA THR B 888 25.95 -6.37 -11.59
C THR B 888 25.94 -6.42 -10.07
N HIS B 889 25.15 -5.52 -9.47
CA HIS B 889 25.10 -5.37 -8.03
C HIS B 889 23.85 -5.95 -7.40
N GLU B 890 22.97 -6.57 -8.19
CA GLU B 890 21.66 -6.92 -7.66
C GLU B 890 21.68 -8.22 -6.87
N GLU B 891 22.83 -8.90 -6.81
CA GLU B 891 22.89 -10.16 -6.09
C GLU B 891 24.33 -10.46 -5.72
N PHE B 892 24.48 -11.50 -4.90
CA PHE B 892 25.79 -12.03 -4.55
C PHE B 892 26.04 -13.24 -5.42
N THR B 893 26.75 -13.04 -6.53
CA THR B 893 27.04 -14.13 -7.44
C THR B 893 27.88 -15.19 -6.73
N GLU B 894 27.53 -16.46 -6.95
CA GLU B 894 28.08 -17.52 -6.11
C GLU B 894 29.56 -17.75 -6.38
N GLU B 895 29.98 -17.74 -7.65
CA GLU B 895 31.36 -18.04 -7.96
C GLU B 895 32.27 -16.85 -7.68
N LEU B 896 31.69 -15.65 -7.55
CA LEU B 896 32.49 -14.48 -7.25
C LEU B 896 32.80 -14.42 -5.76
N LEU B 897 33.62 -13.44 -5.39
CA LEU B 897 34.13 -13.33 -4.03
C LEU B 897 33.72 -12.00 -3.42
N SER B 898 33.56 -12.00 -2.10
CA SER B 898 33.24 -10.81 -1.35
C SER B 898 33.78 -10.94 0.06
N GLY B 899 34.21 -9.83 0.62
CA GLY B 899 34.80 -9.85 1.95
C GLY B 899 35.50 -8.55 2.25
N LYS B 900 36.47 -8.63 3.15
CA LYS B 900 37.23 -7.47 3.58
C LYS B 900 38.70 -7.84 3.72
N ILE B 901 39.54 -6.82 3.60
CA ILE B 901 40.99 -6.94 3.76
C ILE B 901 41.42 -5.94 4.83
N ASN B 902 42.06 -6.43 5.87
CA ASN B 902 42.61 -5.58 6.91
C ASN B 902 44.09 -5.37 6.63
N CYS B 903 44.48 -4.11 6.46
CA CYS B 903 45.81 -3.74 6.02
C CYS B 903 46.42 -2.71 6.96
N LYS B 904 47.75 -2.73 7.01
CA LYS B 904 48.52 -1.81 7.83
C LYS B 904 49.46 -1.02 6.93
N LEU B 905 49.51 0.29 7.15
CA LEU B 905 50.31 1.20 6.36
C LEU B 905 51.44 1.73 7.24
N GLU B 906 52.67 1.68 6.72
CA GLU B 906 53.85 2.12 7.45
C GLU B 906 54.56 3.18 6.64
N THR B 907 55.04 4.22 7.33
CA THR B 907 55.62 5.39 6.68
C THR B 907 57.12 5.19 6.52
N LEU B 908 57.58 5.10 5.27
CA LEU B 908 59.01 5.01 5.01
C LEU B 908 59.69 6.35 5.23
N THR B 909 59.09 7.42 4.74
CA THR B 909 59.57 8.78 4.87
C THR B 909 58.49 9.60 5.55
N PRO B 910 58.80 10.83 5.95
CA PRO B 910 57.75 11.69 6.55
C PRO B 910 56.57 11.85 5.61
N LEU B 911 55.38 11.84 6.21
CA LEU B 911 54.12 11.91 5.49
C LEU B 911 53.35 13.14 5.92
N ILE B 912 52.83 13.89 4.95
CA ILE B 912 52.05 15.09 5.26
C ILE B 912 50.72 15.08 4.52
N ILE B 913 49.63 14.93 5.28
CA ILE B 913 48.29 15.01 4.72
C ILE B 913 47.58 16.18 5.42
N PRO B 914 47.41 17.32 4.76
CA PRO B 914 46.93 18.51 5.47
C PRO B 914 45.44 18.48 5.68
N ASP B 915 45.02 18.92 6.86
CA ASP B 915 43.62 19.22 7.13
C ASP B 915 43.35 20.62 6.59
N THR B 916 43.16 20.73 5.29
CA THR B 916 43.09 22.02 4.63
C THR B 916 41.74 22.72 4.80
N SER B 917 40.92 22.27 5.75
CA SER B 917 39.69 23.00 6.04
C SER B 917 39.98 24.41 6.54
N ASP B 918 40.92 24.55 7.45
CA ASP B 918 41.35 25.84 7.95
C ASP B 918 42.81 26.07 7.59
N GLU B 919 43.10 27.24 7.03
CA GLU B 919 44.44 27.57 6.58
C GLU B 919 45.28 28.22 7.66
N ASN B 920 44.76 28.33 8.88
CA ASN B 920 45.47 28.92 10.00
C ASN B 920 45.62 27.92 11.15
N GLY B 921 45.65 26.63 10.82
CA GLY B 921 45.57 25.62 11.86
C GLY B 921 46.69 25.70 12.86
N LEU B 922 47.85 26.20 12.44
CA LEU B 922 48.98 26.37 13.34
C LEU B 922 49.07 27.76 13.94
N LYS B 923 48.13 28.65 13.61
CA LYS B 923 48.05 29.97 14.23
C LYS B 923 49.32 30.78 13.99
N LEU B 924 49.98 30.54 12.86
CA LEU B 924 51.19 31.24 12.51
C LEU B 924 50.98 32.27 11.41
N GLN B 925 49.75 32.41 10.93
CA GLN B 925 49.47 33.37 9.87
C GLN B 925 49.31 34.78 10.42
N GLY B 926 49.09 34.90 11.73
CA GLY B 926 48.88 36.22 12.31
C GLY B 926 50.08 37.14 12.11
N ASN B 927 51.26 36.68 12.50
CA ASN B 927 52.46 37.49 12.29
C ASN B 927 52.93 37.41 10.84
N LYS B 928 52.50 36.38 10.12
CA LYS B 928 52.91 36.20 8.73
C LYS B 928 51.68 36.16 7.84
N PRO B 929 51.20 37.30 7.35
CA PRO B 929 50.00 37.29 6.52
C PRO B 929 50.22 36.51 5.23
N GLY B 930 49.18 35.79 4.81
CA GLY B 930 49.23 35.03 3.58
C GLY B 930 49.93 33.69 3.67
N HIS B 931 50.42 33.31 4.84
CA HIS B 931 51.15 32.06 5.00
C HIS B 931 50.18 30.99 5.51
N LYS B 932 49.98 29.95 4.71
CA LYS B 932 48.91 28.99 4.93
C LYS B 932 49.40 27.88 5.85
N ASN B 933 49.05 27.99 7.13
CA ASN B 933 49.32 26.91 8.07
C ASN B 933 48.40 25.74 7.78
N TYR B 934 48.80 24.56 8.26
CA TYR B 934 47.97 23.37 8.17
C TYR B 934 48.28 22.44 9.33
N LYS B 935 47.35 21.54 9.59
CA LYS B 935 47.53 20.48 10.56
C LYS B 935 47.30 19.14 9.88
N PHE B 936 47.89 18.10 10.43
CA PHE B 936 47.63 16.77 9.89
C PHE B 936 46.15 16.45 10.03
N PHE B 937 45.60 15.83 8.99
CA PHE B 937 44.17 15.56 8.96
C PHE B 937 43.78 14.75 10.18
N ASN B 938 42.71 15.18 10.85
CA ASN B 938 42.30 14.55 12.09
C ASN B 938 40.81 14.80 12.31
N ILE B 939 40.16 13.84 12.95
CA ILE B 939 38.79 13.97 13.38
C ILE B 939 38.74 13.82 14.89
N ASN B 940 38.20 14.82 15.58
CA ASN B 940 38.08 14.81 17.02
C ASN B 940 39.44 14.60 17.69
N GLY B 941 40.49 15.13 17.08
CA GLY B 941 41.82 14.99 17.63
C GLY B 941 42.52 13.68 17.33
N GLU B 942 41.98 12.87 16.43
CA GLU B 942 42.54 11.57 16.11
C GLU B 942 43.17 11.64 14.73
N LEU B 943 44.46 11.36 14.65
CA LEU B 943 45.15 11.40 13.36
C LEU B 943 44.62 10.31 12.44
N MET B 944 44.26 10.68 11.23
CA MET B 944 43.60 9.78 10.30
C MET B 944 43.99 10.17 8.88
N ILE B 945 43.97 9.19 7.99
CA ILE B 945 44.13 9.42 6.55
C ILE B 945 42.76 9.28 5.90
N PRO B 946 42.32 10.26 5.12
CA PRO B 946 41.03 10.13 4.44
C PRO B 946 41.05 8.92 3.53
N GLY B 947 39.93 8.22 3.49
CA GLY B 947 39.83 7.07 2.60
C GLY B 947 39.93 7.46 1.14
N SER B 948 39.58 8.71 0.82
CA SER B 948 39.70 9.16 -0.55
C SER B 948 41.14 9.14 -1.02
N GLU B 949 42.08 9.51 -0.15
CA GLU B 949 43.48 9.49 -0.54
C GLU B 949 43.93 8.07 -0.87
N LEU B 950 43.60 7.11 -0.02
CA LEU B 950 43.98 5.73 -0.28
C LEU B 950 43.32 5.22 -1.55
N ARG B 951 42.04 5.53 -1.74
CA ARG B 951 41.36 5.08 -2.95
C ARG B 951 42.01 5.66 -4.19
N GLY B 952 42.35 6.94 -4.16
CA GLY B 952 43.00 7.53 -5.32
C GLY B 952 44.35 6.91 -5.60
N MET B 953 45.14 6.69 -4.56
CA MET B 953 46.45 6.08 -4.73
C MET B 953 46.33 4.69 -5.32
N LEU B 954 45.49 3.84 -4.73
CA LEU B 954 45.32 2.50 -5.24
C LEU B 954 44.72 2.49 -6.63
N ARG B 955 43.80 3.41 -6.91
CA ARG B 955 43.19 3.43 -8.24
C ARG B 955 44.21 3.81 -9.30
N THR B 956 45.07 4.79 -9.02
CA THR B 956 46.11 5.12 -9.97
C THR B 956 47.05 3.95 -10.18
N HIS B 957 47.45 3.29 -9.09
CA HIS B 957 48.34 2.15 -9.23
C HIS B 957 47.69 1.03 -10.03
N PHE B 958 46.42 0.75 -9.75
CA PHE B 958 45.73 -0.33 -10.45
C PHE B 958 45.52 0.00 -11.91
N GLU B 959 45.16 1.24 -12.21
CA GLU B 959 45.01 1.66 -13.60
C GLU B 959 46.31 1.50 -14.35
N ALA B 960 47.42 1.91 -13.74
CA ALA B 960 48.72 1.71 -14.39
C ALA B 960 49.02 0.23 -14.56
N LEU B 961 48.64 -0.58 -13.57
CA LEU B 961 48.96 -2.01 -13.62
C LEU B 961 48.21 -2.70 -14.75
N THR B 962 46.94 -2.36 -14.94
CA THR B 962 46.07 -3.11 -15.84
C THR B 962 45.82 -2.39 -17.16
N LYS B 963 46.65 -1.40 -17.50
CA LYS B 963 46.56 -0.73 -18.80
C LYS B 963 45.17 -0.12 -19.02
N SER B 964 44.60 0.46 -17.97
CA SER B 964 43.26 1.01 -18.05
C SER B 964 43.27 2.37 -18.72
N CYS B 965 42.09 2.94 -18.90
CA CYS B 965 41.98 4.27 -19.49
C CYS B 965 42.49 5.33 -18.52
N PHE B 966 42.58 6.56 -19.03
CA PHE B 966 42.92 7.70 -18.18
C PHE B 966 41.64 8.18 -17.50
N ALA B 967 41.50 7.85 -16.22
CA ALA B 967 40.26 8.16 -15.52
C ALA B 967 40.02 9.66 -15.46
N ILE B 968 41.04 10.44 -15.13
CA ILE B 968 40.94 11.89 -15.02
C ILE B 968 41.97 12.52 -15.95
N PHE B 969 41.51 13.41 -16.81
CA PHE B 969 42.39 14.09 -17.74
C PHE B 969 41.77 15.40 -18.18
N GLY B 970 42.49 16.49 -17.95
CA GLY B 970 41.99 17.80 -18.31
C GLY B 970 42.18 18.12 -19.78
N GLU B 971 41.40 19.08 -20.25
CA GLU B 971 41.45 19.48 -21.64
C GLU B 971 41.51 21.01 -21.77
N GLY B 972 44.27 20.19 -26.74
CA GLY B 972 44.82 19.53 -25.57
C GLY B 972 44.40 18.08 -25.45
N GLY B 973 43.47 17.67 -26.29
CA GLY B 973 42.99 16.30 -26.29
C GLY B 973 43.76 15.42 -27.25
N LYS B 974 45.08 15.58 -27.28
CA LYS B 974 45.91 14.80 -28.19
C LYS B 974 46.07 13.36 -27.69
N LEU B 975 45.57 13.09 -26.48
CA LEU B 975 45.56 11.73 -25.95
C LEU B 975 44.77 10.81 -26.86
N ASP B 976 45.19 9.54 -26.93
CA ASP B 976 44.52 8.58 -27.79
C ASP B 976 43.08 8.36 -27.34
N LYS B 977 42.21 8.11 -28.31
CA LYS B 977 40.80 7.90 -28.01
C LYS B 977 40.60 6.66 -27.16
N ALA B 978 41.40 5.62 -27.38
CA ALA B 978 41.29 4.42 -26.56
C ALA B 978 41.61 4.70 -25.10
N LEU B 979 42.48 5.68 -24.85
CA LEU B 979 42.85 6.03 -23.49
C LEU B 979 41.91 7.04 -22.85
N HIS B 980 40.95 7.56 -23.60
CA HIS B 980 39.99 8.49 -23.02
C HIS B 980 39.13 7.77 -21.98
N PRO B 981 38.65 8.49 -20.98
CA PRO B 981 37.87 7.84 -19.92
C PRO B 981 36.61 7.18 -20.46
N CYS B 982 36.27 6.04 -19.89
CA CYS B 982 35.04 5.35 -20.26
C CYS B 982 33.84 6.17 -19.83
N THR B 983 32.86 6.31 -20.73
CA THR B 983 31.73 7.19 -20.46
C THR B 983 30.47 6.34 -20.34
N GLY B 984 30.10 5.57 -21.36
CA GLY B 984 28.84 4.85 -21.30
C GLY B 984 29.05 3.37 -21.06
N LEU B 985 28.01 2.72 -20.53
CA LEU B 985 28.09 1.29 -20.28
C LEU B 985 28.05 0.48 -21.57
N SER B 986 27.53 1.06 -22.65
CA SER B 986 27.43 0.32 -23.91
C SER B 986 28.81 -0.05 -24.43
N ASP B 987 29.75 0.89 -24.39
CA ASP B 987 31.09 0.64 -24.91
C ASP B 987 31.90 -0.27 -24.02
N GLY B 988 31.42 -0.59 -22.82
CA GLY B 988 32.18 -1.39 -21.88
C GLY B 988 33.05 -0.54 -20.99
N LEU B 989 33.57 -1.17 -19.94
CA LEU B 989 34.34 -0.47 -18.93
C LEU B 989 35.75 -1.04 -18.85
N CYS B 990 36.73 -0.15 -18.77
CA CYS B 990 38.11 -0.58 -18.57
C CYS B 990 38.23 -1.19 -17.18
N PRO B 991 39.27 -2.00 -16.96
CA PRO B 991 39.40 -2.67 -15.65
C PRO B 991 39.39 -1.71 -14.49
N GLY B 992 40.05 -0.57 -14.62
CA GLY B 992 39.98 0.43 -13.55
C GLY B 992 38.58 0.96 -13.38
N CYS B 993 37.92 1.32 -14.48
CA CYS B 993 36.55 1.79 -14.40
C CYS B 993 35.62 0.67 -13.94
N HIS B 994 35.90 -0.57 -14.36
CA HIS B 994 35.05 -1.68 -13.97
C HIS B 994 35.15 -1.96 -12.48
N LEU B 995 36.35 -1.84 -11.92
CA LEU B 995 36.59 -2.17 -10.52
C LEU B 995 36.21 -1.03 -9.60
N PHE B 996 36.82 0.14 -9.81
CA PHE B 996 36.59 1.25 -8.89
C PHE B 996 35.30 1.99 -9.22
N GLY B 997 34.73 1.73 -10.38
CA GLY B 997 33.45 2.32 -10.73
C GLY B 997 33.55 3.61 -11.49
N THR B 998 32.46 3.99 -12.15
CA THR B 998 32.39 5.24 -12.89
C THR B 998 31.10 5.95 -12.52
N THR B 999 30.84 7.05 -13.22
CA THR B 999 29.67 7.86 -12.91
C THR B 999 28.38 7.06 -13.03
N ASP B 1000 28.30 6.16 -14.01
CA ASP B 1000 27.07 5.40 -14.21
C ASP B 1000 27.09 4.02 -13.59
N TYR B 1001 28.15 3.65 -12.89
CA TYR B 1001 28.28 2.30 -12.35
C TYR B 1001 29.08 2.34 -11.07
N LYS B 1002 28.44 1.94 -9.97
CA LYS B 1002 29.09 2.00 -8.67
C LYS B 1002 30.24 1.01 -8.58
N GLY B 1003 31.35 1.45 -8.01
CA GLY B 1003 32.49 0.58 -7.87
C GLY B 1003 32.22 -0.57 -6.91
N ARG B 1004 33.04 -1.60 -7.03
CA ARG B 1004 32.91 -2.79 -6.22
C ARG B 1004 33.94 -2.90 -5.11
N VAL B 1005 34.73 -1.87 -4.88
CA VAL B 1005 35.66 -1.82 -3.77
C VAL B 1005 35.41 -0.52 -3.00
N LYS B 1006 35.49 -0.60 -1.69
CA LYS B 1006 35.28 0.54 -0.82
C LYS B 1006 36.45 0.62 0.15
N PHE B 1007 37.07 1.78 0.24
CA PHE B 1007 38.17 1.99 1.16
C PHE B 1007 37.68 2.71 2.39
N GLY B 1008 38.40 2.51 3.50
CA GLY B 1008 38.01 3.09 4.76
C GLY B 1008 39.06 4.07 5.26
N PHE B 1009 38.63 4.92 6.17
CA PHE B 1009 39.56 5.84 6.80
C PHE B 1009 40.61 5.08 7.59
N ALA B 1010 41.85 5.54 7.50
CA ALA B 1010 42.97 4.89 8.16
C ALA B 1010 43.20 5.53 9.52
N LYS B 1011 43.19 4.73 10.57
CA LYS B 1011 43.34 5.21 11.93
C LYS B 1011 44.77 5.00 12.40
N TYR B 1012 45.27 5.91 13.21
CA TYR B 1012 46.60 5.76 13.76
C TYR B 1012 46.62 4.63 14.78
N GLU B 1013 47.68 3.82 14.75
CA GLU B 1013 47.83 2.73 15.71
C GLU B 1013 49.02 2.96 16.63
N ASN B 1014 50.21 3.13 16.09
CA ASN B 1014 51.39 3.40 16.89
C ASN B 1014 52.47 3.91 15.96
N GLY B 1015 53.59 4.31 16.56
CA GLY B 1015 54.67 4.93 15.85
C GLY B 1015 55.34 5.92 16.77
N PRO B 1016 56.54 6.38 16.40
CA PRO B 1016 57.31 7.21 17.34
C PRO B 1016 56.60 8.48 17.75
N GLU B 1017 56.36 9.41 16.82
CA GLU B 1017 55.69 10.67 17.13
C GLU B 1017 55.65 11.51 15.85
N TRP B 1018 55.12 12.73 15.94
CA TRP B 1018 55.44 13.76 14.97
C TRP B 1018 56.95 13.87 14.79
N LEU B 1019 57.35 14.26 13.59
CA LEU B 1019 58.73 14.64 13.32
C LEU B 1019 59.01 15.96 14.03
N ILE B 1020 60.18 16.05 14.66
CA ILE B 1020 60.54 17.19 15.51
C ILE B 1020 61.72 17.92 14.90
N THR B 1021 61.60 19.24 14.78
CA THR B 1021 62.68 20.10 14.31
C THR B 1021 62.84 21.25 15.28
N ARG B 1022 64.07 21.46 15.75
CA ARG B 1022 64.30 22.47 16.78
C ARG B 1022 64.16 23.89 16.24
N GLY B 1023 64.55 24.10 14.99
CA GLY B 1023 64.47 25.44 14.42
C GLY B 1023 63.04 25.91 14.24
N ASN B 1024 62.15 25.01 13.85
CA ASN B 1024 60.78 25.40 13.52
C ASN B 1024 60.01 25.83 14.76
N ASN B 1025 59.11 26.79 14.57
CA ASN B 1025 58.36 27.36 15.69
C ASN B 1025 57.46 26.33 16.38
N PRO B 1026 56.59 25.59 15.69
CA PRO B 1026 55.74 24.63 16.40
C PRO B 1026 56.47 23.37 16.84
N GLU B 1027 57.71 23.16 16.38
CA GLU B 1027 58.55 22.03 16.76
C GLU B 1027 58.01 20.71 16.21
N ARG B 1028 56.86 20.77 15.56
CA ARG B 1028 56.22 19.61 14.95
C ARG B 1028 55.89 19.84 13.49
N SER B 1029 56.28 20.99 12.95
CA SER B 1029 55.93 21.35 11.59
C SER B 1029 57.19 21.69 10.80
N LEU B 1030 57.09 21.53 9.50
CA LEU B 1030 58.14 21.93 8.58
C LEU B 1030 57.56 22.89 7.55
N THR B 1031 58.41 23.78 7.06
CA THR B 1031 58.05 24.72 6.02
C THR B 1031 58.57 24.18 4.70
N LEU B 1032 57.64 23.85 3.80
CA LEU B 1032 58.03 23.26 2.53
C LEU B 1032 58.56 24.32 1.58
N GLY B 1033 59.19 23.85 0.50
CA GLY B 1033 59.52 24.72 -0.60
C GLY B 1033 58.30 25.03 -1.44
N VAL B 1034 58.49 25.90 -2.43
CA VAL B 1034 57.37 26.32 -3.25
C VAL B 1034 56.93 25.16 -4.15
N LEU B 1035 55.63 24.90 -4.17
CA LEU B 1035 55.05 23.81 -4.97
C LEU B 1035 54.18 24.44 -6.04
N GLU B 1036 54.78 24.81 -7.16
CA GLU B 1036 53.99 25.40 -8.23
C GLU B 1036 53.41 24.33 -9.14
N SER B 1037 52.49 24.75 -9.99
CA SER B 1037 51.75 23.81 -10.83
C SER B 1037 52.68 23.17 -11.84
N PRO B 1038 52.52 21.88 -12.12
CA PRO B 1038 53.35 21.24 -13.14
C PRO B 1038 53.12 21.86 -14.51
N ARG B 1039 54.20 21.94 -15.29
CA ARG B 1039 54.15 22.56 -16.60
C ARG B 1039 54.06 21.49 -17.66
N PRO B 1040 52.95 21.38 -18.39
CA PRO B 1040 52.86 20.33 -19.41
C PRO B 1040 53.71 20.61 -20.63
N ALA B 1041 54.10 21.87 -20.85
CA ALA B 1041 54.88 22.19 -22.04
C ALA B 1041 56.25 21.52 -22.02
N PHE B 1042 56.81 21.31 -20.83
CA PHE B 1042 58.12 20.68 -20.72
C PHE B 1042 58.11 19.26 -21.29
N SER B 1043 57.08 18.48 -20.95
CA SER B 1043 57.05 17.09 -21.40
C SER B 1043 56.51 16.98 -22.81
N ILE B 1044 55.94 18.06 -23.35
CA ILE B 1044 55.44 18.08 -24.72
C ILE B 1044 56.11 19.27 -25.41
N PRO B 1045 57.34 19.11 -25.90
CA PRO B 1045 58.04 20.28 -26.45
C PRO B 1045 57.45 20.79 -27.75
N ASP B 1046 57.20 19.92 -28.72
CA ASP B 1046 56.70 20.33 -30.01
C ASP B 1046 55.25 19.90 -30.19
N ASP B 1047 54.65 20.41 -31.27
CA ASP B 1047 53.26 20.09 -31.55
C ASP B 1047 53.08 18.60 -31.84
N GLU B 1048 54.01 18.01 -32.57
CA GLU B 1048 53.89 16.60 -32.98
C GLU B 1048 54.52 15.69 -31.92
N SER B 1049 53.98 15.76 -30.71
CA SER B 1049 54.43 14.94 -29.60
C SER B 1049 53.25 14.20 -28.99
N GLU B 1050 53.46 12.92 -28.71
CA GLU B 1050 52.44 12.11 -28.06
C GLU B 1050 52.44 12.36 -26.56
N ILE B 1051 51.29 12.10 -25.93
CA ILE B 1051 51.23 12.21 -24.47
C ILE B 1051 52.20 11.21 -23.85
N PRO B 1052 53.14 11.66 -23.01
CA PRO B 1052 54.18 10.74 -22.53
C PRO B 1052 53.64 9.58 -21.72
N GLY B 1053 52.58 9.78 -20.95
CA GLY B 1053 52.06 8.72 -20.12
C GLY B 1053 51.61 9.27 -18.79
N ARG B 1054 51.75 8.44 -17.76
CA ARG B 1054 51.27 8.77 -16.43
C ARG B 1054 52.44 9.16 -15.53
N LYS B 1055 52.32 10.31 -14.87
CA LYS B 1055 53.40 10.79 -14.03
C LYS B 1055 53.51 9.98 -12.75
N PHE B 1056 54.74 9.72 -12.33
CA PHE B 1056 55.02 9.02 -11.09
C PHE B 1056 56.25 9.66 -10.46
N TYR B 1057 56.35 9.54 -9.14
CA TYR B 1057 57.40 10.20 -8.38
C TYR B 1057 58.27 9.17 -7.69
N LEU B 1058 59.58 9.38 -7.76
CA LEU B 1058 60.53 8.43 -7.21
C LEU B 1058 60.52 8.49 -5.69
N HIS B 1059 61.04 7.42 -5.07
CA HIS B 1059 61.16 7.36 -3.62
C HIS B 1059 62.45 8.04 -3.19
N HIS B 1060 62.58 9.29 -3.63
CA HIS B 1060 63.68 10.15 -3.25
C HIS B 1060 63.63 10.44 -1.75
N ASN B 1061 64.79 10.42 -1.11
CA ASN B 1061 64.89 10.56 0.34
C ASN B 1061 65.53 11.88 0.74
N GLY B 1062 65.32 12.94 -0.04
CA GLY B 1062 65.96 14.20 0.26
C GLY B 1062 65.13 15.13 1.12
N TRP B 1063 64.07 14.63 1.76
CA TRP B 1063 63.32 15.46 2.69
C TRP B 1063 64.23 16.02 3.78
N ARG B 1064 65.25 15.24 4.18
CA ARG B 1064 66.23 15.73 5.13
C ARG B 1064 66.80 17.07 4.69
N ILE B 1065 67.06 17.20 3.39
CA ILE B 1065 67.61 18.45 2.85
C ILE B 1065 66.66 19.61 3.14
N ILE B 1066 65.37 19.43 2.88
CA ILE B 1066 64.41 20.48 3.22
C ILE B 1066 64.35 20.67 4.74
N ARG B 1067 64.56 19.59 5.50
CA ARG B 1067 64.63 19.74 6.95
C ARG B 1067 65.81 20.63 7.36
N GLN B 1068 66.86 20.65 6.55
CA GLN B 1068 68.08 21.36 6.95
C GLN B 1068 67.95 22.87 6.76
N LYS B 1069 67.35 23.31 5.67
CA LYS B 1069 67.35 24.73 5.33
C LYS B 1069 66.13 25.46 5.88
N GLN B 1070 65.55 24.98 6.99
CA GLN B 1070 64.29 25.53 7.48
C GLN B 1070 64.37 27.04 7.65
N LEU B 1071 65.42 27.51 8.33
CA LEU B 1071 65.60 28.96 8.47
C LEU B 1071 65.83 29.62 7.11
N GLU B 1072 66.67 28.99 6.28
CA GLU B 1072 66.90 29.52 4.93
C GLU B 1072 65.61 29.50 4.12
N ILE B 1073 64.82 28.43 4.22
CA ILE B 1073 63.56 28.38 3.49
C ILE B 1073 62.65 29.52 3.93
N ARG B 1074 62.56 29.76 5.24
CA ARG B 1074 61.73 30.85 5.73
C ARG B 1074 62.21 32.20 5.19
N GLU B 1075 63.51 32.44 5.21
CA GLU B 1075 63.99 33.80 4.95
C GLU B 1075 64.13 34.09 3.46
N THR B 1076 64.43 33.08 2.65
CA THR B 1076 64.66 33.33 1.23
C THR B 1076 63.36 33.65 0.48
N VAL B 1077 62.32 32.83 0.67
CA VAL B 1077 61.16 32.86 -0.19
C VAL B 1077 60.02 33.59 0.51
N GLN B 1078 59.10 34.14 -0.28
CA GLN B 1078 57.97 34.87 0.26
C GLN B 1078 57.06 33.93 1.04
N PRO B 1079 56.62 34.33 2.24
CA PRO B 1079 55.68 33.49 2.99
C PRO B 1079 54.45 33.09 2.22
N GLU B 1080 53.98 33.93 1.29
CA GLU B 1080 52.79 33.60 0.52
C GLU B 1080 53.02 32.39 -0.37
N ARG B 1081 54.21 32.30 -0.96
CA ARG B 1081 54.46 31.23 -1.94
C ARG B 1081 54.46 29.86 -1.28
N ASN B 1082 55.19 29.70 -0.19
CA ASN B 1082 55.31 28.40 0.45
C ASN B 1082 54.35 28.29 1.63
N VAL B 1083 54.26 27.09 2.19
CA VAL B 1083 53.41 26.80 3.33
C VAL B 1083 54.21 26.02 4.35
N THR B 1084 53.64 25.88 5.54
CA THR B 1084 54.20 25.04 6.59
C THR B 1084 53.11 24.12 7.11
N THR B 1085 53.50 22.95 7.59
CA THR B 1085 52.52 21.92 7.94
C THR B 1085 53.12 20.99 8.98
N GLU B 1086 52.23 20.43 9.80
CA GLU B 1086 52.63 19.35 10.70
C GLU B 1086 53.05 18.14 9.88
N VAL B 1087 53.98 17.37 10.42
CA VAL B 1087 54.60 16.25 9.71
C VAL B 1087 54.58 15.02 10.61
N MET B 1088 54.38 13.85 10.01
CA MET B 1088 54.45 12.60 10.72
C MET B 1088 55.79 11.94 10.45
N ASP B 1089 56.47 11.53 11.51
CA ASP B 1089 57.77 10.89 11.35
C ASP B 1089 57.61 9.52 10.71
N LYS B 1090 58.71 9.01 10.15
CA LYS B 1090 58.70 7.68 9.57
C LYS B 1090 58.56 6.63 10.66
N GLY B 1091 58.11 5.45 10.26
CA GLY B 1091 57.83 4.39 11.21
C GLY B 1091 56.46 4.45 11.84
N ASN B 1092 55.69 5.50 11.56
CA ASN B 1092 54.32 5.57 12.07
C ASN B 1092 53.46 4.56 11.35
N VAL B 1093 52.49 3.99 12.07
CA VAL B 1093 51.69 2.89 11.56
C VAL B 1093 50.21 3.28 11.63
N PHE B 1094 49.51 3.07 10.53
CA PHE B 1094 48.07 3.23 10.48
C PHE B 1094 47.43 1.93 10.05
N SER B 1095 46.13 1.80 10.29
CA SER B 1095 45.38 0.62 9.93
C SER B 1095 44.17 1.04 9.11
N PHE B 1096 43.77 0.21 8.17
CA PHE B 1096 42.57 0.49 7.39
C PHE B 1096 42.03 -0.80 6.80
N ASP B 1097 40.83 -0.70 6.23
CA ASP B 1097 40.08 -1.85 5.76
C ASP B 1097 39.55 -1.58 4.38
N VAL B 1098 39.67 -2.56 3.49
CA VAL B 1098 39.16 -2.48 2.14
C VAL B 1098 38.08 -3.53 1.98
N ARG B 1099 36.85 -3.10 1.77
CA ARG B 1099 35.74 -4.02 1.59
C ARG B 1099 35.49 -4.23 0.11
N PHE B 1100 35.55 -5.47 -0.35
CA PHE B 1100 35.35 -5.78 -1.74
C PHE B 1100 34.12 -6.65 -1.89
N GLU B 1101 33.43 -6.50 -3.02
CA GLU B 1101 32.18 -7.17 -3.26
C GLU B 1101 32.12 -7.70 -4.68
N ASN B 1102 31.70 -8.95 -4.84
CA ASN B 1102 31.49 -9.56 -6.14
C ASN B 1102 32.73 -9.41 -7.02
N LEU B 1103 33.88 -9.72 -6.45
CA LEU B 1103 35.13 -9.70 -7.20
C LEU B 1103 35.38 -11.05 -7.85
N ARG B 1104 35.91 -11.01 -9.05
CA ARG B 1104 36.38 -12.24 -9.66
C ARG B 1104 37.72 -12.65 -9.06
N GLU B 1105 38.09 -13.90 -9.32
CA GLU B 1105 39.33 -14.46 -8.79
C GLU B 1105 40.52 -13.58 -9.16
N TRP B 1106 40.65 -13.25 -10.44
CA TRP B 1106 41.80 -12.48 -10.90
C TRP B 1106 41.73 -11.04 -10.42
N GLU B 1107 40.52 -10.48 -10.31
CA GLU B 1107 40.39 -9.12 -9.81
C GLU B 1107 40.91 -9.02 -8.38
N LEU B 1108 40.53 -9.97 -7.53
CA LEU B 1108 41.02 -9.97 -6.17
C LEU B 1108 42.53 -10.18 -6.14
N GLY B 1109 43.04 -11.08 -6.98
CA GLY B 1109 44.48 -11.26 -7.03
C GLY B 1109 45.22 -9.98 -7.38
N LEU B 1110 44.76 -9.29 -8.42
CA LEU B 1110 45.43 -8.06 -8.83
C LEU B 1110 45.32 -6.98 -7.78
N LEU B 1111 44.16 -6.87 -7.13
CA LEU B 1111 44.01 -5.86 -6.09
C LEU B 1111 44.93 -6.16 -4.92
N LEU B 1112 45.01 -7.42 -4.51
CA LEU B 1112 45.92 -7.79 -3.43
C LEU B 1112 47.35 -7.45 -3.79
N GLN B 1113 47.74 -7.70 -5.04
CA GLN B 1113 49.10 -7.38 -5.46
C GLN B 1113 49.32 -5.89 -5.49
N SER B 1114 48.30 -5.13 -5.88
CA SER B 1114 48.43 -3.67 -5.91
C SER B 1114 48.59 -3.11 -4.51
N LEU B 1115 47.93 -3.72 -3.52
CA LEU B 1115 48.13 -3.29 -2.14
C LEU B 1115 49.56 -3.50 -1.70
N ASP B 1116 50.09 -4.71 -1.91
CA ASP B 1116 51.42 -5.07 -1.45
C ASP B 1116 52.23 -5.56 -2.63
N PRO B 1117 52.81 -4.64 -3.41
CA PRO B 1117 53.65 -5.08 -4.53
C PRO B 1117 54.81 -5.96 -4.07
N GLY B 1118 55.32 -5.74 -2.87
CA GLY B 1118 56.39 -6.55 -2.34
C GLY B 1118 57.50 -5.65 -1.83
N LYS B 1119 58.51 -6.30 -1.26
CA LYS B 1119 59.67 -5.56 -0.75
C LYS B 1119 60.32 -4.77 -1.88
N ASN B 1120 60.92 -3.64 -1.50
CA ASN B 1120 61.61 -2.70 -2.37
C ASN B 1120 60.64 -1.88 -3.22
N ILE B 1121 59.34 -2.12 -3.14
CA ILE B 1121 58.35 -1.31 -3.85
C ILE B 1121 57.35 -0.79 -2.83
N ALA B 1122 57.08 0.52 -2.90
CA ALA B 1122 56.13 1.16 -2.01
C ALA B 1122 55.40 2.25 -2.78
N HIS B 1123 54.31 2.74 -2.22
CA HIS B 1123 53.52 3.78 -2.85
C HIS B 1123 53.91 5.15 -2.34
N LYS B 1124 53.40 6.18 -3.00
CA LYS B 1124 53.62 7.56 -2.62
C LYS B 1124 52.28 8.21 -2.30
N LEU B 1125 52.19 8.85 -1.14
CA LEU B 1125 50.92 9.35 -0.64
C LEU B 1125 51.10 10.76 -0.08
N GLY B 1126 50.09 11.60 -0.29
CA GLY B 1126 50.04 12.89 0.36
C GLY B 1126 50.83 13.96 -0.34
N LYS B 1127 50.86 15.12 0.31
CA LYS B 1127 51.52 16.31 -0.21
C LYS B 1127 53.04 16.13 -0.19
N GLY B 1128 53.71 16.86 -1.07
CA GLY B 1128 55.16 16.93 -1.04
C GLY B 1128 55.87 15.70 -1.57
N LYS B 1129 55.25 14.96 -2.47
CA LYS B 1129 55.91 13.79 -3.03
C LYS B 1129 57.21 14.12 -3.76
N PRO B 1130 57.29 15.12 -4.64
CA PRO B 1130 58.58 15.39 -5.29
C PRO B 1130 59.70 15.76 -4.34
N TYR B 1131 59.37 16.25 -3.15
CA TYR B 1131 60.39 16.59 -2.17
C TYR B 1131 60.77 15.40 -1.29
N GLY B 1132 60.22 14.23 -1.57
CA GLY B 1132 60.60 13.03 -0.85
C GLY B 1132 59.63 12.57 0.20
N PHE B 1133 58.50 13.24 0.37
CA PHE B 1133 57.54 12.83 1.37
C PHE B 1133 56.55 11.83 0.81
N GLY B 1134 56.07 10.97 1.70
CA GLY B 1134 54.93 10.13 1.38
C GLY B 1134 55.20 8.70 1.01
N SER B 1135 56.42 8.21 1.17
CA SER B 1135 56.68 6.81 0.87
C SER B 1135 56.08 5.92 1.96
N VAL B 1136 55.09 5.13 1.59
CA VAL B 1136 54.40 4.24 2.51
C VAL B 1136 54.35 2.85 1.93
N LYS B 1137 54.61 1.85 2.77
CA LYS B 1137 54.57 0.46 2.36
C LYS B 1137 53.38 -0.22 3.02
N ILE B 1138 52.41 -0.62 2.22
CA ILE B 1138 51.18 -1.22 2.70
C ILE B 1138 51.41 -2.71 2.92
N LYS B 1139 51.11 -3.19 4.11
CA LYS B 1139 51.26 -4.60 4.46
C LYS B 1139 49.88 -5.16 4.76
N ILE B 1140 49.42 -6.08 3.91
CA ILE B 1140 48.17 -6.76 4.19
C ILE B 1140 48.32 -7.60 5.44
N ASP B 1141 47.33 -7.54 6.31
CA ASP B 1141 47.37 -8.28 7.56
C ASP B 1141 46.37 -9.43 7.61
N SER B 1142 45.17 -9.26 7.07
CA SER B 1142 44.23 -10.37 7.05
C SER B 1142 43.30 -10.22 5.87
N LEU B 1143 42.76 -11.35 5.41
CA LEU B 1143 41.84 -11.39 4.28
C LEU B 1143 40.66 -12.29 4.65
N HIS B 1144 39.52 -11.68 4.94
CA HIS B 1144 38.32 -12.45 5.22
C HIS B 1144 37.39 -12.43 4.02
N THR B 1145 36.78 -13.57 3.74
CA THR B 1145 35.79 -13.67 2.67
C THR B 1145 34.57 -14.40 3.20
N PHE B 1146 33.44 -14.20 2.53
CA PHE B 1146 32.22 -14.89 2.91
C PHE B 1146 31.42 -15.24 1.66
N LYS B 1147 30.53 -16.20 1.80
CA LYS B 1147 29.64 -16.63 0.73
C LYS B 1147 28.21 -16.53 1.21
N ILE B 1148 27.30 -16.32 0.26
CA ILE B 1148 25.89 -16.17 0.60
C ILE B 1148 25.10 -17.39 0.14
N ILE B 1149 31.69 -15.69 7.76
CA ILE B 1149 32.92 -15.29 7.07
C ILE B 1149 33.99 -16.35 7.29
N LYS B 1150 35.00 -16.35 6.43
CA LYS B 1150 36.08 -17.31 6.52
C LYS B 1150 37.41 -16.58 6.40
N ARG B 1151 38.41 -17.08 7.12
CA ARG B 1151 39.75 -16.51 7.03
C ARG B 1151 40.54 -17.23 5.95
N VAL B 1152 40.96 -16.49 4.93
CA VAL B 1152 41.61 -17.11 3.77
C VAL B 1152 43.05 -17.45 4.14
N PRO B 1153 43.46 -18.71 3.97
CA PRO B 1153 44.85 -19.07 4.26
C PRO B 1153 45.80 -18.51 3.21
N GLN B 1154 47.10 -18.63 3.53
CA GLN B 1154 48.12 -18.02 2.69
C GLN B 1154 48.19 -18.66 1.31
N SER B 1155 47.99 -19.98 1.23
CA SER B 1155 48.07 -20.67 -0.04
C SER B 1155 47.02 -20.16 -1.02
N ASP B 1156 45.77 -20.02 -0.54
CA ASP B 1156 44.74 -19.45 -1.38
C ASP B 1156 45.13 -18.04 -1.82
N ILE B 1157 45.74 -17.27 -0.92
CA ILE B 1157 46.16 -15.93 -1.29
C ILE B 1157 47.12 -15.98 -2.46
N ARG B 1158 48.19 -16.77 -2.32
CA ARG B 1158 49.19 -16.76 -3.39
C ARG B 1158 48.60 -17.28 -4.69
N GLU B 1159 47.60 -18.17 -4.62
CA GLU B 1159 47.01 -18.60 -5.88
C GLU B 1159 46.11 -17.50 -6.47
N TYR B 1160 45.53 -16.65 -5.63
CA TYR B 1160 44.86 -15.46 -6.18
C TYR B 1160 45.85 -14.58 -6.93
N ILE B 1161 47.00 -14.29 -6.32
CA ILE B 1161 48.00 -13.50 -7.04
C ILE B 1161 48.44 -14.21 -8.31
N ASN B 1162 48.58 -15.54 -8.26
CA ASN B 1162 48.97 -16.28 -9.45
C ASN B 1162 47.94 -16.14 -10.55
N LYS B 1163 46.66 -16.20 -10.19
CA LYS B 1163 45.60 -16.03 -11.18
C LYS B 1163 45.66 -14.64 -11.80
N GLY B 1164 45.88 -13.62 -10.97
CA GLY B 1164 46.04 -12.27 -11.52
C GLY B 1164 47.22 -12.18 -12.47
N TYR B 1165 48.33 -12.81 -12.10
CA TYR B 1165 49.48 -12.88 -12.98
C TYR B 1165 49.10 -13.48 -14.33
N GLN B 1166 48.47 -14.65 -14.30
CA GLN B 1166 48.06 -15.29 -15.54
C GLN B 1166 47.21 -14.35 -16.37
N LYS B 1167 46.21 -13.73 -15.75
CA LYS B 1167 45.27 -12.90 -16.50
C LYS B 1167 46.01 -11.75 -17.18
N LEU B 1168 46.88 -11.07 -16.41
CA LEU B 1168 47.71 -10.04 -17.01
C LEU B 1168 48.53 -10.59 -18.16
N ILE B 1169 48.94 -11.86 -18.07
CA ILE B 1169 49.70 -12.46 -19.16
C ILE B 1169 48.85 -12.55 -20.42
N GLU B 1170 47.60 -13.03 -20.31
CA GLU B 1170 46.79 -13.09 -21.54
C GLU B 1170 46.56 -11.69 -22.11
N TRP B 1171 46.45 -10.68 -21.24
CA TRP B 1171 46.37 -9.32 -21.77
C TRP B 1171 47.67 -8.89 -22.45
N SER B 1172 48.77 -9.56 -22.16
CA SER B 1172 50.02 -9.21 -22.82
C SER B 1172 50.10 -9.84 -24.20
N LEU B 1173 56.76 -18.99 -8.13
CA LEU B 1173 56.39 -17.62 -7.74
C LEU B 1173 56.39 -16.70 -8.96
N PRO B 1174 55.47 -15.74 -8.96
CA PRO B 1174 55.34 -14.85 -10.12
C PRO B 1174 56.55 -13.95 -10.32
N GLN B 1175 56.79 -13.61 -11.60
CA GLN B 1175 57.85 -12.67 -11.98
C GLN B 1175 57.20 -11.55 -12.78
N TRP B 1176 56.93 -10.43 -12.12
CA TRP B 1176 56.16 -9.37 -12.76
C TRP B 1176 56.99 -8.59 -13.76
N HIS B 1177 58.31 -8.55 -13.57
CA HIS B 1177 59.16 -7.72 -14.41
C HIS B 1177 59.25 -8.23 -15.83
N VAL B 1178 58.74 -9.44 -16.09
CA VAL B 1178 58.78 -9.96 -17.47
C VAL B 1178 57.89 -9.11 -18.37
N ILE B 1179 56.77 -8.62 -17.86
CA ILE B 1179 55.94 -7.71 -18.63
C ILE B 1179 56.65 -6.36 -18.72
N PRO B 1180 56.72 -5.74 -19.90
CA PRO B 1180 57.50 -4.49 -20.00
C PRO B 1180 56.95 -3.36 -19.14
N HIS B 1181 55.68 -3.02 -19.29
CA HIS B 1181 55.14 -1.87 -18.57
C HIS B 1181 55.05 -2.14 -17.08
N ILE B 1182 54.75 -3.39 -16.69
CA ILE B 1182 54.78 -3.74 -15.28
C ILE B 1182 56.19 -3.55 -14.72
N ASP B 1183 57.20 -3.98 -15.46
CA ASP B 1183 58.57 -3.80 -15.01
C ASP B 1183 58.90 -2.32 -14.86
N LYS B 1184 58.53 -1.49 -15.84
CA LYS B 1184 58.82 -0.07 -15.75
C LYS B 1184 58.11 0.57 -14.57
N LEU B 1185 56.86 0.18 -14.33
CA LEU B 1185 56.13 0.67 -13.16
C LEU B 1185 56.85 0.31 -11.87
N TYR B 1186 57.28 -0.94 -11.74
CA TYR B 1186 57.97 -1.34 -10.52
C TYR B 1186 59.31 -0.64 -10.38
N LYS B 1187 59.93 -0.26 -11.49
CA LYS B 1187 61.14 0.53 -11.39
C LYS B 1187 60.82 1.93 -10.89
N LEU B 1188 59.70 2.50 -11.33
CA LEU B 1188 59.28 3.81 -10.85
C LEU B 1188 59.00 3.79 -9.35
N LEU B 1189 58.33 2.75 -8.87
CA LEU B 1189 57.98 2.64 -7.46
C LEU B 1189 59.04 1.91 -6.64
N TRP B 1190 60.24 1.76 -7.18
CA TRP B 1190 61.32 1.18 -6.39
C TRP B 1190 61.72 2.14 -5.27
N VAL B 1191 61.96 1.57 -4.10
CA VAL B 1191 62.54 2.32 -2.98
C VAL B 1191 63.96 1.83 -2.75
N PRO B 1192 64.97 2.66 -2.97
CA PRO B 1192 66.36 2.17 -2.87
C PRO B 1192 66.78 1.85 -1.45
N PHE B 1193 66.52 2.74 -0.51
CA PHE B 1193 67.15 2.72 0.80
C PHE B 1193 66.48 1.77 1.78
N LEU B 1194 65.45 1.05 1.34
CA LEU B 1194 64.71 0.19 2.26
C LEU B 1194 65.59 -0.93 2.80
N ASN B 1195 66.12 -1.76 1.91
CA ASN B 1195 66.95 -2.87 2.34
C ASN B 1195 68.31 -2.36 2.79
N ASP B 1196 69.05 -1.72 1.89
CA ASP B 1196 70.31 -1.12 2.26
C ASP B 1196 70.24 0.39 2.15
N SER B 1197 70.63 1.07 3.21
CA SER B 1197 70.59 2.53 3.26
C SER B 1197 71.80 3.17 2.60
N LYS B 1198 72.73 2.36 2.08
CA LYS B 1198 73.91 2.91 1.42
C LYS B 1198 73.53 3.73 0.19
N LEU B 1199 72.43 3.36 -0.46
CA LEU B 1199 71.99 4.06 -1.67
C LEU B 1199 71.07 5.21 -1.28
N GLU B 1200 71.56 6.43 -1.45
CA GLU B 1200 70.81 7.65 -1.15
C GLU B 1200 70.86 8.57 -2.36
N PRO B 1201 70.14 8.24 -3.42
CA PRO B 1201 70.24 9.03 -4.66
C PRO B 1201 69.81 10.47 -4.45
N ASP B 1202 70.47 11.37 -5.16
CA ASP B 1202 70.09 12.78 -5.17
C ASP B 1202 69.09 13.01 -6.29
N VAL B 1203 67.90 13.47 -5.93
CA VAL B 1203 66.82 13.71 -6.89
C VAL B 1203 66.30 15.12 -6.66
N ARG B 1204 66.44 15.99 -7.66
CA ARG B 1204 66.02 17.37 -7.54
C ARG B 1204 65.59 17.88 -8.91
N TYR B 1205 64.85 18.97 -8.89
CA TYR B 1205 64.62 19.72 -10.11
C TYR B 1205 65.85 20.55 -10.45
N PRO B 1206 66.09 20.82 -11.73
CA PRO B 1206 67.09 21.82 -12.09
C PRO B 1206 66.64 23.21 -11.67
N VAL B 1207 67.61 24.07 -11.38
CA VAL B 1207 67.28 25.46 -11.12
C VAL B 1207 67.13 26.21 -12.45
N LEU B 1208 66.40 27.32 -12.42
CA LEU B 1208 66.18 28.08 -13.65
C LEU B 1208 67.49 28.65 -14.18
N ASN B 1209 68.36 29.12 -13.29
CA ASN B 1209 69.63 29.71 -13.69
C ASN B 1209 70.68 29.51 -12.61
N TYR B 1210 73.25 21.40 -14.74
CA TYR B 1210 71.93 20.99 -14.29
C TYR B 1210 70.98 22.16 -14.11
N THR B 1211 70.66 22.85 -15.20
CA THR B 1211 69.74 23.97 -15.17
C THR B 1211 68.84 23.92 -16.39
N TYR B 1212 67.71 24.62 -16.30
CA TYR B 1212 66.92 24.90 -17.48
C TYR B 1212 67.65 25.90 -18.37
N LYS B 1213 67.16 26.05 -19.59
CA LYS B 1213 67.74 26.77 -20.74
C LYS B 1213 69.06 26.12 -21.13
N LYS B 1214 69.47 25.11 -20.36
CA LYS B 1214 70.52 24.16 -20.74
C LYS B 1214 69.95 22.79 -21.03
N LEU B 1215 69.16 22.25 -20.10
CA LEU B 1215 68.38 21.05 -20.37
C LEU B 1215 67.11 21.36 -21.15
N GLY B 1216 66.70 22.61 -21.22
CA GLY B 1216 65.49 22.98 -21.91
C GLY B 1216 65.74 23.51 -23.30
N ASP B 1217 66.99 23.89 -23.59
CA ASP B 1217 67.33 24.39 -24.90
C ASP B 1217 67.23 23.27 -25.94
N LYS B 1218 66.83 23.65 -27.17
CA LYS B 1218 66.79 22.69 -28.26
C LYS B 1218 68.18 22.10 -28.50
N ASP B 1219 69.20 22.95 -28.51
CA ASP B 1219 70.57 22.50 -28.57
C ASP B 1219 70.99 21.91 -27.23
N ASN B 1220 71.99 21.04 -27.29
CA ASN B 1220 72.60 20.39 -26.14
C ASN B 1220 71.68 19.35 -25.53
N LEU B 1221 70.43 19.31 -25.98
CA LEU B 1221 69.50 18.25 -25.60
C LEU B 1221 68.41 18.13 -26.66
N PRO B 1222 68.45 17.10 -27.50
CA PRO B 1222 67.35 16.90 -28.45
C PRO B 1222 66.03 16.64 -27.73
N TYR B 1223 64.94 17.06 -28.38
CA TYR B 1223 63.62 16.86 -27.79
C TYR B 1223 63.32 15.38 -27.57
N LYS B 1224 63.68 14.55 -28.55
CA LYS B 1224 63.46 13.11 -28.41
C LYS B 1224 64.26 12.54 -27.25
N THR B 1225 65.50 13.01 -27.08
CA THR B 1225 66.28 12.58 -25.92
C THR B 1225 65.60 13.03 -24.62
N ARG B 1226 65.05 14.24 -24.63
CA ARG B 1226 64.36 14.73 -23.44
C ARG B 1226 63.18 13.84 -23.08
N VAL B 1227 62.37 13.48 -24.08
CA VAL B 1227 61.19 12.68 -23.77
C VAL B 1227 61.58 11.26 -23.39
N LYS B 1228 62.67 10.74 -23.97
CA LYS B 1228 63.17 9.44 -23.53
C LYS B 1228 63.63 9.49 -22.07
N GLY B 1229 64.37 10.53 -21.70
CA GLY B 1229 64.79 10.66 -20.32
C GLY B 1229 63.62 10.80 -19.37
N LEU B 1230 62.59 11.54 -19.78
CA LEU B 1230 61.39 11.65 -18.96
C LEU B 1230 60.68 10.31 -18.83
N THR B 1231 60.67 9.51 -19.90
CA THR B 1231 59.98 8.24 -19.90
C THR B 1231 60.83 7.08 -19.41
N THR B 1232 62.11 7.31 -19.13
CA THR B 1232 62.98 6.26 -18.66
C THR B 1232 63.11 6.35 -17.14
N PRO B 1233 62.58 5.41 -16.38
CA PRO B 1233 62.69 5.48 -14.93
C PRO B 1233 64.14 5.46 -14.48
N TRP B 1234 64.45 6.27 -13.48
CA TRP B 1234 65.76 6.29 -12.82
C TRP B 1234 66.89 6.61 -13.78
N SER B 1235 66.57 7.33 -14.85
CA SER B 1235 67.63 7.74 -15.77
C SER B 1235 68.33 8.98 -15.23
N PRO B 1236 69.64 8.95 -15.08
CA PRO B 1236 70.36 10.14 -14.57
C PRO B 1236 70.15 11.33 -15.49
N TRP B 1237 70.07 12.51 -14.89
CA TRP B 1237 69.81 13.74 -15.63
C TRP B 1237 70.94 14.76 -15.54
N ASN B 1238 71.70 14.79 -14.46
CA ASN B 1238 72.86 15.68 -14.41
C ASN B 1238 73.88 15.32 -15.48
N PRO B 1239 74.28 14.06 -15.66
CA PRO B 1239 75.03 13.70 -16.88
C PRO B 1239 74.14 13.35 -18.06
N PHE B 1240 72.88 12.99 -17.81
CA PHE B 1240 71.92 12.63 -18.87
C PHE B 1240 72.45 11.46 -19.70
N GLN B 1241 72.78 10.35 -19.03
CA GLN B 1241 73.29 9.19 -19.76
C GLN B 1241 72.17 8.43 -20.44
N VAL B 1242 70.99 8.40 -19.85
CA VAL B 1242 69.84 7.65 -20.36
C VAL B 1242 70.20 6.19 -20.59
#